data_6YWB
# 
_entry.id   6YWB 
# 
_audit_conform.dict_name       mmcif_pdbx.dic 
_audit_conform.dict_version    5.383 
_audit_conform.dict_location   http://mmcif.pdb.org/dictionaries/ascii/mmcif_pdbx.dic 
# 
loop_
_database_2.database_id 
_database_2.database_code 
_database_2.pdbx_database_accession 
_database_2.pdbx_DOI 
PDB   6YWB         pdb_00006ywb 10.2210/pdb6ywb/pdb 
WWPDB D_1292108384 ?            ?                   
# 
loop_
_pdbx_audit_revision_history.ordinal 
_pdbx_audit_revision_history.data_content_type 
_pdbx_audit_revision_history.major_revision 
_pdbx_audit_revision_history.minor_revision 
_pdbx_audit_revision_history.revision_date 
1 'Structure model' 1 0 2021-05-12 
2 'Structure model' 1 1 2024-01-24 
# 
_pdbx_audit_revision_details.ordinal             1 
_pdbx_audit_revision_details.revision_ordinal    1 
_pdbx_audit_revision_details.data_content_type   'Structure model' 
_pdbx_audit_revision_details.provider            repository 
_pdbx_audit_revision_details.type                'Initial release' 
_pdbx_audit_revision_details.description         ? 
_pdbx_audit_revision_details.details             ? 
# 
loop_
_pdbx_audit_revision_group.ordinal 
_pdbx_audit_revision_group.revision_ordinal 
_pdbx_audit_revision_group.data_content_type 
_pdbx_audit_revision_group.group 
1 2 'Structure model' 'Data collection'        
2 2 'Structure model' 'Database references'    
3 2 'Structure model' 'Derived calculations'   
4 2 'Structure model' 'Refinement description' 
# 
loop_
_pdbx_audit_revision_category.ordinal 
_pdbx_audit_revision_category.revision_ordinal 
_pdbx_audit_revision_category.data_content_type 
_pdbx_audit_revision_category.category 
1 2 'Structure model' chem_comp_atom                
2 2 'Structure model' chem_comp_bond                
3 2 'Structure model' database_2                    
4 2 'Structure model' pdbx_initial_refinement_model 
5 2 'Structure model' pdbx_struct_oper_list         
# 
loop_
_pdbx_audit_revision_item.ordinal 
_pdbx_audit_revision_item.revision_ordinal 
_pdbx_audit_revision_item.data_content_type 
_pdbx_audit_revision_item.item 
1 2 'Structure model' '_database_2.pdbx_DOI'                      
2 2 'Structure model' '_database_2.pdbx_database_accession'       
3 2 'Structure model' '_pdbx_struct_oper_list.name'               
4 2 'Structure model' '_pdbx_struct_oper_list.symmetry_operation' 
# 
_pdbx_database_status.status_code                     REL 
_pdbx_database_status.status_code_sf                  REL 
_pdbx_database_status.status_code_mr                  ? 
_pdbx_database_status.entry_id                        6YWB 
_pdbx_database_status.recvd_initial_deposition_date   2020-04-29 
_pdbx_database_status.SG_entry                        N 
_pdbx_database_status.deposit_site                    PDBE 
_pdbx_database_status.process_site                    PDBE 
_pdbx_database_status.status_code_cs                  ? 
_pdbx_database_status.status_code_nmr_data            ? 
_pdbx_database_status.methods_development_category    ? 
_pdbx_database_status.pdb_format_compatible           Y 
# 
loop_
_audit_author.name 
_audit_author.pdbx_ordinal 
_audit_author.identifier_ORCID 
'Boura, E.' 1 0000-0002-9652-4065 
'Smola, M.' 2 0000-0002-4611-739X 
# 
_citation.abstract                  ? 
_citation.abstract_id_CAS           ? 
_citation.book_id_ISBN              ? 
_citation.book_publisher            ? 
_citation.book_publisher_city       ? 
_citation.book_title                ? 
_citation.coordinate_linkage        ? 
_citation.country                   ? 
_citation.database_id_Medline       ? 
_citation.details                   ? 
_citation.id                        primary 
_citation.journal_abbrev            'To Be Published' 
_citation.journal_id_ASTM           ? 
_citation.journal_id_CSD            0353 
_citation.journal_id_ISSN           ? 
_citation.journal_full              ? 
_citation.journal_issue             ? 
_citation.journal_volume            ? 
_citation.language                  ? 
_citation.page_first                ? 
_citation.page_last                 ? 
_citation.title                     
;Human wtSTING in complex with 3',3'-c-[2'FdAMP-2'FdAM(PS)]
;
_citation.year                      ? 
_citation.database_id_CSD           ? 
_citation.pdbx_database_id_DOI      ? 
_citation.pdbx_database_id_PubMed   ? 
_citation.unpublished_flag          ? 
# 
loop_
_citation_author.citation_id 
_citation_author.name 
_citation_author.ordinal 
_citation_author.identifier_ORCID 
primary 'Boura, E.' 1 0000-0002-9652-4065 
primary 'Smola, M.' 2 0000-0002-4611-739X 
# 
loop_
_entity.id 
_entity.type 
_entity.src_method 
_entity.pdbx_description 
_entity.formula_weight 
_entity.pdbx_number_of_molecules 
_entity.pdbx_ec 
_entity.pdbx_mutation 
_entity.pdbx_fragment 
_entity.details 
1 polymer     man 'Stimulator of interferon protein' 23189.064 1  ? ? ? ? 
2 non-polymer syn "3',3'-c-[2'FdAMP-2'FdAM(PS)]"     680.475   1  ? ? ? ? 
3 water       nat water                              18.015    36 ? ? ? ? 
# 
_entity_poly.entity_id                      1 
_entity_poly.type                           'polypeptide(L)' 
_entity_poly.nstd_linkage                   no 
_entity_poly.nstd_monomer                   no 
_entity_poly.pdbx_seq_one_letter_code       
;APAEISAVCEKGNFNVAHGLAWSYYIGYLRLILPELQARIRTYNQHYNNLLRGAVSQRLYILLPLDCGVPDNLSMADPNI
RFLDKLPQQTGDRAGIKDRVYSNSIYELLENGQRAGTCVLEYATPLQTLFAMSQYSQAGFSREDRLEQAKLFCRTLEDIL
ADAPESQNNCRLIAYQEPADDSSFSLSQEVLRHLRQEEKEEVTV
;
_entity_poly.pdbx_seq_one_letter_code_can   
;APAEISAVCEKGNFNVAHGLAWSYYIGYLRLILPELQARIRTYNQHYNNLLRGAVSQRLYILLPLDCGVPDNLSMADPNI
RFLDKLPQQTGDRAGIKDRVYSNSIYELLENGQRAGTCVLEYATPLQTLFAMSQYSQAGFSREDRLEQAKLFCRTLEDIL
ADAPESQNNCRLIAYQEPADDSSFSLSQEVLRHLRQEEKEEVTV
;
_entity_poly.pdbx_strand_id                 A 
_entity_poly.pdbx_target_identifier         ? 
# 
loop_
_pdbx_entity_nonpoly.entity_id 
_pdbx_entity_nonpoly.name 
_pdbx_entity_nonpoly.comp_id 
2 "3',3'-c-[2'FdAMP-2'FdAM(PS)]" PWB 
3 water                          HOH 
# 
loop_
_entity_poly_seq.entity_id 
_entity_poly_seq.num 
_entity_poly_seq.mon_id 
_entity_poly_seq.hetero 
1 1   ALA n 
1 2   PRO n 
1 3   ALA n 
1 4   GLU n 
1 5   ILE n 
1 6   SER n 
1 7   ALA n 
1 8   VAL n 
1 9   CYS n 
1 10  GLU n 
1 11  LYS n 
1 12  GLY n 
1 13  ASN n 
1 14  PHE n 
1 15  ASN n 
1 16  VAL n 
1 17  ALA n 
1 18  HIS n 
1 19  GLY n 
1 20  LEU n 
1 21  ALA n 
1 22  TRP n 
1 23  SER n 
1 24  TYR n 
1 25  TYR n 
1 26  ILE n 
1 27  GLY n 
1 28  TYR n 
1 29  LEU n 
1 30  ARG n 
1 31  LEU n 
1 32  ILE n 
1 33  LEU n 
1 34  PRO n 
1 35  GLU n 
1 36  LEU n 
1 37  GLN n 
1 38  ALA n 
1 39  ARG n 
1 40  ILE n 
1 41  ARG n 
1 42  THR n 
1 43  TYR n 
1 44  ASN n 
1 45  GLN n 
1 46  HIS n 
1 47  TYR n 
1 48  ASN n 
1 49  ASN n 
1 50  LEU n 
1 51  LEU n 
1 52  ARG n 
1 53  GLY n 
1 54  ALA n 
1 55  VAL n 
1 56  SER n 
1 57  GLN n 
1 58  ARG n 
1 59  LEU n 
1 60  TYR n 
1 61  ILE n 
1 62  LEU n 
1 63  LEU n 
1 64  PRO n 
1 65  LEU n 
1 66  ASP n 
1 67  CYS n 
1 68  GLY n 
1 69  VAL n 
1 70  PRO n 
1 71  ASP n 
1 72  ASN n 
1 73  LEU n 
1 74  SER n 
1 75  MET n 
1 76  ALA n 
1 77  ASP n 
1 78  PRO n 
1 79  ASN n 
1 80  ILE n 
1 81  ARG n 
1 82  PHE n 
1 83  LEU n 
1 84  ASP n 
1 85  LYS n 
1 86  LEU n 
1 87  PRO n 
1 88  GLN n 
1 89  GLN n 
1 90  THR n 
1 91  GLY n 
1 92  ASP n 
1 93  ARG n 
1 94  ALA n 
1 95  GLY n 
1 96  ILE n 
1 97  LYS n 
1 98  ASP n 
1 99  ARG n 
1 100 VAL n 
1 101 TYR n 
1 102 SER n 
1 103 ASN n 
1 104 SER n 
1 105 ILE n 
1 106 TYR n 
1 107 GLU n 
1 108 LEU n 
1 109 LEU n 
1 110 GLU n 
1 111 ASN n 
1 112 GLY n 
1 113 GLN n 
1 114 ARG n 
1 115 ALA n 
1 116 GLY n 
1 117 THR n 
1 118 CYS n 
1 119 VAL n 
1 120 LEU n 
1 121 GLU n 
1 122 TYR n 
1 123 ALA n 
1 124 THR n 
1 125 PRO n 
1 126 LEU n 
1 127 GLN n 
1 128 THR n 
1 129 LEU n 
1 130 PHE n 
1 131 ALA n 
1 132 MET n 
1 133 SER n 
1 134 GLN n 
1 135 TYR n 
1 136 SER n 
1 137 GLN n 
1 138 ALA n 
1 139 GLY n 
1 140 PHE n 
1 141 SER n 
1 142 ARG n 
1 143 GLU n 
1 144 ASP n 
1 145 ARG n 
1 146 LEU n 
1 147 GLU n 
1 148 GLN n 
1 149 ALA n 
1 150 LYS n 
1 151 LEU n 
1 152 PHE n 
1 153 CYS n 
1 154 ARG n 
1 155 THR n 
1 156 LEU n 
1 157 GLU n 
1 158 ASP n 
1 159 ILE n 
1 160 LEU n 
1 161 ALA n 
1 162 ASP n 
1 163 ALA n 
1 164 PRO n 
1 165 GLU n 
1 166 SER n 
1 167 GLN n 
1 168 ASN n 
1 169 ASN n 
1 170 CYS n 
1 171 ARG n 
1 172 LEU n 
1 173 ILE n 
1 174 ALA n 
1 175 TYR n 
1 176 GLN n 
1 177 GLU n 
1 178 PRO n 
1 179 ALA n 
1 180 ASP n 
1 181 ASP n 
1 182 SER n 
1 183 SER n 
1 184 PHE n 
1 185 SER n 
1 186 LEU n 
1 187 SER n 
1 188 GLN n 
1 189 GLU n 
1 190 VAL n 
1 191 LEU n 
1 192 ARG n 
1 193 HIS n 
1 194 LEU n 
1 195 ARG n 
1 196 GLN n 
1 197 GLU n 
1 198 GLU n 
1 199 LYS n 
1 200 GLU n 
1 201 GLU n 
1 202 VAL n 
1 203 THR n 
1 204 VAL n 
# 
_entity_src_gen.entity_id                          1 
_entity_src_gen.pdbx_src_id                        1 
_entity_src_gen.pdbx_alt_source_flag               sample 
_entity_src_gen.pdbx_seq_type                      'Biological sequence' 
_entity_src_gen.pdbx_beg_seq_num                   1 
_entity_src_gen.pdbx_end_seq_num                   204 
_entity_src_gen.gene_src_common_name               Human 
_entity_src_gen.gene_src_genus                     ? 
_entity_src_gen.pdbx_gene_src_gene                 'STING, LOC340061, hCG_1782396' 
_entity_src_gen.gene_src_species                   ? 
_entity_src_gen.gene_src_strain                    ? 
_entity_src_gen.gene_src_tissue                    ? 
_entity_src_gen.gene_src_tissue_fraction           ? 
_entity_src_gen.gene_src_details                   ? 
_entity_src_gen.pdbx_gene_src_fragment             ? 
_entity_src_gen.pdbx_gene_src_scientific_name      'Homo sapiens' 
_entity_src_gen.pdbx_gene_src_ncbi_taxonomy_id     9606 
_entity_src_gen.pdbx_gene_src_variant              ? 
_entity_src_gen.pdbx_gene_src_cell_line            ? 
_entity_src_gen.pdbx_gene_src_atcc                 ? 
_entity_src_gen.pdbx_gene_src_organ                ? 
_entity_src_gen.pdbx_gene_src_organelle            ? 
_entity_src_gen.pdbx_gene_src_cell                 ? 
_entity_src_gen.pdbx_gene_src_cellular_location    ? 
_entity_src_gen.host_org_common_name               ? 
_entity_src_gen.pdbx_host_org_scientific_name      'Escherichia coli' 
_entity_src_gen.pdbx_host_org_ncbi_taxonomy_id     562 
_entity_src_gen.host_org_genus                     ? 
_entity_src_gen.pdbx_host_org_gene                 ? 
_entity_src_gen.pdbx_host_org_organ                ? 
_entity_src_gen.host_org_species                   ? 
_entity_src_gen.pdbx_host_org_tissue               ? 
_entity_src_gen.pdbx_host_org_tissue_fraction      ? 
_entity_src_gen.pdbx_host_org_strain               ? 
_entity_src_gen.pdbx_host_org_variant              ? 
_entity_src_gen.pdbx_host_org_cell_line            ? 
_entity_src_gen.pdbx_host_org_atcc                 ? 
_entity_src_gen.pdbx_host_org_culture_collection   ? 
_entity_src_gen.pdbx_host_org_cell                 ? 
_entity_src_gen.pdbx_host_org_organelle            ? 
_entity_src_gen.pdbx_host_org_cellular_location    ? 
_entity_src_gen.pdbx_host_org_vector_type          ? 
_entity_src_gen.pdbx_host_org_vector               ? 
_entity_src_gen.host_org_details                   ? 
_entity_src_gen.expression_system_id               ? 
_entity_src_gen.plasmid_name                       ? 
_entity_src_gen.plasmid_details                    ? 
_entity_src_gen.pdbx_description                   ? 
# 
loop_
_chem_comp.id 
_chem_comp.type 
_chem_comp.mon_nstd_flag 
_chem_comp.name 
_chem_comp.pdbx_synonyms 
_chem_comp.formula 
_chem_comp.formula_weight 
ALA 'L-peptide linking' y ALANINE                        ? 'C3 H7 N O2'               89.093  
ARG 'L-peptide linking' y ARGININE                       ? 'C6 H15 N4 O2 1'           175.209 
ASN 'L-peptide linking' y ASPARAGINE                     ? 'C4 H8 N2 O3'              132.118 
ASP 'L-peptide linking' y 'ASPARTIC ACID'                ? 'C4 H7 N O4'               133.103 
CYS 'L-peptide linking' y CYSTEINE                       ? 'C3 H7 N O2 S'             121.158 
GLN 'L-peptide linking' y GLUTAMINE                      ? 'C5 H10 N2 O3'             146.144 
GLU 'L-peptide linking' y 'GLUTAMIC ACID'                ? 'C5 H9 N O4'               147.129 
GLY 'peptide linking'   y GLYCINE                        ? 'C2 H5 N O2'               75.067  
HIS 'L-peptide linking' y HISTIDINE                      ? 'C6 H10 N3 O2 1'           156.162 
HOH non-polymer         . WATER                          ? 'H2 O'                     18.015  
ILE 'L-peptide linking' y ISOLEUCINE                     ? 'C6 H13 N O2'              131.173 
LEU 'L-peptide linking' y LEUCINE                        ? 'C6 H13 N O2'              131.173 
LYS 'L-peptide linking' y LYSINE                         ? 'C6 H15 N2 O2 1'           147.195 
MET 'L-peptide linking' y METHIONINE                     ? 'C5 H11 N O2 S'            149.211 
PHE 'L-peptide linking' y PHENYLALANINE                  ? 'C9 H11 N O2'              165.189 
PRO 'L-peptide linking' y PROLINE                        ? 'C5 H9 N O2'               115.130 
PWB non-polymer         . "3',3'-c-[2'FdAMP-2'FdAM(PS)]" 
;9-[(1~{R},6~{R},8~{R},9~{R},10~{R},12~{R},15~{R},17~{R},18~{R})-17-(6-aminopurin-9-yl)-9,18-bis(fluoranyl)-3-oxidanyl-3,12-bis(oxidanylidene)-12-sulfanyl-2,4,7,11,13,16-hexaoxa-3$l^{5},12$l^{5}-diphosphatricyclo[13.3.0.0^{6,10}]octadecan-8-yl]purin-6-amine
;
'C20 H24 F2 N10 O9 P2 S 2' 680.475 
SER 'L-peptide linking' y SERINE                         ? 'C3 H7 N O3'               105.093 
THR 'L-peptide linking' y THREONINE                      ? 'C4 H9 N O3'               119.119 
TRP 'L-peptide linking' y TRYPTOPHAN                     ? 'C11 H12 N2 O2'            204.225 
TYR 'L-peptide linking' y TYROSINE                       ? 'C9 H11 N O3'              181.189 
VAL 'L-peptide linking' y VALINE                         ? 'C5 H11 N O2'              117.146 
# 
loop_
_pdbx_poly_seq_scheme.asym_id 
_pdbx_poly_seq_scheme.entity_id 
_pdbx_poly_seq_scheme.seq_id 
_pdbx_poly_seq_scheme.mon_id 
_pdbx_poly_seq_scheme.ndb_seq_num 
_pdbx_poly_seq_scheme.pdb_seq_num 
_pdbx_poly_seq_scheme.auth_seq_num 
_pdbx_poly_seq_scheme.pdb_mon_id 
_pdbx_poly_seq_scheme.auth_mon_id 
_pdbx_poly_seq_scheme.pdb_strand_id 
_pdbx_poly_seq_scheme.pdb_ins_code 
_pdbx_poly_seq_scheme.hetero 
A 1 1   ALA 1   140 ?   ?   ?   A . n 
A 1 2   PRO 2   141 ?   ?   ?   A . n 
A 1 3   ALA 3   142 ?   ?   ?   A . n 
A 1 4   GLU 4   143 ?   ?   ?   A . n 
A 1 5   ILE 5   144 ?   ?   ?   A . n 
A 1 6   SER 6   145 ?   ?   ?   A . n 
A 1 7   ALA 7   146 ?   ?   ?   A . n 
A 1 8   VAL 8   147 ?   ?   ?   A . n 
A 1 9   CYS 9   148 ?   ?   ?   A . n 
A 1 10  GLU 10  149 ?   ?   ?   A . n 
A 1 11  LYS 11  150 ?   ?   ?   A . n 
A 1 12  GLY 12  151 ?   ?   ?   A . n 
A 1 13  ASN 13  152 ?   ?   ?   A . n 
A 1 14  PHE 14  153 ?   ?   ?   A . n 
A 1 15  ASN 15  154 154 ASN ASN A . n 
A 1 16  VAL 16  155 155 VAL VAL A . n 
A 1 17  ALA 17  156 156 ALA ALA A . n 
A 1 18  HIS 18  157 157 HIS HIS A . n 
A 1 19  GLY 19  158 158 GLY GLY A . n 
A 1 20  LEU 20  159 159 LEU LEU A . n 
A 1 21  ALA 21  160 160 ALA ALA A . n 
A 1 22  TRP 22  161 161 TRP TRP A . n 
A 1 23  SER 23  162 162 SER SER A . n 
A 1 24  TYR 24  163 163 TYR TYR A . n 
A 1 25  TYR 25  164 164 TYR TYR A . n 
A 1 26  ILE 26  165 165 ILE ILE A . n 
A 1 27  GLY 27  166 166 GLY GLY A . n 
A 1 28  TYR 28  167 167 TYR TYR A . n 
A 1 29  LEU 29  168 168 LEU LEU A . n 
A 1 30  ARG 30  169 169 ARG ARG A . n 
A 1 31  LEU 31  170 170 LEU LEU A . n 
A 1 32  ILE 32  171 171 ILE ILE A . n 
A 1 33  LEU 33  172 172 LEU LEU A . n 
A 1 34  PRO 34  173 173 PRO PRO A . n 
A 1 35  GLU 35  174 174 GLU GLU A . n 
A 1 36  LEU 36  175 175 LEU LEU A . n 
A 1 37  GLN 37  176 176 GLN GLN A . n 
A 1 38  ALA 38  177 177 ALA ALA A . n 
A 1 39  ARG 39  178 178 ARG ARG A . n 
A 1 40  ILE 40  179 179 ILE ILE A . n 
A 1 41  ARG 41  180 180 ARG ARG A . n 
A 1 42  THR 42  181 181 THR THR A . n 
A 1 43  TYR 43  182 182 TYR TYR A . n 
A 1 44  ASN 44  183 183 ASN ASN A . n 
A 1 45  GLN 45  184 184 GLN GLN A . n 
A 1 46  HIS 46  185 185 HIS HIS A . n 
A 1 47  TYR 47  186 ?   ?   ?   A . n 
A 1 48  ASN 48  187 ?   ?   ?   A . n 
A 1 49  ASN 49  188 ?   ?   ?   A . n 
A 1 50  LEU 50  189 ?   ?   ?   A . n 
A 1 51  LEU 51  190 ?   ?   ?   A . n 
A 1 52  ARG 52  191 ?   ?   ?   A . n 
A 1 53  GLY 53  192 ?   ?   ?   A . n 
A 1 54  ALA 54  193 193 ALA ALA A . n 
A 1 55  VAL 55  194 194 VAL VAL A . n 
A 1 56  SER 56  195 195 SER SER A . n 
A 1 57  GLN 57  196 196 GLN GLN A . n 
A 1 58  ARG 58  197 197 ARG ARG A . n 
A 1 59  LEU 59  198 198 LEU LEU A . n 
A 1 60  TYR 60  199 199 TYR TYR A . n 
A 1 61  ILE 61  200 200 ILE ILE A . n 
A 1 62  LEU 62  201 201 LEU LEU A . n 
A 1 63  LEU 63  202 202 LEU LEU A . n 
A 1 64  PRO 64  203 203 PRO PRO A . n 
A 1 65  LEU 65  204 204 LEU LEU A . n 
A 1 66  ASP 66  205 205 ASP ASP A . n 
A 1 67  CYS 67  206 206 CYS CYS A . n 
A 1 68  GLY 68  207 207 GLY GLY A . n 
A 1 69  VAL 69  208 208 VAL VAL A . n 
A 1 70  PRO 70  209 209 PRO PRO A . n 
A 1 71  ASP 71  210 210 ASP ASP A . n 
A 1 72  ASN 72  211 211 ASN ASN A . n 
A 1 73  LEU 73  212 212 LEU LEU A . n 
A 1 74  SER 74  213 213 SER SER A . n 
A 1 75  MET 75  214 214 MET MET A . n 
A 1 76  ALA 76  215 215 ALA ALA A . n 
A 1 77  ASP 77  216 216 ASP ASP A . n 
A 1 78  PRO 78  217 217 PRO PRO A . n 
A 1 79  ASN 79  218 218 ASN ASN A . n 
A 1 80  ILE 80  219 219 ILE ILE A . n 
A 1 81  ARG 81  220 220 ARG ARG A . n 
A 1 82  PHE 82  221 221 PHE PHE A . n 
A 1 83  LEU 83  222 222 LEU LEU A . n 
A 1 84  ASP 84  223 223 ASP ASP A . n 
A 1 85  LYS 85  224 224 LYS LYS A . n 
A 1 86  LEU 86  225 225 LEU LEU A . n 
A 1 87  PRO 87  226 226 PRO PRO A . n 
A 1 88  GLN 88  227 227 GLN GLN A . n 
A 1 89  GLN 89  228 228 GLN GLN A . n 
A 1 90  THR 90  229 229 THR THR A . n 
A 1 91  GLY 91  230 230 GLY GLY A . n 
A 1 92  ASP 92  231 231 ASP ASP A . n 
A 1 93  ARG 93  232 232 ARG ARG A . n 
A 1 94  ALA 94  233 233 ALA ALA A . n 
A 1 95  GLY 95  234 234 GLY GLY A . n 
A 1 96  ILE 96  235 235 ILE ILE A . n 
A 1 97  LYS 97  236 236 LYS LYS A . n 
A 1 98  ASP 98  237 237 ASP ASP A . n 
A 1 99  ARG 99  238 238 ARG ARG A . n 
A 1 100 VAL 100 239 239 VAL VAL A . n 
A 1 101 TYR 101 240 240 TYR TYR A . n 
A 1 102 SER 102 241 241 SER SER A . n 
A 1 103 ASN 103 242 242 ASN ASN A . n 
A 1 104 SER 104 243 243 SER SER A . n 
A 1 105 ILE 105 244 244 ILE ILE A . n 
A 1 106 TYR 106 245 245 TYR TYR A . n 
A 1 107 GLU 107 246 246 GLU GLU A . n 
A 1 108 LEU 108 247 247 LEU LEU A . n 
A 1 109 LEU 109 248 248 LEU LEU A . n 
A 1 110 GLU 110 249 249 GLU GLU A . n 
A 1 111 ASN 111 250 250 ASN ASN A . n 
A 1 112 GLY 112 251 251 GLY GLY A . n 
A 1 113 GLN 113 252 252 GLN GLN A . n 
A 1 114 ARG 114 253 253 ARG ARG A . n 
A 1 115 ALA 115 254 254 ALA ALA A . n 
A 1 116 GLY 116 255 255 GLY GLY A . n 
A 1 117 THR 117 256 256 THR THR A . n 
A 1 118 CYS 118 257 257 CYS CYS A . n 
A 1 119 VAL 119 258 258 VAL VAL A . n 
A 1 120 LEU 120 259 259 LEU LEU A . n 
A 1 121 GLU 121 260 260 GLU GLU A . n 
A 1 122 TYR 122 261 261 TYR TYR A . n 
A 1 123 ALA 123 262 262 ALA ALA A . n 
A 1 124 THR 124 263 263 THR THR A . n 
A 1 125 PRO 125 264 264 PRO PRO A . n 
A 1 126 LEU 126 265 265 LEU LEU A . n 
A 1 127 GLN 127 266 266 GLN GLN A . n 
A 1 128 THR 128 267 267 THR THR A . n 
A 1 129 LEU 129 268 268 LEU LEU A . n 
A 1 130 PHE 130 269 269 PHE PHE A . n 
A 1 131 ALA 131 270 270 ALA ALA A . n 
A 1 132 MET 132 271 271 MET MET A . n 
A 1 133 SER 133 272 272 SER SER A . n 
A 1 134 GLN 134 273 273 GLN GLN A . n 
A 1 135 TYR 135 274 274 TYR TYR A . n 
A 1 136 SER 136 275 275 SER SER A . n 
A 1 137 GLN 137 276 276 GLN GLN A . n 
A 1 138 ALA 138 277 277 ALA ALA A . n 
A 1 139 GLY 139 278 278 GLY GLY A . n 
A 1 140 PHE 140 279 279 PHE PHE A . n 
A 1 141 SER 141 280 280 SER SER A . n 
A 1 142 ARG 142 281 281 ARG ARG A . n 
A 1 143 GLU 143 282 282 GLU GLU A . n 
A 1 144 ASP 144 283 283 ASP ASP A . n 
A 1 145 ARG 145 284 284 ARG ARG A . n 
A 1 146 LEU 146 285 285 LEU LEU A . n 
A 1 147 GLU 147 286 286 GLU GLU A . n 
A 1 148 GLN 148 287 287 GLN GLN A . n 
A 1 149 ALA 149 288 288 ALA ALA A . n 
A 1 150 LYS 150 289 289 LYS LYS A . n 
A 1 151 LEU 151 290 290 LEU LEU A . n 
A 1 152 PHE 152 291 291 PHE PHE A . n 
A 1 153 CYS 153 292 292 CYS CYS A . n 
A 1 154 ARG 154 293 293 ARG ARG A . n 
A 1 155 THR 155 294 294 THR THR A . n 
A 1 156 LEU 156 295 295 LEU LEU A . n 
A 1 157 GLU 157 296 296 GLU GLU A . n 
A 1 158 ASP 158 297 297 ASP ASP A . n 
A 1 159 ILE 159 298 298 ILE ILE A . n 
A 1 160 LEU 160 299 299 LEU LEU A . n 
A 1 161 ALA 161 300 300 ALA ALA A . n 
A 1 162 ASP 162 301 301 ASP ASP A . n 
A 1 163 ALA 163 302 302 ALA ALA A . n 
A 1 164 PRO 164 303 303 PRO PRO A . n 
A 1 165 GLU 165 304 304 GLU GLU A . n 
A 1 166 SER 166 305 305 SER SER A . n 
A 1 167 GLN 167 306 306 GLN GLN A . n 
A 1 168 ASN 168 307 307 ASN ASN A . n 
A 1 169 ASN 169 308 308 ASN ASN A . n 
A 1 170 CYS 170 309 309 CYS CYS A . n 
A 1 171 ARG 171 310 310 ARG ARG A . n 
A 1 172 LEU 172 311 311 LEU LEU A . n 
A 1 173 ILE 173 312 312 ILE ILE A . n 
A 1 174 ALA 174 313 313 ALA ALA A . n 
A 1 175 TYR 175 314 314 TYR TYR A . n 
A 1 176 GLN 176 315 315 GLN GLN A . n 
A 1 177 GLU 177 316 316 GLU GLU A . n 
A 1 178 PRO 178 317 317 PRO PRO A . n 
A 1 179 ALA 179 318 ?   ?   ?   A . n 
A 1 180 ASP 180 319 ?   ?   ?   A . n 
A 1 181 ASP 181 320 ?   ?   ?   A . n 
A 1 182 SER 182 321 ?   ?   ?   A . n 
A 1 183 SER 183 322 ?   ?   ?   A . n 
A 1 184 PHE 184 323 323 PHE PHE A . n 
A 1 185 SER 185 324 324 SER SER A . n 
A 1 186 LEU 186 325 325 LEU LEU A . n 
A 1 187 SER 187 326 326 SER SER A . n 
A 1 188 GLN 188 327 327 GLN GLN A . n 
A 1 189 GLU 189 328 328 GLU GLU A . n 
A 1 190 VAL 190 329 329 VAL VAL A . n 
A 1 191 LEU 191 330 330 LEU LEU A . n 
A 1 192 ARG 192 331 331 ARG ARG A . n 
A 1 193 HIS 193 332 332 HIS HIS A . n 
A 1 194 LEU 194 333 333 LEU LEU A . n 
A 1 195 ARG 195 334 334 ARG ARG A . n 
A 1 196 GLN 196 335 335 GLN GLN A . n 
A 1 197 GLU 197 336 336 GLU GLU A . n 
A 1 198 GLU 198 337 ?   ?   ?   A . n 
A 1 199 LYS 199 338 ?   ?   ?   A . n 
A 1 200 GLU 200 339 ?   ?   ?   A . n 
A 1 201 GLU 201 340 ?   ?   ?   A . n 
A 1 202 VAL 202 341 ?   ?   ?   A . n 
A 1 203 THR 203 342 ?   ?   ?   A . n 
A 1 204 VAL 204 343 ?   ?   ?   A . n 
# 
loop_
_pdbx_nonpoly_scheme.asym_id 
_pdbx_nonpoly_scheme.entity_id 
_pdbx_nonpoly_scheme.mon_id 
_pdbx_nonpoly_scheme.ndb_seq_num 
_pdbx_nonpoly_scheme.pdb_seq_num 
_pdbx_nonpoly_scheme.auth_seq_num 
_pdbx_nonpoly_scheme.pdb_mon_id 
_pdbx_nonpoly_scheme.auth_mon_id 
_pdbx_nonpoly_scheme.pdb_strand_id 
_pdbx_nonpoly_scheme.pdb_ins_code 
B 2 PWB 1  401 401 PWB 95B A . 
C 3 HOH 1  501 36  HOH HOH A . 
C 3 HOH 2  502 30  HOH HOH A . 
C 3 HOH 3  503 14  HOH HOH A . 
C 3 HOH 4  504 35  HOH HOH A . 
C 3 HOH 5  505 4   HOH HOH A . 
C 3 HOH 6  506 28  HOH HOH A . 
C 3 HOH 7  507 2   HOH HOH A . 
C 3 HOH 8  508 7   HOH HOH A . 
C 3 HOH 9  509 33  HOH HOH A . 
C 3 HOH 10 510 10  HOH HOH A . 
C 3 HOH 11 511 9   HOH HOH A . 
C 3 HOH 12 512 16  HOH HOH A . 
C 3 HOH 13 513 20  HOH HOH A . 
C 3 HOH 14 514 18  HOH HOH A . 
C 3 HOH 15 515 6   HOH HOH A . 
C 3 HOH 16 516 21  HOH HOH A . 
C 3 HOH 17 517 1   HOH HOH A . 
C 3 HOH 18 518 23  HOH HOH A . 
C 3 HOH 19 519 39  HOH HOH A . 
C 3 HOH 20 520 3   HOH HOH A . 
C 3 HOH 21 521 27  HOH HOH A . 
C 3 HOH 22 522 5   HOH HOH A . 
C 3 HOH 23 523 29  HOH HOH A . 
C 3 HOH 24 524 32  HOH HOH A . 
C 3 HOH 25 525 8   HOH HOH A . 
C 3 HOH 26 526 11  HOH HOH A . 
C 3 HOH 27 527 17  HOH HOH A . 
C 3 HOH 28 528 15  HOH HOH A . 
C 3 HOH 29 529 19  HOH HOH A . 
C 3 HOH 30 530 38  HOH HOH A . 
C 3 HOH 31 531 12  HOH HOH A . 
C 3 HOH 32 532 31  HOH HOH A . 
C 3 HOH 33 533 22  HOH HOH A . 
C 3 HOH 34 534 25  HOH HOH A . 
C 3 HOH 35 535 24  HOH HOH A . 
C 3 HOH 36 536 34  HOH HOH A . 
# 
loop_
_pdbx_unobs_or_zero_occ_atoms.id 
_pdbx_unobs_or_zero_occ_atoms.PDB_model_num 
_pdbx_unobs_or_zero_occ_atoms.polymer_flag 
_pdbx_unobs_or_zero_occ_atoms.occupancy_flag 
_pdbx_unobs_or_zero_occ_atoms.auth_asym_id 
_pdbx_unobs_or_zero_occ_atoms.auth_comp_id 
_pdbx_unobs_or_zero_occ_atoms.auth_seq_id 
_pdbx_unobs_or_zero_occ_atoms.PDB_ins_code 
_pdbx_unobs_or_zero_occ_atoms.auth_atom_id 
_pdbx_unobs_or_zero_occ_atoms.label_alt_id 
_pdbx_unobs_or_zero_occ_atoms.label_asym_id 
_pdbx_unobs_or_zero_occ_atoms.label_comp_id 
_pdbx_unobs_or_zero_occ_atoms.label_seq_id 
_pdbx_unobs_or_zero_occ_atoms.label_atom_id 
1  1 Y 1 A ASN 154 ? CG  ? A ASN 15  CG  
2  1 Y 1 A ASN 154 ? OD1 ? A ASN 15  OD1 
3  1 Y 1 A ASN 154 ? ND2 ? A ASN 15  ND2 
4  1 Y 1 A GLN 176 ? CG  ? A GLN 37  CG  
5  1 Y 1 A GLN 176 ? CD  ? A GLN 37  CD  
6  1 Y 1 A GLN 176 ? OE1 ? A GLN 37  OE1 
7  1 Y 1 A GLN 176 ? NE2 ? A GLN 37  NE2 
8  1 Y 1 A ARG 180 ? CG  ? A ARG 41  CG  
9  1 Y 1 A ARG 180 ? CD  ? A ARG 41  CD  
10 1 Y 1 A ARG 180 ? NE  ? A ARG 41  NE  
11 1 Y 1 A ARG 180 ? CZ  ? A ARG 41  CZ  
12 1 Y 1 A ARG 180 ? NH1 ? A ARG 41  NH1 
13 1 Y 1 A ARG 180 ? NH2 ? A ARG 41  NH2 
14 1 Y 1 A HIS 185 ? CG  ? A HIS 46  CG  
15 1 Y 1 A HIS 185 ? ND1 ? A HIS 46  ND1 
16 1 Y 1 A HIS 185 ? CD2 ? A HIS 46  CD2 
17 1 Y 1 A HIS 185 ? CE1 ? A HIS 46  CE1 
18 1 Y 1 A HIS 185 ? NE2 ? A HIS 46  NE2 
19 1 Y 1 A MET 214 ? CG  ? A MET 75  CG  
20 1 Y 1 A MET 214 ? SD  ? A MET 75  SD  
21 1 Y 1 A MET 214 ? CE  ? A MET 75  CE  
22 1 Y 1 A ARG 281 ? CG  ? A ARG 142 CG  
23 1 Y 1 A ARG 281 ? CD  ? A ARG 142 CD  
24 1 Y 1 A ARG 281 ? NE  ? A ARG 142 NE  
25 1 Y 1 A ARG 281 ? CZ  ? A ARG 142 CZ  
26 1 Y 1 A ARG 281 ? NH1 ? A ARG 142 NH1 
27 1 Y 1 A ARG 281 ? NH2 ? A ARG 142 NH2 
28 1 Y 1 A ASN 307 ? CG  ? A ASN 168 CG  
29 1 Y 1 A ASN 307 ? OD1 ? A ASN 168 OD1 
30 1 Y 1 A ASN 307 ? ND2 ? A ASN 168 ND2 
31 1 Y 1 A GLN 335 ? CD  ? A GLN 196 CD  
32 1 Y 1 A GLN 335 ? OE1 ? A GLN 196 OE1 
33 1 Y 1 A GLN 335 ? NE2 ? A GLN 196 NE2 
34 1 Y 1 A GLU 336 ? CG  ? A GLU 197 CG  
35 1 Y 1 A GLU 336 ? CD  ? A GLU 197 CD  
36 1 Y 1 A GLU 336 ? OE1 ? A GLU 197 OE1 
37 1 Y 1 A GLU 336 ? OE2 ? A GLU 197 OE2 
# 
loop_
_software.citation_id 
_software.classification 
_software.compiler_name 
_software.compiler_version 
_software.contact_author 
_software.contact_author_email 
_software.date 
_software.description 
_software.dependencies 
_software.hardware 
_software.language 
_software.location 
_software.mods 
_software.name 
_software.os 
_software.os_version 
_software.type 
_software.version 
_software.pdbx_ordinal 
? refinement        ? ? ?                 ?                                       ?              ? ? ? ?   ? ? PHENIX      ? ? ? 
1.14_3260 1 
? 'data reduction'  ? ? 'Wolfgang Kabsch' Wolfgang.Kabsch@mpimf-heidelberg.mpg.de ?              ? ? ? ?   
http://www.mpimf-heidelberg.mpg.de/~kabsch/xds/     ? XDS         ? ? package .         2 
? 'data scaling'    ? ? 'Phil Evans'      ?                                       ?              ? ? ? ?   
http://www.mrc-lmb.cam.ac.uk/harry/pre/aimless.html ? Aimless     ? ? program .         3 
? phasing           ? ? 'Randy J. Read'   cimr-phaser@lists.cam.ac.uk             ?              ? ? ? ?   
http://www-structmed.cimr.cam.ac.uk/phaser/         ? PHASER      ? ? program .         4 
? 'data extraction' ? ? PDB               deposit@deposit.rcsb.org                'Apr. 1, 2019' ? ? ? C++ 
http://sw-tools.pdb.org/apps/PDB_EXTRACT/           ? PDB_EXTRACT ? ? package 3.25      5 
# 
_cell.angle_alpha                  90.000 
_cell.angle_alpha_esd              ? 
_cell.angle_beta                   90.000 
_cell.angle_beta_esd               ? 
_cell.angle_gamma                  90.000 
_cell.angle_gamma_esd              ? 
_cell.entry_id                     6YWB 
_cell.details                      ? 
_cell.formula_units_Z              ? 
_cell.length_a                     110.906 
_cell.length_a_esd                 ? 
_cell.length_b                     110.906 
_cell.length_b_esd                 ? 
_cell.length_c                     35.670 
_cell.length_c_esd                 ? 
_cell.volume                       ? 
_cell.volume_esd                   ? 
_cell.Z_PDB                        8 
_cell.reciprocal_angle_alpha       ? 
_cell.reciprocal_angle_beta        ? 
_cell.reciprocal_angle_gamma       ? 
_cell.reciprocal_angle_alpha_esd   ? 
_cell.reciprocal_angle_beta_esd    ? 
_cell.reciprocal_angle_gamma_esd   ? 
_cell.reciprocal_length_a          ? 
_cell.reciprocal_length_b          ? 
_cell.reciprocal_length_c          ? 
_cell.reciprocal_length_a_esd      ? 
_cell.reciprocal_length_b_esd      ? 
_cell.reciprocal_length_c_esd      ? 
_cell.pdbx_unique_axis             ? 
# 
_symmetry.entry_id                         6YWB 
_symmetry.cell_setting                     ? 
_symmetry.Int_Tables_number                92 
_symmetry.space_group_name_Hall            ? 
_symmetry.space_group_name_H-M             'P 41 21 2' 
_symmetry.pdbx_full_space_group_name_H-M   ? 
# 
_exptl.absorpt_coefficient_mu     ? 
_exptl.absorpt_correction_T_max   ? 
_exptl.absorpt_correction_T_min   ? 
_exptl.absorpt_correction_type    ? 
_exptl.absorpt_process_details    ? 
_exptl.entry_id                   6YWB 
_exptl.crystals_number            1 
_exptl.details                    ? 
_exptl.method                     'X-RAY DIFFRACTION' 
_exptl.method_details             ? 
# 
_exptl_crystal.colour                      ? 
_exptl_crystal.density_diffrn              ? 
_exptl_crystal.density_Matthews            2.37 
_exptl_crystal.density_method              ? 
_exptl_crystal.density_percent_sol         47.99 
_exptl_crystal.description                 ? 
_exptl_crystal.F_000                       ? 
_exptl_crystal.id                          1 
_exptl_crystal.preparation                 ? 
_exptl_crystal.size_max                    ? 
_exptl_crystal.size_mid                    ? 
_exptl_crystal.size_min                    ? 
_exptl_crystal.size_rad                    ? 
_exptl_crystal.colour_lustre               ? 
_exptl_crystal.colour_modifier             ? 
_exptl_crystal.colour_primary              ? 
_exptl_crystal.density_meas                ? 
_exptl_crystal.density_meas_esd            ? 
_exptl_crystal.density_meas_gt             ? 
_exptl_crystal.density_meas_lt             ? 
_exptl_crystal.density_meas_temp           ? 
_exptl_crystal.density_meas_temp_esd       ? 
_exptl_crystal.density_meas_temp_gt        ? 
_exptl_crystal.density_meas_temp_lt        ? 
_exptl_crystal.pdbx_crystal_image_url      ? 
_exptl_crystal.pdbx_crystal_image_format   ? 
_exptl_crystal.pdbx_mosaicity              ? 
_exptl_crystal.pdbx_mosaicity_esd          ? 
# 
_exptl_crystal_grow.apparatus       ? 
_exptl_crystal_grow.atmosphere      ? 
_exptl_crystal_grow.crystal_id      1 
_exptl_crystal_grow.details         ? 
_exptl_crystal_grow.method          'VAPOR DIFFUSION, SITTING DROP' 
_exptl_crystal_grow.method_ref      ? 
_exptl_crystal_grow.pH              ? 
_exptl_crystal_grow.pressure        ? 
_exptl_crystal_grow.pressure_esd    ? 
_exptl_crystal_grow.seeding         ? 
_exptl_crystal_grow.seeding_ref     ? 
_exptl_crystal_grow.temp            291 
_exptl_crystal_grow.temp_details    ? 
_exptl_crystal_grow.temp_esd        ? 
_exptl_crystal_grow.time            ? 
_exptl_crystal_grow.pdbx_details    '1.0 M Sodium/Potassium tartrate, 0.2 M Lithium sulfate, 0.1 M Tris pH 7.0' 
_exptl_crystal_grow.pdbx_pH_range   ? 
# 
_diffrn.ambient_environment              ? 
_diffrn.ambient_temp                     100 
_diffrn.ambient_temp_details             ? 
_diffrn.ambient_temp_esd                 ? 
_diffrn.crystal_id                       1 
_diffrn.crystal_support                  ? 
_diffrn.crystal_treatment                ? 
_diffrn.details                          ? 
_diffrn.id                               1 
_diffrn.ambient_pressure                 ? 
_diffrn.ambient_pressure_esd             ? 
_diffrn.ambient_pressure_gt              ? 
_diffrn.ambient_pressure_lt              ? 
_diffrn.ambient_temp_gt                  ? 
_diffrn.ambient_temp_lt                  ? 
_diffrn.pdbx_serial_crystal_experiment   N 
# 
_diffrn_detector.details                      ? 
_diffrn_detector.detector                     PIXEL 
_diffrn_detector.diffrn_id                    1 
_diffrn_detector.type                         'DECTRIS PILATUS 200K' 
_diffrn_detector.area_resol_mean              ? 
_diffrn_detector.dtime                        ? 
_diffrn_detector.pdbx_frames_total            ? 
_diffrn_detector.pdbx_collection_time_total   ? 
_diffrn_detector.pdbx_collection_date         2020-03-09 
_diffrn_detector.pdbx_frequency               ? 
# 
_diffrn_radiation.collimation                      ? 
_diffrn_radiation.diffrn_id                        1 
_diffrn_radiation.filter_edge                      ? 
_diffrn_radiation.inhomogeneity                    ? 
_diffrn_radiation.monochromator                    ? 
_diffrn_radiation.polarisn_norm                    ? 
_diffrn_radiation.polarisn_ratio                   ? 
_diffrn_radiation.probe                            ? 
_diffrn_radiation.type                             ? 
_diffrn_radiation.xray_symbol                      ? 
_diffrn_radiation.wavelength_id                    1 
_diffrn_radiation.pdbx_monochromatic_or_laue_m_l   M 
_diffrn_radiation.pdbx_wavelength_list             ? 
_diffrn_radiation.pdbx_wavelength                  ? 
_diffrn_radiation.pdbx_diffrn_protocol             'SINGLE WAVELENGTH' 
_diffrn_radiation.pdbx_analyzer                    ? 
_diffrn_radiation.pdbx_scattering_type             x-ray 
# 
_diffrn_radiation_wavelength.id           1 
_diffrn_radiation_wavelength.wavelength   1.54 
_diffrn_radiation_wavelength.wt           1.0 
# 
_diffrn_source.current                     ? 
_diffrn_source.details                     ? 
_diffrn_source.diffrn_id                   1 
_diffrn_source.power                       ? 
_diffrn_source.size                        ? 
_diffrn_source.source                      'ROTATING ANODE' 
_diffrn_source.target                      ? 
_diffrn_source.type                        'RIGAKU MICROMAX-007 HF' 
_diffrn_source.voltage                     ? 
_diffrn_source.take-off_angle              ? 
_diffrn_source.pdbx_wavelength_list        1.54 
_diffrn_source.pdbx_wavelength             ? 
_diffrn_source.pdbx_synchrotron_beamline   ? 
_diffrn_source.pdbx_synchrotron_site       ? 
# 
_reflns.B_iso_Wilson_estimate            ? 
_reflns.entry_id                         6YWB 
_reflns.data_reduction_details           ? 
_reflns.data_reduction_method            ? 
_reflns.d_resolution_high                2.503 
_reflns.d_resolution_low                 35.07 
_reflns.details                          ? 
_reflns.limit_h_max                      ? 
_reflns.limit_h_min                      ? 
_reflns.limit_k_max                      ? 
_reflns.limit_k_min                      ? 
_reflns.limit_l_max                      ? 
_reflns.limit_l_min                      ? 
_reflns.number_all                       ? 
_reflns.number_obs                       8087 
_reflns.observed_criterion               ? 
_reflns.observed_criterion_F_max         ? 
_reflns.observed_criterion_F_min         ? 
_reflns.observed_criterion_I_max         ? 
_reflns.observed_criterion_I_min         ? 
_reflns.observed_criterion_sigma_F       ? 
_reflns.observed_criterion_sigma_I       ? 
_reflns.percent_possible_obs             99.54 
_reflns.R_free_details                   ? 
_reflns.Rmerge_F_all                     ? 
_reflns.Rmerge_F_obs                     ? 
_reflns.Friedel_coverage                 ? 
_reflns.number_gt                        ? 
_reflns.threshold_expression             ? 
_reflns.pdbx_redundancy                  8.2 
_reflns.pdbx_Rmerge_I_obs                0.1618 
_reflns.pdbx_Rmerge_I_all                ? 
_reflns.pdbx_Rsym_value                  ? 
_reflns.pdbx_netI_over_av_sigmaI         ? 
_reflns.pdbx_netI_over_sigmaI            10.69 
_reflns.pdbx_res_netI_over_av_sigmaI_2   ? 
_reflns.pdbx_res_netI_over_sigmaI_2      ? 
_reflns.pdbx_chi_squared                 ? 
_reflns.pdbx_scaling_rejects             ? 
_reflns.pdbx_d_res_high_opt              ? 
_reflns.pdbx_d_res_low_opt               ? 
_reflns.pdbx_d_res_opt_method            ? 
_reflns.phase_calculation_details        ? 
_reflns.pdbx_Rrim_I_all                  ? 
_reflns.pdbx_Rpim_I_all                  0.0599 
_reflns.pdbx_d_opt                       ? 
_reflns.pdbx_number_measured_all         ? 
_reflns.pdbx_diffrn_id                   1 
_reflns.pdbx_ordinal                     1 
_reflns.pdbx_CC_half                     0.997 
_reflns.pdbx_CC_star                     ? 
_reflns.pdbx_R_split                     ? 
# 
_reflns_shell.d_res_high                  2.503 
_reflns_shell.d_res_low                   2.593 
_reflns_shell.meanI_over_sigI_all         ? 
_reflns_shell.meanI_over_sigI_obs         ? 
_reflns_shell.number_measured_all         ? 
_reflns_shell.number_measured_obs         ? 
_reflns_shell.number_possible             ? 
_reflns_shell.number_unique_all           ? 
_reflns_shell.number_unique_obs           769 
_reflns_shell.percent_possible_all        ? 
_reflns_shell.percent_possible_obs        ? 
_reflns_shell.Rmerge_F_all                ? 
_reflns_shell.Rmerge_F_obs                ? 
_reflns_shell.Rmerge_I_all                ? 
_reflns_shell.Rmerge_I_obs                1.031 
_reflns_shell.meanI_over_sigI_gt          ? 
_reflns_shell.meanI_over_uI_all           ? 
_reflns_shell.meanI_over_uI_gt            ? 
_reflns_shell.number_measured_gt          ? 
_reflns_shell.number_unique_gt            ? 
_reflns_shell.percent_possible_gt         ? 
_reflns_shell.Rmerge_F_gt                 ? 
_reflns_shell.Rmerge_I_gt                 ? 
_reflns_shell.pdbx_redundancy             ? 
_reflns_shell.pdbx_Rsym_value             ? 
_reflns_shell.pdbx_chi_squared            ? 
_reflns_shell.pdbx_netI_over_sigmaI_all   ? 
_reflns_shell.pdbx_netI_over_sigmaI_obs   ? 
_reflns_shell.pdbx_Rrim_I_all             ? 
_reflns_shell.pdbx_Rpim_I_all             0.3707 
_reflns_shell.pdbx_rejects                ? 
_reflns_shell.pdbx_ordinal                1 
_reflns_shell.pdbx_diffrn_id              1 
_reflns_shell.pdbx_CC_half                0.729 
_reflns_shell.pdbx_CC_star                ? 
_reflns_shell.pdbx_R_split                ? 
# 
_refine.aniso_B[1][1]                            ? 
_refine.aniso_B[1][2]                            ? 
_refine.aniso_B[1][3]                            ? 
_refine.aniso_B[2][2]                            ? 
_refine.aniso_B[2][3]                            ? 
_refine.aniso_B[3][3]                            ? 
_refine.B_iso_max                                94.240 
_refine.B_iso_mean                               42.8952 
_refine.B_iso_min                                14.800 
_refine.correlation_coeff_Fo_to_Fc               ? 
_refine.correlation_coeff_Fo_to_Fc_free          ? 
_refine.details                                  ? 
_refine.diff_density_max                         ? 
_refine.diff_density_max_esd                     ? 
_refine.diff_density_min                         ? 
_refine.diff_density_min_esd                     ? 
_refine.diff_density_rms                         ? 
_refine.diff_density_rms_esd                     ? 
_refine.entry_id                                 6YWB 
_refine.pdbx_refine_id                           'X-RAY DIFFRACTION' 
_refine.ls_abs_structure_details                 ? 
_refine.ls_abs_structure_Flack                   ? 
_refine.ls_abs_structure_Flack_esd               ? 
_refine.ls_abs_structure_Rogers                  ? 
_refine.ls_abs_structure_Rogers_esd              ? 
_refine.ls_d_res_high                            2.5030 
_refine.ls_d_res_low                             35.07 
_refine.ls_extinction_coef                       ? 
_refine.ls_extinction_coef_esd                   ? 
_refine.ls_extinction_expression                 ? 
_refine.ls_extinction_method                     ? 
_refine.ls_goodness_of_fit_all                   ? 
_refine.ls_goodness_of_fit_all_esd               ? 
_refine.ls_goodness_of_fit_obs                   ? 
_refine.ls_goodness_of_fit_obs_esd               ? 
_refine.ls_hydrogen_treatment                    ? 
_refine.ls_matrix_type                           ? 
_refine.ls_number_constraints                    ? 
_refine.ls_number_parameters                     ? 
_refine.ls_number_reflns_all                     ? 
_refine.ls_number_reflns_obs                     8085 
_refine.ls_number_reflns_R_free                  404 
_refine.ls_number_reflns_R_work                  ? 
_refine.ls_number_restraints                     ? 
_refine.ls_percent_reflns_obs                    99.5900 
_refine.ls_percent_reflns_R_free                 5.0000 
_refine.ls_R_factor_all                          ? 
_refine.ls_R_factor_obs                          0.2117 
_refine.ls_R_factor_R_free                       0.2563 
_refine.ls_R_factor_R_free_error                 ? 
_refine.ls_R_factor_R_free_error_details         ? 
_refine.ls_R_factor_R_work                       0.2095 
_refine.ls_R_Fsqd_factor_obs                     ? 
_refine.ls_R_I_factor_obs                        ? 
_refine.ls_redundancy_reflns_all                 ? 
_refine.ls_redundancy_reflns_obs                 ? 
_refine.ls_restrained_S_all                      ? 
_refine.ls_restrained_S_obs                      ? 
_refine.ls_shift_over_esd_max                    ? 
_refine.ls_shift_over_esd_mean                   ? 
_refine.ls_structure_factor_coef                 ? 
_refine.ls_weighting_details                     ? 
_refine.ls_weighting_scheme                      ? 
_refine.ls_wR_factor_all                         ? 
_refine.ls_wR_factor_obs                         ? 
_refine.ls_wR_factor_R_free                      ? 
_refine.ls_wR_factor_R_work                      ? 
_refine.occupancy_max                            ? 
_refine.occupancy_min                            ? 
_refine.solvent_model_details                    ? 
_refine.solvent_model_param_bsol                 ? 
_refine.solvent_model_param_ksol                 ? 
_refine.pdbx_R_complete                          ? 
_refine.ls_R_factor_gt                           ? 
_refine.ls_goodness_of_fit_gt                    ? 
_refine.ls_goodness_of_fit_ref                   ? 
_refine.ls_shift_over_su_max                     ? 
_refine.ls_shift_over_su_max_lt                  ? 
_refine.ls_shift_over_su_mean                    ? 
_refine.ls_shift_over_su_mean_lt                 ? 
_refine.pdbx_ls_sigma_I                          ? 
_refine.pdbx_ls_sigma_F                          1.340 
_refine.pdbx_ls_sigma_Fsqd                       ? 
_refine.pdbx_data_cutoff_high_absF               ? 
_refine.pdbx_data_cutoff_high_rms_absF           ? 
_refine.pdbx_data_cutoff_low_absF                ? 
_refine.pdbx_isotropic_thermal_model             ? 
_refine.pdbx_ls_cross_valid_method               THROUGHOUT 
_refine.pdbx_method_to_determine_struct          'MOLECULAR REPLACEMENT' 
_refine.pdbx_starting_model                      4KSY 
_refine.pdbx_stereochemistry_target_values       ? 
_refine.pdbx_R_Free_selection_details            ? 
_refine.pdbx_stereochem_target_val_spec_case     ? 
_refine.pdbx_overall_ESU_R                       ? 
_refine.pdbx_overall_ESU_R_Free                  ? 
_refine.pdbx_solvent_vdw_probe_radii             1.1100 
_refine.pdbx_solvent_ion_probe_radii             ? 
_refine.pdbx_solvent_shrinkage_radii             0.9000 
_refine.pdbx_real_space_R                        ? 
_refine.pdbx_density_correlation                 ? 
_refine.pdbx_pd_number_of_powder_patterns        ? 
_refine.pdbx_pd_number_of_points                 ? 
_refine.pdbx_pd_meas_number_of_points            ? 
_refine.pdbx_pd_proc_ls_prof_R_factor            ? 
_refine.pdbx_pd_proc_ls_prof_wR_factor           ? 
_refine.pdbx_pd_Marquardt_correlation_coeff      ? 
_refine.pdbx_pd_Fsqrd_R_factor                   ? 
_refine.pdbx_pd_ls_matrix_band_width             ? 
_refine.pdbx_overall_phase_error                 22.7700 
_refine.pdbx_overall_SU_R_free_Cruickshank_DPI   ? 
_refine.pdbx_overall_SU_R_free_Blow_DPI          ? 
_refine.pdbx_overall_SU_R_Blow_DPI               ? 
_refine.pdbx_TLS_residual_ADP_flag               ? 
_refine.pdbx_diffrn_id                           1 
_refine.overall_SU_B                             ? 
_refine.overall_SU_ML                            0.1800 
_refine.overall_SU_R_Cruickshank_DPI             ? 
_refine.overall_SU_R_free                        ? 
_refine.overall_FOM_free_R_set                   ? 
_refine.overall_FOM_work_R_set                   ? 
_refine.pdbx_average_fsc_overall                 ? 
_refine.pdbx_average_fsc_work                    ? 
_refine.pdbx_average_fsc_free                    ? 
# 
_refine_hist.pdbx_refine_id                   'X-RAY DIFFRACTION' 
_refine_hist.cycle_id                         final 
_refine_hist.details                          ? 
_refine_hist.d_res_high                       2.5030 
_refine_hist.d_res_low                        35.07 
_refine_hist.number_atoms_solvent             36 
_refine_hist.number_atoms_total               1424 
_refine_hist.number_reflns_all                ? 
_refine_hist.number_reflns_obs                ? 
_refine_hist.number_reflns_R_free             ? 
_refine_hist.number_reflns_R_work             ? 
_refine_hist.R_factor_all                     ? 
_refine_hist.R_factor_obs                     ? 
_refine_hist.R_factor_R_free                  ? 
_refine_hist.R_factor_R_work                  ? 
_refine_hist.pdbx_number_residues_total       171 
_refine_hist.pdbx_B_iso_mean_ligand           28.97 
_refine_hist.pdbx_B_iso_mean_solvent          41.29 
_refine_hist.pdbx_number_atoms_protein        1344 
_refine_hist.pdbx_number_atoms_nucleic_acid   0 
_refine_hist.pdbx_number_atoms_ligand         44 
_refine_hist.pdbx_number_atoms_lipid          ? 
_refine_hist.pdbx_number_atoms_carb           ? 
_refine_hist.pdbx_pseudo_atom_details         ? 
# 
loop_
_refine_ls_shell.pdbx_refine_id 
_refine_ls_shell.d_res_high 
_refine_ls_shell.d_res_low 
_refine_ls_shell.number_reflns_all 
_refine_ls_shell.number_reflns_obs 
_refine_ls_shell.number_reflns_R_free 
_refine_ls_shell.number_reflns_R_work 
_refine_ls_shell.percent_reflns_obs 
_refine_ls_shell.percent_reflns_R_free 
_refine_ls_shell.R_factor_all 
_refine_ls_shell.R_factor_obs 
_refine_ls_shell.R_factor_R_free 
_refine_ls_shell.R_factor_R_free_error 
_refine_ls_shell.R_factor_R_work 
_refine_ls_shell.redundancy_reflns_all 
_refine_ls_shell.redundancy_reflns_obs 
_refine_ls_shell.wR_factor_all 
_refine_ls_shell.wR_factor_obs 
_refine_ls_shell.wR_factor_R_free 
_refine_ls_shell.wR_factor_R_work 
_refine_ls_shell.pdbx_R_complete 
_refine_ls_shell.pdbx_total_number_of_bins_used 
_refine_ls_shell.pdbx_phase_error 
_refine_ls_shell.pdbx_fsc_work 
_refine_ls_shell.pdbx_fsc_free 
'X-RAY DIFFRACTION' 2.5034 2.8656 . . 131 2481 99.0000  . . . 0.2526 0.0000 0.2441 . . . . . . . . . . . 
'X-RAY DIFFRACTION' 2.8656 3.6099 . . 132 2529 100.0000 . . . 0.3129 0.0000 0.2235 . . . . . . . . . . . 
'X-RAY DIFFRACTION' 3.6099 35.07  . . 141 2671 100.0000 . . . 0.2314 0.0000 0.1935 . . . . . . . . . . . 
# 
_struct.entry_id                     6YWB 
_struct.title                        
;Human wtSTING in complex with 3',3'-c-[2'FdAMP-2'FdAM(PS)]
;
_struct.pdbx_model_details           ? 
_struct.pdbx_formula_weight          ? 
_struct.pdbx_formula_weight_method   ? 
_struct.pdbx_model_type_details      ? 
_struct.pdbx_CASP_flag               N 
# 
_struct_keywords.entry_id        6YWB 
_struct_keywords.text            'Innate immune system, CDN, agonist, PROTEIN BINDING' 
_struct_keywords.pdbx_keywords   'PROTEIN BINDING' 
# 
loop_
_struct_asym.id 
_struct_asym.pdbx_blank_PDB_chainid_flag 
_struct_asym.pdbx_modified 
_struct_asym.entity_id 
_struct_asym.details 
A N N 1 ? 
B N N 2 ? 
C N N 3 ? 
# 
_struct_ref.id                         1 
_struct_ref.db_name                    UNP 
_struct_ref.db_code                    A0A2R3XZB7_HUMAN 
_struct_ref.pdbx_db_accession          A0A2R3XZB7 
_struct_ref.pdbx_db_isoform            ? 
_struct_ref.entity_id                  1 
_struct_ref.pdbx_seq_one_letter_code   
;APAEISAVCEKGNFNVAHGLAWSYYIGYLRLILPELQARIRTYNQHYNNLLRGAVSQRLYILLPLDCGVPDNLSMADPNI
RFLDKLPQQTGDRAGIKDRVYSNSIYELLENGQRAGTCVLEYATPLQTLFAMSQYSQAGFSREDRLEQAKLFCRTLEDIL
ADAPESQNNCRLIAYQEPADDSSFSLSQEVLRHLRQEEKEEVTV
;
_struct_ref.pdbx_align_begin           140 
# 
_struct_ref_seq.align_id                      1 
_struct_ref_seq.ref_id                        1 
_struct_ref_seq.pdbx_PDB_id_code              6YWB 
_struct_ref_seq.pdbx_strand_id                A 
_struct_ref_seq.seq_align_beg                 1 
_struct_ref_seq.pdbx_seq_align_beg_ins_code   ? 
_struct_ref_seq.seq_align_end                 204 
_struct_ref_seq.pdbx_seq_align_end_ins_code   ? 
_struct_ref_seq.pdbx_db_accession             A0A2R3XZB7 
_struct_ref_seq.db_align_beg                  140 
_struct_ref_seq.pdbx_db_align_beg_ins_code    ? 
_struct_ref_seq.db_align_end                  343 
_struct_ref_seq.pdbx_db_align_end_ins_code    ? 
_struct_ref_seq.pdbx_auth_seq_align_beg       140 
_struct_ref_seq.pdbx_auth_seq_align_end       343 
# 
_pdbx_struct_assembly.id                   1 
_pdbx_struct_assembly.details              author_defined_assembly 
_pdbx_struct_assembly.method_details       ? 
_pdbx_struct_assembly.oligomeric_details   monomeric 
_pdbx_struct_assembly.oligomeric_count     1 
# 
_pdbx_struct_assembly_gen.assembly_id       1 
_pdbx_struct_assembly_gen.oper_expression   1,2 
_pdbx_struct_assembly_gen.asym_id_list      A,B,C 
# 
_pdbx_struct_assembly_auth_evidence.id                     1 
_pdbx_struct_assembly_auth_evidence.assembly_id            1 
_pdbx_struct_assembly_auth_evidence.experimental_support   'gel filtration' 
_pdbx_struct_assembly_auth_evidence.details                ? 
# 
loop_
_pdbx_struct_oper_list.id 
_pdbx_struct_oper_list.type 
_pdbx_struct_oper_list.name 
_pdbx_struct_oper_list.symmetry_operation 
_pdbx_struct_oper_list.matrix[1][1] 
_pdbx_struct_oper_list.matrix[1][2] 
_pdbx_struct_oper_list.matrix[1][3] 
_pdbx_struct_oper_list.vector[1] 
_pdbx_struct_oper_list.matrix[2][1] 
_pdbx_struct_oper_list.matrix[2][2] 
_pdbx_struct_oper_list.matrix[2][3] 
_pdbx_struct_oper_list.vector[2] 
_pdbx_struct_oper_list.matrix[3][1] 
_pdbx_struct_oper_list.matrix[3][2] 
_pdbx_struct_oper_list.matrix[3][3] 
_pdbx_struct_oper_list.vector[3] 
1 'identity operation'       1_555 x,y,z 1           0          0           0         0          1          0           0        0           0           1           0         
2 'point symmetry operation' ?     ?     -0.38508049 0.91951375 -0.07878752 -19.68455 0.91951375 0.37498571 -0.11781413 12.28164 -0.07878752 -0.11781413 -0.98990523 -10.29705 
# 
loop_
_struct_conf.conf_type_id 
_struct_conf.id 
_struct_conf.pdbx_PDB_helix_id 
_struct_conf.beg_label_comp_id 
_struct_conf.beg_label_asym_id 
_struct_conf.beg_label_seq_id 
_struct_conf.pdbx_beg_PDB_ins_code 
_struct_conf.end_label_comp_id 
_struct_conf.end_label_asym_id 
_struct_conf.end_label_seq_id 
_struct_conf.pdbx_end_PDB_ins_code 
_struct_conf.beg_auth_comp_id 
_struct_conf.beg_auth_asym_id 
_struct_conf.beg_auth_seq_id 
_struct_conf.end_auth_comp_id 
_struct_conf.end_auth_asym_id 
_struct_conf.end_auth_seq_id 
_struct_conf.pdbx_PDB_helix_class 
_struct_conf.details 
_struct_conf.pdbx_PDB_helix_length 
HELX_P HELX_P1 AA1 ASN A 15  ? GLY A 27  ? ASN A 154 GLY A 166 1 ? 13 
HELX_P HELX_P2 AA2 TYR A 28  ? LEU A 33  ? TYR A 167 LEU A 172 1 ? 6  
HELX_P HELX_P3 AA3 GLU A 35  ? HIS A 46  ? GLU A 174 HIS A 185 1 ? 12 
HELX_P HELX_P4 AA4 ASN A 72  ? ASP A 77  ? ASN A 211 ASP A 216 1 ? 6  
HELX_P HELX_P5 AA5 ALA A 123 ? TYR A 135 ? ALA A 262 TYR A 274 1 ? 13 
HELX_P HELX_P6 AA6 SER A 136 ? GLY A 139 ? SER A 275 GLY A 278 5 ? 4  
HELX_P HELX_P7 AA7 SER A 141 ? GLU A 143 ? SER A 280 GLU A 282 5 ? 3  
HELX_P HELX_P8 AA8 ASP A 144 ? ALA A 163 ? ASP A 283 ALA A 302 1 ? 20 
HELX_P HELX_P9 AA9 SER A 185 ? GLU A 197 ? SER A 324 GLU A 336 1 ? 13 
# 
_struct_conf_type.id          HELX_P 
_struct_conf_type.criteria    ? 
_struct_conf_type.reference   ? 
# 
loop_
_struct_sheet.id 
_struct_sheet.type 
_struct_sheet.number_strands 
_struct_sheet.details 
AA1 ? 5 ? 
AA2 ? 2 ? 
# 
loop_
_struct_sheet_order.sheet_id 
_struct_sheet_order.range_id_1 
_struct_sheet_order.range_id_2 
_struct_sheet_order.offset 
_struct_sheet_order.sense 
AA1 1 2 ? anti-parallel 
AA1 2 3 ? anti-parallel 
AA1 3 4 ? parallel      
AA1 4 5 ? parallel      
AA2 1 2 ? anti-parallel 
# 
loop_
_struct_sheet_range.sheet_id 
_struct_sheet_range.id 
_struct_sheet_range.beg_label_comp_id 
_struct_sheet_range.beg_label_asym_id 
_struct_sheet_range.beg_label_seq_id 
_struct_sheet_range.pdbx_beg_PDB_ins_code 
_struct_sheet_range.end_label_comp_id 
_struct_sheet_range.end_label_asym_id 
_struct_sheet_range.end_label_seq_id 
_struct_sheet_range.pdbx_end_PDB_ins_code 
_struct_sheet_range.beg_auth_comp_id 
_struct_sheet_range.beg_auth_asym_id 
_struct_sheet_range.beg_auth_seq_id 
_struct_sheet_range.end_auth_comp_id 
_struct_sheet_range.end_auth_asym_id 
_struct_sheet_range.end_auth_seq_id 
AA1 1 ILE A 80  ? LYS A 85  ? ILE A 219 LYS A 224 
AA1 2 SER A 104 ? GLU A 110 ? SER A 243 GLU A 249 
AA1 3 GLN A 113 ? TYR A 122 ? GLN A 252 TYR A 261 
AA1 4 LEU A 59  ? PRO A 64  ? LEU A 198 PRO A 203 
AA1 5 CYS A 170 ? TYR A 175 ? CYS A 309 TYR A 314 
AA2 1 GLN A 89  ? ARG A 93  ? GLN A 228 ARG A 232 
AA2 2 ILE A 96  ? TYR A 101 ? ILE A 235 TYR A 240 
# 
loop_
_pdbx_struct_sheet_hbond.sheet_id 
_pdbx_struct_sheet_hbond.range_id_1 
_pdbx_struct_sheet_hbond.range_id_2 
_pdbx_struct_sheet_hbond.range_1_label_atom_id 
_pdbx_struct_sheet_hbond.range_1_label_comp_id 
_pdbx_struct_sheet_hbond.range_1_label_asym_id 
_pdbx_struct_sheet_hbond.range_1_label_seq_id 
_pdbx_struct_sheet_hbond.range_1_PDB_ins_code 
_pdbx_struct_sheet_hbond.range_1_auth_atom_id 
_pdbx_struct_sheet_hbond.range_1_auth_comp_id 
_pdbx_struct_sheet_hbond.range_1_auth_asym_id 
_pdbx_struct_sheet_hbond.range_1_auth_seq_id 
_pdbx_struct_sheet_hbond.range_2_label_atom_id 
_pdbx_struct_sheet_hbond.range_2_label_comp_id 
_pdbx_struct_sheet_hbond.range_2_label_asym_id 
_pdbx_struct_sheet_hbond.range_2_label_seq_id 
_pdbx_struct_sheet_hbond.range_2_PDB_ins_code 
_pdbx_struct_sheet_hbond.range_2_auth_atom_id 
_pdbx_struct_sheet_hbond.range_2_auth_comp_id 
_pdbx_struct_sheet_hbond.range_2_auth_asym_id 
_pdbx_struct_sheet_hbond.range_2_auth_seq_id 
AA1 1 2 N ARG A 81  ? N ARG A 220 O GLU A 107 ? O GLU A 246 
AA1 2 3 N TYR A 106 ? N TYR A 245 O CYS A 118 ? O CYS A 257 
AA1 3 4 O GLU A 121 ? O GLU A 260 N LEU A 62  ? N LEU A 201 
AA1 4 5 N LEU A 63  ? N LEU A 202 O ILE A 173 ? O ILE A 312 
AA2 1 2 N GLN A 89  ? N GLN A 228 O TYR A 101 ? O TYR A 240 
# 
_struct_site.id                   AC1 
_struct_site.pdbx_evidence_code   Software 
_struct_site.pdbx_auth_asym_id    A 
_struct_site.pdbx_auth_comp_id    PWB 
_struct_site.pdbx_auth_seq_id     401 
_struct_site.pdbx_auth_ins_code   ? 
_struct_site.pdbx_num_residues    29 
_struct_site.details              'binding site for residue PWB A 401' 
# 
loop_
_struct_site_gen.id 
_struct_site_gen.site_id 
_struct_site_gen.pdbx_num_res 
_struct_site_gen.label_comp_id 
_struct_site_gen.label_asym_id 
_struct_site_gen.label_seq_id 
_struct_site_gen.pdbx_auth_ins_code 
_struct_site_gen.auth_comp_id 
_struct_site_gen.auth_asym_id 
_struct_site_gen.auth_seq_id 
_struct_site_gen.label_atom_id 
_struct_site_gen.label_alt_id 
_struct_site_gen.symmetry 
_struct_site_gen.details 
1  AC1 29 SER A 23  ? SER A 162 . ? 8_554 ? 
2  AC1 29 SER A 23  ? SER A 162 . ? 1_555 ? 
3  AC1 29 TYR A 24  ? TYR A 163 . ? 8_554 ? 
4  AC1 29 TYR A 24  ? TYR A 163 . ? 1_555 ? 
5  AC1 29 GLY A 27  ? GLY A 166 . ? 8_554 ? 
6  AC1 29 GLY A 27  ? GLY A 166 . ? 1_555 ? 
7  AC1 29 TYR A 28  ? TYR A 167 . ? 8_554 ? 
8  AC1 29 TYR A 28  ? TYR A 167 . ? 1_555 ? 
9  AC1 29 ILE A 96  ? ILE A 235 . ? 8_554 ? 
10 AC1 29 ILE A 96  ? ILE A 235 . ? 1_555 ? 
11 AC1 29 ARG A 99  ? ARG A 238 . ? 1_555 ? 
12 AC1 29 ARG A 99  ? ARG A 238 . ? 8_554 ? 
13 AC1 29 VAL A 100 ? VAL A 239 . ? 8_554 ? 
14 AC1 29 VAL A 100 ? VAL A 239 . ? 1_555 ? 
15 AC1 29 TYR A 101 ? TYR A 240 . ? 1_555 ? 
16 AC1 29 TYR A 101 ? TYR A 240 . ? 8_554 ? 
17 AC1 29 THR A 124 ? THR A 263 . ? 1_555 ? 
18 AC1 29 THR A 124 ? THR A 263 . ? 8_554 ? 
19 AC1 29 PRO A 125 ? PRO A 264 . ? 1_555 ? 
20 AC1 29 PRO A 125 ? PRO A 264 . ? 8_554 ? 
21 AC1 29 THR A 128 ? THR A 267 . ? 8_554 ? 
22 AC1 29 THR A 128 ? THR A 267 . ? 1_555 ? 
23 AC1 29 HOH C .   ? HOH A 507 . ? 8_554 ? 
24 AC1 29 HOH C .   ? HOH A 507 . ? 1_555 ? 
25 AC1 29 HOH C .   ? HOH A 512 . ? 8_554 ? 
26 AC1 29 HOH C .   ? HOH A 512 . ? 1_555 ? 
27 AC1 29 HOH C .   ? HOH A 513 . ? 1_555 ? 
28 AC1 29 HOH C .   ? HOH A 525 . ? 1_555 ? 
29 AC1 29 HOH C .   ? HOH A 525 . ? 8_554 ? 
# 
loop_
_pdbx_validate_torsion.id 
_pdbx_validate_torsion.PDB_model_num 
_pdbx_validate_torsion.auth_comp_id 
_pdbx_validate_torsion.auth_asym_id 
_pdbx_validate_torsion.auth_seq_id 
_pdbx_validate_torsion.PDB_ins_code 
_pdbx_validate_torsion.label_alt_id 
_pdbx_validate_torsion.phi 
_pdbx_validate_torsion.psi 
1 1 TYR A 167 ? ? -155.35 -71.02 
2 1 GLN A 306 ? ? -115.79 70.55  
# 
_pdbx_struct_special_symmetry.id              1 
_pdbx_struct_special_symmetry.PDB_model_num   1 
_pdbx_struct_special_symmetry.auth_asym_id    A 
_pdbx_struct_special_symmetry.auth_comp_id    HOH 
_pdbx_struct_special_symmetry.auth_seq_id     532 
_pdbx_struct_special_symmetry.PDB_ins_code    ? 
_pdbx_struct_special_symmetry.label_asym_id   C 
_pdbx_struct_special_symmetry.label_comp_id   HOH 
_pdbx_struct_special_symmetry.label_seq_id    . 
# 
_phasing.method   MR 
# 
_pdbx_entry_details.entry_id                 6YWB 
_pdbx_entry_details.nonpolymer_details       ? 
_pdbx_entry_details.sequence_details         ? 
_pdbx_entry_details.compound_details         ? 
_pdbx_entry_details.source_details           ? 
_pdbx_entry_details.has_ligand_of_interest   Y 
# 
loop_
_pdbx_unobs_or_zero_occ_residues.id 
_pdbx_unobs_or_zero_occ_residues.PDB_model_num 
_pdbx_unobs_or_zero_occ_residues.polymer_flag 
_pdbx_unobs_or_zero_occ_residues.occupancy_flag 
_pdbx_unobs_or_zero_occ_residues.auth_asym_id 
_pdbx_unobs_or_zero_occ_residues.auth_comp_id 
_pdbx_unobs_or_zero_occ_residues.auth_seq_id 
_pdbx_unobs_or_zero_occ_residues.PDB_ins_code 
_pdbx_unobs_or_zero_occ_residues.label_asym_id 
_pdbx_unobs_or_zero_occ_residues.label_comp_id 
_pdbx_unobs_or_zero_occ_residues.label_seq_id 
1  1 Y 1 A ALA 140 ? A ALA 1   
2  1 Y 1 A PRO 141 ? A PRO 2   
3  1 Y 1 A ALA 142 ? A ALA 3   
4  1 Y 1 A GLU 143 ? A GLU 4   
5  1 Y 1 A ILE 144 ? A ILE 5   
6  1 Y 1 A SER 145 ? A SER 6   
7  1 Y 1 A ALA 146 ? A ALA 7   
8  1 Y 1 A VAL 147 ? A VAL 8   
9  1 Y 1 A CYS 148 ? A CYS 9   
10 1 Y 1 A GLU 149 ? A GLU 10  
11 1 Y 1 A LYS 150 ? A LYS 11  
12 1 Y 1 A GLY 151 ? A GLY 12  
13 1 Y 1 A ASN 152 ? A ASN 13  
14 1 Y 1 A PHE 153 ? A PHE 14  
15 1 Y 1 A TYR 186 ? A TYR 47  
16 1 Y 1 A ASN 187 ? A ASN 48  
17 1 Y 1 A ASN 188 ? A ASN 49  
18 1 Y 1 A LEU 189 ? A LEU 50  
19 1 Y 1 A LEU 190 ? A LEU 51  
20 1 Y 1 A ARG 191 ? A ARG 52  
21 1 Y 1 A GLY 192 ? A GLY 53  
22 1 Y 1 A ALA 318 ? A ALA 179 
23 1 Y 1 A ASP 319 ? A ASP 180 
24 1 Y 1 A ASP 320 ? A ASP 181 
25 1 Y 1 A SER 321 ? A SER 182 
26 1 Y 1 A SER 322 ? A SER 183 
27 1 Y 1 A GLU 337 ? A GLU 198 
28 1 Y 1 A LYS 338 ? A LYS 199 
29 1 Y 1 A GLU 339 ? A GLU 200 
30 1 Y 1 A GLU 340 ? A GLU 201 
31 1 Y 1 A VAL 341 ? A VAL 202 
32 1 Y 1 A THR 342 ? A THR 203 
33 1 Y 1 A VAL 343 ? A VAL 204 
# 
loop_
_chem_comp_atom.comp_id 
_chem_comp_atom.atom_id 
_chem_comp_atom.type_symbol 
_chem_comp_atom.pdbx_aromatic_flag 
_chem_comp_atom.pdbx_stereo_config 
_chem_comp_atom.pdbx_ordinal 
ALA N    N N N 1   
ALA CA   C N S 2   
ALA C    C N N 3   
ALA O    O N N 4   
ALA CB   C N N 5   
ALA OXT  O N N 6   
ALA H    H N N 7   
ALA H2   H N N 8   
ALA HA   H N N 9   
ALA HB1  H N N 10  
ALA HB2  H N N 11  
ALA HB3  H N N 12  
ALA HXT  H N N 13  
ARG N    N N N 14  
ARG CA   C N S 15  
ARG C    C N N 16  
ARG O    O N N 17  
ARG CB   C N N 18  
ARG CG   C N N 19  
ARG CD   C N N 20  
ARG NE   N N N 21  
ARG CZ   C N N 22  
ARG NH1  N N N 23  
ARG NH2  N N N 24  
ARG OXT  O N N 25  
ARG H    H N N 26  
ARG H2   H N N 27  
ARG HA   H N N 28  
ARG HB2  H N N 29  
ARG HB3  H N N 30  
ARG HG2  H N N 31  
ARG HG3  H N N 32  
ARG HD2  H N N 33  
ARG HD3  H N N 34  
ARG HE   H N N 35  
ARG HH11 H N N 36  
ARG HH12 H N N 37  
ARG HH21 H N N 38  
ARG HH22 H N N 39  
ARG HXT  H N N 40  
ASN N    N N N 41  
ASN CA   C N S 42  
ASN C    C N N 43  
ASN O    O N N 44  
ASN CB   C N N 45  
ASN CG   C N N 46  
ASN OD1  O N N 47  
ASN ND2  N N N 48  
ASN OXT  O N N 49  
ASN H    H N N 50  
ASN H2   H N N 51  
ASN HA   H N N 52  
ASN HB2  H N N 53  
ASN HB3  H N N 54  
ASN HD21 H N N 55  
ASN HD22 H N N 56  
ASN HXT  H N N 57  
ASP N    N N N 58  
ASP CA   C N S 59  
ASP C    C N N 60  
ASP O    O N N 61  
ASP CB   C N N 62  
ASP CG   C N N 63  
ASP OD1  O N N 64  
ASP OD2  O N N 65  
ASP OXT  O N N 66  
ASP H    H N N 67  
ASP H2   H N N 68  
ASP HA   H N N 69  
ASP HB2  H N N 70  
ASP HB3  H N N 71  
ASP HD2  H N N 72  
ASP HXT  H N N 73  
CYS N    N N N 74  
CYS CA   C N R 75  
CYS C    C N N 76  
CYS O    O N N 77  
CYS CB   C N N 78  
CYS SG   S N N 79  
CYS OXT  O N N 80  
CYS H    H N N 81  
CYS H2   H N N 82  
CYS HA   H N N 83  
CYS HB2  H N N 84  
CYS HB3  H N N 85  
CYS HG   H N N 86  
CYS HXT  H N N 87  
GLN N    N N N 88  
GLN CA   C N S 89  
GLN C    C N N 90  
GLN O    O N N 91  
GLN CB   C N N 92  
GLN CG   C N N 93  
GLN CD   C N N 94  
GLN OE1  O N N 95  
GLN NE2  N N N 96  
GLN OXT  O N N 97  
GLN H    H N N 98  
GLN H2   H N N 99  
GLN HA   H N N 100 
GLN HB2  H N N 101 
GLN HB3  H N N 102 
GLN HG2  H N N 103 
GLN HG3  H N N 104 
GLN HE21 H N N 105 
GLN HE22 H N N 106 
GLN HXT  H N N 107 
GLU N    N N N 108 
GLU CA   C N S 109 
GLU C    C N N 110 
GLU O    O N N 111 
GLU CB   C N N 112 
GLU CG   C N N 113 
GLU CD   C N N 114 
GLU OE1  O N N 115 
GLU OE2  O N N 116 
GLU OXT  O N N 117 
GLU H    H N N 118 
GLU H2   H N N 119 
GLU HA   H N N 120 
GLU HB2  H N N 121 
GLU HB3  H N N 122 
GLU HG2  H N N 123 
GLU HG3  H N N 124 
GLU HE2  H N N 125 
GLU HXT  H N N 126 
GLY N    N N N 127 
GLY CA   C N N 128 
GLY C    C N N 129 
GLY O    O N N 130 
GLY OXT  O N N 131 
GLY H    H N N 132 
GLY H2   H N N 133 
GLY HA2  H N N 134 
GLY HA3  H N N 135 
GLY HXT  H N N 136 
HIS N    N N N 137 
HIS CA   C N S 138 
HIS C    C N N 139 
HIS O    O N N 140 
HIS CB   C N N 141 
HIS CG   C Y N 142 
HIS ND1  N Y N 143 
HIS CD2  C Y N 144 
HIS CE1  C Y N 145 
HIS NE2  N Y N 146 
HIS OXT  O N N 147 
HIS H    H N N 148 
HIS H2   H N N 149 
HIS HA   H N N 150 
HIS HB2  H N N 151 
HIS HB3  H N N 152 
HIS HD1  H N N 153 
HIS HD2  H N N 154 
HIS HE1  H N N 155 
HIS HE2  H N N 156 
HIS HXT  H N N 157 
HOH O    O N N 158 
HOH H1   H N N 159 
HOH H2   H N N 160 
ILE N    N N N 161 
ILE CA   C N S 162 
ILE C    C N N 163 
ILE O    O N N 164 
ILE CB   C N S 165 
ILE CG1  C N N 166 
ILE CG2  C N N 167 
ILE CD1  C N N 168 
ILE OXT  O N N 169 
ILE H    H N N 170 
ILE H2   H N N 171 
ILE HA   H N N 172 
ILE HB   H N N 173 
ILE HG12 H N N 174 
ILE HG13 H N N 175 
ILE HG21 H N N 176 
ILE HG22 H N N 177 
ILE HG23 H N N 178 
ILE HD11 H N N 179 
ILE HD12 H N N 180 
ILE HD13 H N N 181 
ILE HXT  H N N 182 
LEU N    N N N 183 
LEU CA   C N S 184 
LEU C    C N N 185 
LEU O    O N N 186 
LEU CB   C N N 187 
LEU CG   C N N 188 
LEU CD1  C N N 189 
LEU CD2  C N N 190 
LEU OXT  O N N 191 
LEU H    H N N 192 
LEU H2   H N N 193 
LEU HA   H N N 194 
LEU HB2  H N N 195 
LEU HB3  H N N 196 
LEU HG   H N N 197 
LEU HD11 H N N 198 
LEU HD12 H N N 199 
LEU HD13 H N N 200 
LEU HD21 H N N 201 
LEU HD22 H N N 202 
LEU HD23 H N N 203 
LEU HXT  H N N 204 
LYS N    N N N 205 
LYS CA   C N S 206 
LYS C    C N N 207 
LYS O    O N N 208 
LYS CB   C N N 209 
LYS CG   C N N 210 
LYS CD   C N N 211 
LYS CE   C N N 212 
LYS NZ   N N N 213 
LYS OXT  O N N 214 
LYS H    H N N 215 
LYS H2   H N N 216 
LYS HA   H N N 217 
LYS HB2  H N N 218 
LYS HB3  H N N 219 
LYS HG2  H N N 220 
LYS HG3  H N N 221 
LYS HD2  H N N 222 
LYS HD3  H N N 223 
LYS HE2  H N N 224 
LYS HE3  H N N 225 
LYS HZ1  H N N 226 
LYS HZ2  H N N 227 
LYS HZ3  H N N 228 
LYS HXT  H N N 229 
MET N    N N N 230 
MET CA   C N S 231 
MET C    C N N 232 
MET O    O N N 233 
MET CB   C N N 234 
MET CG   C N N 235 
MET SD   S N N 236 
MET CE   C N N 237 
MET OXT  O N N 238 
MET H    H N N 239 
MET H2   H N N 240 
MET HA   H N N 241 
MET HB2  H N N 242 
MET HB3  H N N 243 
MET HG2  H N N 244 
MET HG3  H N N 245 
MET HE1  H N N 246 
MET HE2  H N N 247 
MET HE3  H N N 248 
MET HXT  H N N 249 
PHE N    N N N 250 
PHE CA   C N S 251 
PHE C    C N N 252 
PHE O    O N N 253 
PHE CB   C N N 254 
PHE CG   C Y N 255 
PHE CD1  C Y N 256 
PHE CD2  C Y N 257 
PHE CE1  C Y N 258 
PHE CE2  C Y N 259 
PHE CZ   C Y N 260 
PHE OXT  O N N 261 
PHE H    H N N 262 
PHE H2   H N N 263 
PHE HA   H N N 264 
PHE HB2  H N N 265 
PHE HB3  H N N 266 
PHE HD1  H N N 267 
PHE HD2  H N N 268 
PHE HE1  H N N 269 
PHE HE2  H N N 270 
PHE HZ   H N N 271 
PHE HXT  H N N 272 
PRO N    N N N 273 
PRO CA   C N S 274 
PRO C    C N N 275 
PRO O    O N N 276 
PRO CB   C N N 277 
PRO CG   C N N 278 
PRO CD   C N N 279 
PRO OXT  O N N 280 
PRO H    H N N 281 
PRO HA   H N N 282 
PRO HB2  H N N 283 
PRO HB3  H N N 284 
PRO HG2  H N N 285 
PRO HG3  H N N 286 
PRO HD2  H N N 287 
PRO HD3  H N N 288 
PRO HXT  H N N 289 
PWB N    N Y N 290 
PWB C    C Y N 291 
PWB O    O N N 292 
PWB C1   C Y N 293 
PWB C10  C Y N 294 
PWB C11  C Y N 295 
PWB C12  C Y N 296 
PWB C13  C Y N 297 
PWB C14  C Y N 298 
PWB C15  C N R 299 
PWB C16  C N R 300 
PWB C17  C N R 301 
PWB C18  C N R 302 
PWB C19  C N N 303 
PWB C2   C Y N 304 
PWB C3   C Y N 305 
PWB C4   C Y N 306 
PWB C5   C N R 307 
PWB C6   C N R 308 
PWB C7   C N R 309 
PWB C8   C N R 310 
PWB C9   C N N 311 
PWB F1   F N N 312 
PWB F2   F N N 313 
PWB N1   N Y N 314 
PWB N10  N N N 315 
PWB N2   N Y N 316 
PWB N3   N Y N 317 
PWB N4   N Y N 318 
PWB N5   N Y N 319 
PWB N6   N Y N 320 
PWB N7   N Y N 321 
PWB O1   O N N 322 
PWB O10  O N N 323 
PWB O2   O N N 324 
PWB O22  O N N 325 
PWB O4   O N N 326 
PWB O5   O N N 327 
PWB O7   O N N 328 
PWB O8   O N N 329 
PWB P    P N N 330 
PWB P1   P N N 331 
PWB S1   S N N 332 
PWB N11  N N N 333 
PWB H    H N N 334 
PWB H10  H N N 335 
PWB H14  H N N 336 
PWB H15  H N N 337 
PWB H16  H N N 338 
PWB H17  H N N 339 
PWB H18  H N N 340 
PWB H192 H N N 341 
PWB H191 H N N 342 
PWB H4   H N N 343 
PWB H5   H N N 344 
PWB H6   H N N 345 
PWB H7   H N N 346 
PWB H8   H N N 347 
PWB H91  H N N 348 
PWB H92  H N N 349 
PWB HN5  H N N 350 
PWB HN4  H N N 351 
PWB H1   H N N 352 
PWB HS1  H N N 353 
PWB HN3  H N N 354 
PWB HN1  H N N 355 
PWB HN2  H N N 356 
PWB HN6  H N N 357 
SER N    N N N 358 
SER CA   C N S 359 
SER C    C N N 360 
SER O    O N N 361 
SER CB   C N N 362 
SER OG   O N N 363 
SER OXT  O N N 364 
SER H    H N N 365 
SER H2   H N N 366 
SER HA   H N N 367 
SER HB2  H N N 368 
SER HB3  H N N 369 
SER HG   H N N 370 
SER HXT  H N N 371 
THR N    N N N 372 
THR CA   C N S 373 
THR C    C N N 374 
THR O    O N N 375 
THR CB   C N R 376 
THR OG1  O N N 377 
THR CG2  C N N 378 
THR OXT  O N N 379 
THR H    H N N 380 
THR H2   H N N 381 
THR HA   H N N 382 
THR HB   H N N 383 
THR HG1  H N N 384 
THR HG21 H N N 385 
THR HG22 H N N 386 
THR HG23 H N N 387 
THR HXT  H N N 388 
TRP N    N N N 389 
TRP CA   C N S 390 
TRP C    C N N 391 
TRP O    O N N 392 
TRP CB   C N N 393 
TRP CG   C Y N 394 
TRP CD1  C Y N 395 
TRP CD2  C Y N 396 
TRP NE1  N Y N 397 
TRP CE2  C Y N 398 
TRP CE3  C Y N 399 
TRP CZ2  C Y N 400 
TRP CZ3  C Y N 401 
TRP CH2  C Y N 402 
TRP OXT  O N N 403 
TRP H    H N N 404 
TRP H2   H N N 405 
TRP HA   H N N 406 
TRP HB2  H N N 407 
TRP HB3  H N N 408 
TRP HD1  H N N 409 
TRP HE1  H N N 410 
TRP HE3  H N N 411 
TRP HZ2  H N N 412 
TRP HZ3  H N N 413 
TRP HH2  H N N 414 
TRP HXT  H N N 415 
TYR N    N N N 416 
TYR CA   C N S 417 
TYR C    C N N 418 
TYR O    O N N 419 
TYR CB   C N N 420 
TYR CG   C Y N 421 
TYR CD1  C Y N 422 
TYR CD2  C Y N 423 
TYR CE1  C Y N 424 
TYR CE2  C Y N 425 
TYR CZ   C Y N 426 
TYR OH   O N N 427 
TYR OXT  O N N 428 
TYR H    H N N 429 
TYR H2   H N N 430 
TYR HA   H N N 431 
TYR HB2  H N N 432 
TYR HB3  H N N 433 
TYR HD1  H N N 434 
TYR HD2  H N N 435 
TYR HE1  H N N 436 
TYR HE2  H N N 437 
TYR HH   H N N 438 
TYR HXT  H N N 439 
VAL N    N N N 440 
VAL CA   C N S 441 
VAL C    C N N 442 
VAL O    O N N 443 
VAL CB   C N N 444 
VAL CG1  C N N 445 
VAL CG2  C N N 446 
VAL OXT  O N N 447 
VAL H    H N N 448 
VAL H2   H N N 449 
VAL HA   H N N 450 
VAL HB   H N N 451 
VAL HG11 H N N 452 
VAL HG12 H N N 453 
VAL HG13 H N N 454 
VAL HG21 H N N 455 
VAL HG22 H N N 456 
VAL HG23 H N N 457 
VAL HXT  H N N 458 
# 
loop_
_chem_comp_bond.comp_id 
_chem_comp_bond.atom_id_1 
_chem_comp_bond.atom_id_2 
_chem_comp_bond.value_order 
_chem_comp_bond.pdbx_aromatic_flag 
_chem_comp_bond.pdbx_stereo_config 
_chem_comp_bond.pdbx_ordinal 
ALA N   CA   sing N N 1   
ALA N   H    sing N N 2   
ALA N   H2   sing N N 3   
ALA CA  C    sing N N 4   
ALA CA  CB   sing N N 5   
ALA CA  HA   sing N N 6   
ALA C   O    doub N N 7   
ALA C   OXT  sing N N 8   
ALA CB  HB1  sing N N 9   
ALA CB  HB2  sing N N 10  
ALA CB  HB3  sing N N 11  
ALA OXT HXT  sing N N 12  
ARG N   CA   sing N N 13  
ARG N   H    sing N N 14  
ARG N   H2   sing N N 15  
ARG CA  C    sing N N 16  
ARG CA  CB   sing N N 17  
ARG CA  HA   sing N N 18  
ARG C   O    doub N N 19  
ARG C   OXT  sing N N 20  
ARG CB  CG   sing N N 21  
ARG CB  HB2  sing N N 22  
ARG CB  HB3  sing N N 23  
ARG CG  CD   sing N N 24  
ARG CG  HG2  sing N N 25  
ARG CG  HG3  sing N N 26  
ARG CD  NE   sing N N 27  
ARG CD  HD2  sing N N 28  
ARG CD  HD3  sing N N 29  
ARG NE  CZ   sing N N 30  
ARG NE  HE   sing N N 31  
ARG CZ  NH1  sing N N 32  
ARG CZ  NH2  doub N N 33  
ARG NH1 HH11 sing N N 34  
ARG NH1 HH12 sing N N 35  
ARG NH2 HH21 sing N N 36  
ARG NH2 HH22 sing N N 37  
ARG OXT HXT  sing N N 38  
ASN N   CA   sing N N 39  
ASN N   H    sing N N 40  
ASN N   H2   sing N N 41  
ASN CA  C    sing N N 42  
ASN CA  CB   sing N N 43  
ASN CA  HA   sing N N 44  
ASN C   O    doub N N 45  
ASN C   OXT  sing N N 46  
ASN CB  CG   sing N N 47  
ASN CB  HB2  sing N N 48  
ASN CB  HB3  sing N N 49  
ASN CG  OD1  doub N N 50  
ASN CG  ND2  sing N N 51  
ASN ND2 HD21 sing N N 52  
ASN ND2 HD22 sing N N 53  
ASN OXT HXT  sing N N 54  
ASP N   CA   sing N N 55  
ASP N   H    sing N N 56  
ASP N   H2   sing N N 57  
ASP CA  C    sing N N 58  
ASP CA  CB   sing N N 59  
ASP CA  HA   sing N N 60  
ASP C   O    doub N N 61  
ASP C   OXT  sing N N 62  
ASP CB  CG   sing N N 63  
ASP CB  HB2  sing N N 64  
ASP CB  HB3  sing N N 65  
ASP CG  OD1  doub N N 66  
ASP CG  OD2  sing N N 67  
ASP OD2 HD2  sing N N 68  
ASP OXT HXT  sing N N 69  
CYS N   CA   sing N N 70  
CYS N   H    sing N N 71  
CYS N   H2   sing N N 72  
CYS CA  C    sing N N 73  
CYS CA  CB   sing N N 74  
CYS CA  HA   sing N N 75  
CYS C   O    doub N N 76  
CYS C   OXT  sing N N 77  
CYS CB  SG   sing N N 78  
CYS CB  HB2  sing N N 79  
CYS CB  HB3  sing N N 80  
CYS SG  HG   sing N N 81  
CYS OXT HXT  sing N N 82  
GLN N   CA   sing N N 83  
GLN N   H    sing N N 84  
GLN N   H2   sing N N 85  
GLN CA  C    sing N N 86  
GLN CA  CB   sing N N 87  
GLN CA  HA   sing N N 88  
GLN C   O    doub N N 89  
GLN C   OXT  sing N N 90  
GLN CB  CG   sing N N 91  
GLN CB  HB2  sing N N 92  
GLN CB  HB3  sing N N 93  
GLN CG  CD   sing N N 94  
GLN CG  HG2  sing N N 95  
GLN CG  HG3  sing N N 96  
GLN CD  OE1  doub N N 97  
GLN CD  NE2  sing N N 98  
GLN NE2 HE21 sing N N 99  
GLN NE2 HE22 sing N N 100 
GLN OXT HXT  sing N N 101 
GLU N   CA   sing N N 102 
GLU N   H    sing N N 103 
GLU N   H2   sing N N 104 
GLU CA  C    sing N N 105 
GLU CA  CB   sing N N 106 
GLU CA  HA   sing N N 107 
GLU C   O    doub N N 108 
GLU C   OXT  sing N N 109 
GLU CB  CG   sing N N 110 
GLU CB  HB2  sing N N 111 
GLU CB  HB3  sing N N 112 
GLU CG  CD   sing N N 113 
GLU CG  HG2  sing N N 114 
GLU CG  HG3  sing N N 115 
GLU CD  OE1  doub N N 116 
GLU CD  OE2  sing N N 117 
GLU OE2 HE2  sing N N 118 
GLU OXT HXT  sing N N 119 
GLY N   CA   sing N N 120 
GLY N   H    sing N N 121 
GLY N   H2   sing N N 122 
GLY CA  C    sing N N 123 
GLY CA  HA2  sing N N 124 
GLY CA  HA3  sing N N 125 
GLY C   O    doub N N 126 
GLY C   OXT  sing N N 127 
GLY OXT HXT  sing N N 128 
HIS N   CA   sing N N 129 
HIS N   H    sing N N 130 
HIS N   H2   sing N N 131 
HIS CA  C    sing N N 132 
HIS CA  CB   sing N N 133 
HIS CA  HA   sing N N 134 
HIS C   O    doub N N 135 
HIS C   OXT  sing N N 136 
HIS CB  CG   sing N N 137 
HIS CB  HB2  sing N N 138 
HIS CB  HB3  sing N N 139 
HIS CG  ND1  sing Y N 140 
HIS CG  CD2  doub Y N 141 
HIS ND1 CE1  doub Y N 142 
HIS ND1 HD1  sing N N 143 
HIS CD2 NE2  sing Y N 144 
HIS CD2 HD2  sing N N 145 
HIS CE1 NE2  sing Y N 146 
HIS CE1 HE1  sing N N 147 
HIS NE2 HE2  sing N N 148 
HIS OXT HXT  sing N N 149 
HOH O   H1   sing N N 150 
HOH O   H2   sing N N 151 
ILE N   CA   sing N N 152 
ILE N   H    sing N N 153 
ILE N   H2   sing N N 154 
ILE CA  C    sing N N 155 
ILE CA  CB   sing N N 156 
ILE CA  HA   sing N N 157 
ILE C   O    doub N N 158 
ILE C   OXT  sing N N 159 
ILE CB  CG1  sing N N 160 
ILE CB  CG2  sing N N 161 
ILE CB  HB   sing N N 162 
ILE CG1 CD1  sing N N 163 
ILE CG1 HG12 sing N N 164 
ILE CG1 HG13 sing N N 165 
ILE CG2 HG21 sing N N 166 
ILE CG2 HG22 sing N N 167 
ILE CG2 HG23 sing N N 168 
ILE CD1 HD11 sing N N 169 
ILE CD1 HD12 sing N N 170 
ILE CD1 HD13 sing N N 171 
ILE OXT HXT  sing N N 172 
LEU N   CA   sing N N 173 
LEU N   H    sing N N 174 
LEU N   H2   sing N N 175 
LEU CA  C    sing N N 176 
LEU CA  CB   sing N N 177 
LEU CA  HA   sing N N 178 
LEU C   O    doub N N 179 
LEU C   OXT  sing N N 180 
LEU CB  CG   sing N N 181 
LEU CB  HB2  sing N N 182 
LEU CB  HB3  sing N N 183 
LEU CG  CD1  sing N N 184 
LEU CG  CD2  sing N N 185 
LEU CG  HG   sing N N 186 
LEU CD1 HD11 sing N N 187 
LEU CD1 HD12 sing N N 188 
LEU CD1 HD13 sing N N 189 
LEU CD2 HD21 sing N N 190 
LEU CD2 HD22 sing N N 191 
LEU CD2 HD23 sing N N 192 
LEU OXT HXT  sing N N 193 
LYS N   CA   sing N N 194 
LYS N   H    sing N N 195 
LYS N   H2   sing N N 196 
LYS CA  C    sing N N 197 
LYS CA  CB   sing N N 198 
LYS CA  HA   sing N N 199 
LYS C   O    doub N N 200 
LYS C   OXT  sing N N 201 
LYS CB  CG   sing N N 202 
LYS CB  HB2  sing N N 203 
LYS CB  HB3  sing N N 204 
LYS CG  CD   sing N N 205 
LYS CG  HG2  sing N N 206 
LYS CG  HG3  sing N N 207 
LYS CD  CE   sing N N 208 
LYS CD  HD2  sing N N 209 
LYS CD  HD3  sing N N 210 
LYS CE  NZ   sing N N 211 
LYS CE  HE2  sing N N 212 
LYS CE  HE3  sing N N 213 
LYS NZ  HZ1  sing N N 214 
LYS NZ  HZ2  sing N N 215 
LYS NZ  HZ3  sing N N 216 
LYS OXT HXT  sing N N 217 
MET N   CA   sing N N 218 
MET N   H    sing N N 219 
MET N   H2   sing N N 220 
MET CA  C    sing N N 221 
MET CA  CB   sing N N 222 
MET CA  HA   sing N N 223 
MET C   O    doub N N 224 
MET C   OXT  sing N N 225 
MET CB  CG   sing N N 226 
MET CB  HB2  sing N N 227 
MET CB  HB3  sing N N 228 
MET CG  SD   sing N N 229 
MET CG  HG2  sing N N 230 
MET CG  HG3  sing N N 231 
MET SD  CE   sing N N 232 
MET CE  HE1  sing N N 233 
MET CE  HE2  sing N N 234 
MET CE  HE3  sing N N 235 
MET OXT HXT  sing N N 236 
PHE N   CA   sing N N 237 
PHE N   H    sing N N 238 
PHE N   H2   sing N N 239 
PHE CA  C    sing N N 240 
PHE CA  CB   sing N N 241 
PHE CA  HA   sing N N 242 
PHE C   O    doub N N 243 
PHE C   OXT  sing N N 244 
PHE CB  CG   sing N N 245 
PHE CB  HB2  sing N N 246 
PHE CB  HB3  sing N N 247 
PHE CG  CD1  doub Y N 248 
PHE CG  CD2  sing Y N 249 
PHE CD1 CE1  sing Y N 250 
PHE CD1 HD1  sing N N 251 
PHE CD2 CE2  doub Y N 252 
PHE CD2 HD2  sing N N 253 
PHE CE1 CZ   doub Y N 254 
PHE CE1 HE1  sing N N 255 
PHE CE2 CZ   sing Y N 256 
PHE CE2 HE2  sing N N 257 
PHE CZ  HZ   sing N N 258 
PHE OXT HXT  sing N N 259 
PRO N   CA   sing N N 260 
PRO N   CD   sing N N 261 
PRO N   H    sing N N 262 
PRO CA  C    sing N N 263 
PRO CA  CB   sing N N 264 
PRO CA  HA   sing N N 265 
PRO C   O    doub N N 266 
PRO C   OXT  sing N N 267 
PRO CB  CG   sing N N 268 
PRO CB  HB2  sing N N 269 
PRO CB  HB3  sing N N 270 
PRO CG  CD   sing N N 271 
PRO CG  HG2  sing N N 272 
PRO CG  HG3  sing N N 273 
PRO CD  HD2  sing N N 274 
PRO CD  HD3  sing N N 275 
PRO OXT HXT  sing N N 276 
PWB C10 N4   doub Y N 277 
PWB C10 N5   sing Y N 278 
PWB N4  C13  sing Y N 279 
PWB N5  C11  doub Y N 280 
PWB C13 N10  sing N N 281 
PWB C13 C12  doub Y N 282 
PWB C11 C12  sing Y N 283 
PWB C11 N6   sing Y N 284 
PWB C12 N7   sing Y N 285 
PWB F1  C16  sing N N 286 
PWB N6  C17  sing N N 287 
PWB N6  C14  sing Y N 288 
PWB C17 C16  sing N N 289 
PWB C17 O5   sing N N 290 
PWB C16 C15  sing N N 291 
PWB N7  C14  doub Y N 292 
PWB O5  C18  sing N N 293 
PWB O   P    doub N N 294 
PWB C15 C18  sing N N 295 
PWB C15 O7   sing N N 296 
PWB C18 C19  sing N N 297 
PWB O7  P    sing N N 298 
PWB P   S1   sing N N 299 
PWB P   O2   sing N N 300 
PWB N11 C3   sing N N 301 
PWB C19 O8   sing N N 302 
PWB N3  C2   sing Y N 303 
PWB N3  C4   doub Y N 304 
PWB O8  P1   sing N N 305 
PWB O2  C9   sing N N 306 
PWB C3  C2   doub Y N 307 
PWB C3  N    sing Y N 308 
PWB C2  C1   sing Y N 309 
PWB C4  N2   sing Y N 310 
PWB N   C    doub Y N 311 
PWB C9  C8   sing N N 312 
PWB O22 P1   doub N N 313 
PWB P1  O4   sing N N 314 
PWB P1  O10  sing N N 315 
PWB C1  N2   sing Y N 316 
PWB C1  N1   doub Y N 317 
PWB N2  C7   sing N N 318 
PWB C5  O10  sing N N 319 
PWB C5  C8   sing N N 320 
PWB C5  C6   sing N N 321 
PWB C   N1   sing Y N 322 
PWB C8  O1   sing N N 323 
PWB O1  C7   sing N N 324 
PWB C6  C7   sing N N 325 
PWB C6  F2   sing N N 326 
PWB C   H    sing N N 327 
PWB C10 H10  sing N N 328 
PWB C14 H14  sing N N 329 
PWB C15 H15  sing N N 330 
PWB C16 H16  sing N N 331 
PWB C17 H17  sing N N 332 
PWB C18 H18  sing N N 333 
PWB C19 H192 sing N N 334 
PWB C19 H191 sing N N 335 
PWB C4  H4   sing N N 336 
PWB C5  H5   sing N N 337 
PWB C6  H6   sing N N 338 
PWB C7  H7   sing N N 339 
PWB C8  H8   sing N N 340 
PWB C9  H91  sing N N 341 
PWB C9  H92  sing N N 342 
PWB N10 HN5  sing N N 343 
PWB N10 HN4  sing N N 344 
PWB O4  H1   sing N N 345 
PWB S1  HS1  sing N N 346 
PWB N11 HN3  sing N N 347 
PWB N11 HN1  sing N N 348 
PWB HN2 N11  sing N N 349 
PWB N10 HN6  sing N N 350 
SER N   CA   sing N N 351 
SER N   H    sing N N 352 
SER N   H2   sing N N 353 
SER CA  C    sing N N 354 
SER CA  CB   sing N N 355 
SER CA  HA   sing N N 356 
SER C   O    doub N N 357 
SER C   OXT  sing N N 358 
SER CB  OG   sing N N 359 
SER CB  HB2  sing N N 360 
SER CB  HB3  sing N N 361 
SER OG  HG   sing N N 362 
SER OXT HXT  sing N N 363 
THR N   CA   sing N N 364 
THR N   H    sing N N 365 
THR N   H2   sing N N 366 
THR CA  C    sing N N 367 
THR CA  CB   sing N N 368 
THR CA  HA   sing N N 369 
THR C   O    doub N N 370 
THR C   OXT  sing N N 371 
THR CB  OG1  sing N N 372 
THR CB  CG2  sing N N 373 
THR CB  HB   sing N N 374 
THR OG1 HG1  sing N N 375 
THR CG2 HG21 sing N N 376 
THR CG2 HG22 sing N N 377 
THR CG2 HG23 sing N N 378 
THR OXT HXT  sing N N 379 
TRP N   CA   sing N N 380 
TRP N   H    sing N N 381 
TRP N   H2   sing N N 382 
TRP CA  C    sing N N 383 
TRP CA  CB   sing N N 384 
TRP CA  HA   sing N N 385 
TRP C   O    doub N N 386 
TRP C   OXT  sing N N 387 
TRP CB  CG   sing N N 388 
TRP CB  HB2  sing N N 389 
TRP CB  HB3  sing N N 390 
TRP CG  CD1  doub Y N 391 
TRP CG  CD2  sing Y N 392 
TRP CD1 NE1  sing Y N 393 
TRP CD1 HD1  sing N N 394 
TRP CD2 CE2  doub Y N 395 
TRP CD2 CE3  sing Y N 396 
TRP NE1 CE2  sing Y N 397 
TRP NE1 HE1  sing N N 398 
TRP CE2 CZ2  sing Y N 399 
TRP CE3 CZ3  doub Y N 400 
TRP CE3 HE3  sing N N 401 
TRP CZ2 CH2  doub Y N 402 
TRP CZ2 HZ2  sing N N 403 
TRP CZ3 CH2  sing Y N 404 
TRP CZ3 HZ3  sing N N 405 
TRP CH2 HH2  sing N N 406 
TRP OXT HXT  sing N N 407 
TYR N   CA   sing N N 408 
TYR N   H    sing N N 409 
TYR N   H2   sing N N 410 
TYR CA  C    sing N N 411 
TYR CA  CB   sing N N 412 
TYR CA  HA   sing N N 413 
TYR C   O    doub N N 414 
TYR C   OXT  sing N N 415 
TYR CB  CG   sing N N 416 
TYR CB  HB2  sing N N 417 
TYR CB  HB3  sing N N 418 
TYR CG  CD1  doub Y N 419 
TYR CG  CD2  sing Y N 420 
TYR CD1 CE1  sing Y N 421 
TYR CD1 HD1  sing N N 422 
TYR CD2 CE2  doub Y N 423 
TYR CD2 HD2  sing N N 424 
TYR CE1 CZ   doub Y N 425 
TYR CE1 HE1  sing N N 426 
TYR CE2 CZ   sing Y N 427 
TYR CE2 HE2  sing N N 428 
TYR CZ  OH   sing N N 429 
TYR OH  HH   sing N N 430 
TYR OXT HXT  sing N N 431 
VAL N   CA   sing N N 432 
VAL N   H    sing N N 433 
VAL N   H2   sing N N 434 
VAL CA  C    sing N N 435 
VAL CA  CB   sing N N 436 
VAL CA  HA   sing N N 437 
VAL C   O    doub N N 438 
VAL C   OXT  sing N N 439 
VAL CB  CG1  sing N N 440 
VAL CB  CG2  sing N N 441 
VAL CB  HB   sing N N 442 
VAL CG1 HG11 sing N N 443 
VAL CG1 HG12 sing N N 444 
VAL CG1 HG13 sing N N 445 
VAL CG2 HG21 sing N N 446 
VAL CG2 HG22 sing N N 447 
VAL CG2 HG23 sing N N 448 
VAL OXT HXT  sing N N 449 
# 
_pdbx_entity_instance_feature.ordinal        1 
_pdbx_entity_instance_feature.comp_id        PWB 
_pdbx_entity_instance_feature.asym_id        ? 
_pdbx_entity_instance_feature.seq_num        ? 
_pdbx_entity_instance_feature.auth_comp_id   PWB 
_pdbx_entity_instance_feature.auth_asym_id   ? 
_pdbx_entity_instance_feature.auth_seq_num   ? 
_pdbx_entity_instance_feature.feature_type   'SUBJECT OF INVESTIGATION' 
_pdbx_entity_instance_feature.details        ? 
# 
_pdbx_initial_refinement_model.id               1 
_pdbx_initial_refinement_model.entity_id_list   ? 
_pdbx_initial_refinement_model.type             'experimental model' 
_pdbx_initial_refinement_model.source_name      PDB 
_pdbx_initial_refinement_model.accession_code   4KSY 
_pdbx_initial_refinement_model.details          ? 
# 
_atom_sites.entry_id                    6YWB 
_atom_sites.Cartn_transf_matrix[1][1]   ? 
_atom_sites.Cartn_transf_matrix[1][2]   ? 
_atom_sites.Cartn_transf_matrix[1][3]   ? 
_atom_sites.Cartn_transf_matrix[2][1]   ? 
_atom_sites.Cartn_transf_matrix[2][2]   ? 
_atom_sites.Cartn_transf_matrix[2][3]   ? 
_atom_sites.Cartn_transf_matrix[3][1]   ? 
_atom_sites.Cartn_transf_matrix[3][2]   ? 
_atom_sites.Cartn_transf_matrix[3][3]   ? 
_atom_sites.Cartn_transf_vector[1]      ? 
_atom_sites.Cartn_transf_vector[2]      ? 
_atom_sites.Cartn_transf_vector[3]      ? 
_atom_sites.fract_transf_matrix[1][1]   0.00831792 
_atom_sites.fract_transf_matrix[1][2]   0.00234746 
_atom_sites.fract_transf_matrix[1][3]   0.00257058 
_atom_sites.fract_transf_matrix[2][1]   0.00124708 
_atom_sites.fract_transf_matrix[2][2]   -0.00822586 
_atom_sites.fract_transf_matrix[2][3]   0.00347655 
_atom_sites.fract_transf_matrix[3][1]   0.01010502 
_atom_sites.fract_transf_matrix[3][2]   -0.00886566 
_atom_sites.fract_transf_matrix[3][3]   -0.02460183 
_atom_sites.fract_transf_vector[1]      -0.099468 
_atom_sites.fract_transf_vector[2]      0.260842 
_atom_sites.fract_transf_vector[3]      -0.222766 
_atom_sites.solution_primary            ? 
_atom_sites.solution_secondary          ? 
_atom_sites.solution_hydrogens          ? 
_atom_sites.special_details             ? 
# 
loop_
_atom_type.symbol 
C 
F 
N 
O 
P 
S 
# 
loop_
_atom_site.group_PDB 
_atom_site.id 
_atom_site.type_symbol 
_atom_site.label_atom_id 
_atom_site.label_alt_id 
_atom_site.label_comp_id 
_atom_site.label_asym_id 
_atom_site.label_entity_id 
_atom_site.label_seq_id 
_atom_site.pdbx_PDB_ins_code 
_atom_site.Cartn_x 
_atom_site.Cartn_y 
_atom_site.Cartn_z 
_atom_site.occupancy 
_atom_site.B_iso_or_equiv 
_atom_site.pdbx_formal_charge 
_atom_site.auth_seq_id 
_atom_site.auth_comp_id 
_atom_site.auth_asym_id 
_atom_site.auth_atom_id 
_atom_site.pdbx_PDB_model_num 
ATOM   1    N N   . ASN A 1 15  ? -18.558 -11.399 -0.217  1.00 48.15 ? 154 ASN A N   1 
ATOM   2    C CA  . ASN A 1 15  ? -17.386 -11.292 -1.079  1.00 43.72 ? 154 ASN A CA  1 
ATOM   3    C C   . ASN A 1 15  ? -17.187 -9.858  -1.556  1.00 44.83 ? 154 ASN A C   1 
ATOM   4    O O   . ASN A 1 15  ? -16.933 -9.617  -2.736  1.00 50.07 ? 154 ASN A O   1 
ATOM   5    C CB  . ASN A 1 15  ? -17.515 -12.233 -2.279  1.00 38.38 ? 154 ASN A CB  1 
ATOM   6    N N   . VAL A 1 16  ? -17.304 -8.907  -0.625  1.00 41.85 ? 155 VAL A N   1 
ATOM   7    C CA  . VAL A 1 16  ? -17.130 -7.500  -0.973  1.00 41.83 ? 155 VAL A CA  1 
ATOM   8    C C   . VAL A 1 16  ? -15.681 -7.208  -1.344  1.00 38.03 ? 155 VAL A C   1 
ATOM   9    O O   . VAL A 1 16  ? -15.409 -6.327  -2.172  1.00 30.26 ? 155 VAL A O   1 
ATOM   10   C CB  . VAL A 1 16  ? -17.618 -6.610  0.188   1.00 41.60 ? 155 VAL A CB  1 
ATOM   11   C CG1 . VAL A 1 16  ? -16.946 -7.016  1.496   1.00 58.92 ? 155 VAL A CG1 1 
ATOM   12   C CG2 . VAL A 1 16  ? -17.382 -5.136  -0.112  1.00 37.50 ? 155 VAL A CG2 1 
ATOM   13   N N   . ALA A 1 17  ? -14.730 -7.949  -0.769  1.00 36.74 ? 156 ALA A N   1 
ATOM   14   C CA  . ALA A 1 17  ? -13.319 -7.688  -1.024  1.00 34.69 ? 156 ALA A CA  1 
ATOM   15   C C   . ALA A 1 17  ? -12.916 -7.982  -2.463  1.00 34.00 ? 156 ALA A C   1 
ATOM   16   O O   . ALA A 1 17  ? -11.908 -7.441  -2.931  1.00 33.05 ? 156 ALA A O   1 
ATOM   17   C CB  . ALA A 1 17  ? -12.453 -8.506  -0.069  1.00 27.89 ? 156 ALA A CB  1 
ATOM   18   N N   . HIS A 1 18  ? -13.670 -8.826  -3.171  1.00 40.84 ? 157 HIS A N   1 
ATOM   19   C CA  . HIS A 1 18  ? -13.328 -9.145  -4.554  1.00 31.23 ? 157 HIS A CA  1 
ATOM   20   C C   . HIS A 1 18  ? -13.411 -7.907  -5.438  1.00 33.43 ? 157 HIS A C   1 
ATOM   21   O O   . HIS A 1 18  ? -12.505 -7.636  -6.233  1.00 31.76 ? 157 HIS A O   1 
ATOM   22   C CB  . HIS A 1 18  ? -14.248 -10.248 -5.079  1.00 30.05 ? 157 HIS A CB  1 
ATOM   23   C CG  . HIS A 1 18  ? -14.039 -10.569 -6.526  1.00 34.28 ? 157 HIS A CG  1 
ATOM   24   N ND1 . HIS A 1 18  ? -13.023 -11.389 -6.968  1.00 37.72 ? 157 HIS A ND1 1 
ATOM   25   C CD2 . HIS A 1 18  ? -14.717 -10.182 -7.633  1.00 33.97 ? 157 HIS A CD2 1 
ATOM   26   C CE1 . HIS A 1 18  ? -13.084 -11.493 -8.284  1.00 47.11 ? 157 HIS A CE1 1 
ATOM   27   N NE2 . HIS A 1 18  ? -14.102 -10.769 -8.712  1.00 44.14 ? 157 HIS A NE2 1 
ATOM   28   N N   . GLY A 1 19  ? -14.496 -7.141  -5.311  1.00 32.22 ? 158 GLY A N   1 
ATOM   29   C CA  . GLY A 1 19  ? -14.634 -5.932  -6.101  1.00 21.32 ? 158 GLY A CA  1 
ATOM   30   C C   . GLY A 1 19  ? -13.696 -4.825  -5.668  1.00 21.92 ? 158 GLY A C   1 
ATOM   31   O O   . GLY A 1 19  ? -13.265 -4.014  -6.492  1.00 30.36 ? 158 GLY A O   1 
ATOM   32   N N   . LEU A 1 20  ? -13.366 -4.771  -4.375  1.00 34.74 ? 159 LEU A N   1 
ATOM   33   C CA  . LEU A 1 20  ? -12.438 -3.751  -3.894  1.00 35.59 ? 159 LEU A CA  1 
ATOM   34   C C   . LEU A 1 20  ? -11.021 -4.025  -4.379  1.00 27.87 ? 159 LEU A C   1 
ATOM   35   O O   . LEU A 1 20  ? -10.283 -3.091  -4.712  1.00 31.64 ? 159 LEU A O   1 
ATOM   36   C CB  . LEU A 1 20  ? -12.480 -3.675  -2.369  1.00 35.97 ? 159 LEU A CB  1 
ATOM   37   C CG  . LEU A 1 20  ? -13.805 -3.236  -1.739  1.00 33.32 ? 159 LEU A CG  1 
ATOM   38   C CD1 . LEU A 1 20  ? -13.597 -2.817  -0.292  1.00 32.39 ? 159 LEU A CD1 1 
ATOM   39   C CD2 . LEU A 1 20  ? -14.435 -2.110  -2.543  1.00 27.89 ? 159 LEU A CD2 1 
ATOM   40   N N   . ALA A 1 21  ? -10.622 -5.298  -4.425  1.00 36.21 ? 160 ALA A N   1 
ATOM   41   C CA  . ALA A 1 21  ? -9.288  -5.634  -4.910  1.00 29.30 ? 160 ALA A CA  1 
ATOM   42   C C   . ALA A 1 21  ? -9.159  -5.367  -6.403  1.00 32.68 ? 160 ALA A C   1 
ATOM   43   O O   . ALA A 1 21  ? -8.118  -4.885  -6.866  1.00 29.12 ? 160 ALA A O   1 
ATOM   44   C CB  . ALA A 1 21  ? -8.966  -7.093  -4.593  1.00 25.20 ? 160 ALA A CB  1 
ATOM   45   N N   . TRP A 1 22  ? -10.203 -5.672  -7.177  1.00 26.67 ? 161 TRP A N   1 
ATOM   46   C CA  . TRP A 1 22  ? -10.156 -5.403  -8.609  1.00 27.09 ? 161 TRP A CA  1 
ATOM   47   C C   . TRP A 1 22  ? -10.206 -3.910  -8.899  1.00 29.17 ? 161 TRP A C   1 
ATOM   48   O O   . TRP A 1 22  ? -9.612  -3.449  -9.879  1.00 35.96 ? 161 TRP A O   1 
ATOM   49   C CB  . TRP A 1 22  ? -11.298 -6.127  -9.320  1.00 21.89 ? 161 TRP A CB  1 
ATOM   50   C CG  . TRP A 1 22  ? -10.897 -7.474  -9.819  1.00 33.45 ? 161 TRP A CG  1 
ATOM   51   C CD1 . TRP A 1 22  ? -11.159 -8.677  -9.233  1.00 20.51 ? 161 TRP A CD1 1 
ATOM   52   C CD2 . TRP A 1 22  ? -10.135 -7.756  -10.997 1.00 36.27 ? 161 TRP A CD2 1 
ATOM   53   N NE1 . TRP A 1 22  ? -10.615 -9.693  -9.981  1.00 42.57 ? 161 TRP A NE1 1 
ATOM   54   C CE2 . TRP A 1 22  ? -9.981  -9.153  -11.069 1.00 30.96 ? 161 TRP A CE2 1 
ATOM   55   C CE3 . TRP A 1 22  ? -9.574  -6.961  -12.000 1.00 33.69 ? 161 TRP A CE3 1 
ATOM   56   C CZ2 . TRP A 1 22  ? -9.288  -9.774  -12.106 1.00 36.01 ? 161 TRP A CZ2 1 
ATOM   57   C CZ3 . TRP A 1 22  ? -8.888  -7.578  -13.028 1.00 41.74 ? 161 TRP A CZ3 1 
ATOM   58   C CH2 . TRP A 1 22  ? -8.752  -8.971  -13.073 1.00 36.08 ? 161 TRP A CH2 1 
ATOM   59   N N   . SER A 1 23  ? -10.903 -3.141  -8.063  1.00 31.32 ? 162 SER A N   1 
ATOM   60   C CA  . SER A 1 23  ? -10.905 -1.693  -8.213  1.00 25.36 ? 162 SER A CA  1 
ATOM   61   C C   . SER A 1 23  ? -9.606  -1.075  -7.715  1.00 25.46 ? 162 SER A C   1 
ATOM   62   O O   . SER A 1 23  ? -9.175  -0.039  -8.238  1.00 24.75 ? 162 SER A O   1 
ATOM   63   C CB  . SER A 1 23  ? -12.101 -1.092  -7.475  1.00 26.34 ? 162 SER A CB  1 
ATOM   64   O OG  . SER A 1 23  ? -11.926 0.296   -7.262  1.00 44.56 ? 162 SER A OG  1 
ATOM   65   N N   . TYR A 1 24  ? -8.972  -1.696  -6.716  1.00 22.96 ? 163 TYR A N   1 
ATOM   66   C CA  . TYR A 1 24  ? -7.670  -1.232  -6.255  1.00 25.20 ? 163 TYR A CA  1 
ATOM   67   C C   . TYR A 1 24  ? -6.608  -1.389  -7.334  1.00 30.97 ? 163 TYR A C   1 
ATOM   68   O O   . TYR A 1 24  ? -5.633  -0.630  -7.365  1.00 34.17 ? 163 TYR A O   1 
ATOM   69   C CB  . TYR A 1 24  ? -7.271  -1.995  -4.993  1.00 29.35 ? 163 TYR A CB  1 
ATOM   70   C CG  . TYR A 1 24  ? -5.981  -1.530  -4.353  1.00 27.91 ? 163 TYR A CG  1 
ATOM   71   C CD1 . TYR A 1 24  ? -5.856  -0.245  -3.845  1.00 30.15 ? 163 TYR A CD1 1 
ATOM   72   C CD2 . TYR A 1 24  ? -4.892  -2.387  -4.241  1.00 28.11 ? 163 TYR A CD2 1 
ATOM   73   C CE1 . TYR A 1 24  ? -4.682  0.179   -3.251  1.00 34.08 ? 163 TYR A CE1 1 
ATOM   74   C CE2 . TYR A 1 24  ? -3.714  -1.973  -3.649  1.00 27.12 ? 163 TYR A CE2 1 
ATOM   75   C CZ  . TYR A 1 24  ? -3.613  -0.690  -3.157  1.00 37.18 ? 163 TYR A CZ  1 
ATOM   76   O OH  . TYR A 1 24  ? -2.441  -0.273  -2.566  1.00 33.11 ? 163 TYR A OH  1 
ATOM   77   N N   . TYR A 1 25  ? -6.776  -2.365  -8.225  1.00 34.94 ? 164 TYR A N   1 
ATOM   78   C CA  . TYR A 1 25  ? -5.839  -2.587  -9.317  1.00 30.23 ? 164 TYR A CA  1 
ATOM   79   C C   . TYR A 1 25  ? -6.191  -1.753  -10.545 1.00 30.39 ? 164 TYR A C   1 
ATOM   80   O O   . TYR A 1 25  ? -5.330  -1.058  -11.093 1.00 32.40 ? 164 TYR A O   1 
ATOM   81   C CB  . TYR A 1 25  ? -5.801  -4.077  -9.677  1.00 29.82 ? 164 TYR A CB  1 
ATOM   82   C CG  . TYR A 1 25  ? -5.174  -4.376  -11.021 1.00 35.88 ? 164 TYR A CG  1 
ATOM   83   C CD1 . TYR A 1 25  ? -3.796  -4.321  -11.194 1.00 30.81 ? 164 TYR A CD1 1 
ATOM   84   C CD2 . TYR A 1 25  ? -5.959  -4.718  -12.114 1.00 32.37 ? 164 TYR A CD2 1 
ATOM   85   C CE1 . TYR A 1 25  ? -3.219  -4.596  -12.420 1.00 31.04 ? 164 TYR A CE1 1 
ATOM   86   C CE2 . TYR A 1 25  ? -5.392  -4.993  -13.345 1.00 35.79 ? 164 TYR A CE2 1 
ATOM   87   C CZ  . TYR A 1 25  ? -4.021  -4.931  -13.492 1.00 43.70 ? 164 TYR A CZ  1 
ATOM   88   O OH  . TYR A 1 25  ? -3.454  -5.206  -14.716 1.00 43.06 ? 164 TYR A OH  1 
ATOM   89   N N   . ILE A 1 26  ? -7.455  -1.798  -10.974 1.00 22.51 ? 165 ILE A N   1 
ATOM   90   C CA  . ILE A 1 26  ? -7.856  -1.102  -12.195 1.00 35.43 ? 165 ILE A CA  1 
ATOM   91   C C   . ILE A 1 26  ? -7.721  0.407   -12.026 1.00 34.30 ? 165 ILE A C   1 
ATOM   92   O O   . ILE A 1 26  ? -7.241  1.108   -12.926 1.00 38.79 ? 165 ILE A O   1 
ATOM   93   C CB  . ILE A 1 26  ? -9.292  -1.503  -12.590 1.00 35.93 ? 165 ILE A CB  1 
ATOM   94   C CG1 . ILE A 1 26  ? -9.322  -2.947  -13.096 1.00 37.30 ? 165 ILE A CG1 1 
ATOM   95   C CG2 . ILE A 1 26  ? -9.849  -0.555  -13.642 1.00 35.76 ? 165 ILE A CG2 1 
ATOM   96   C CD1 . ILE A 1 26  ? -10.708 -3.438  -13.452 1.00 39.95 ? 165 ILE A CD1 1 
ATOM   97   N N   . GLY A 1 27  ? -8.134  0.931   -10.877 1.00 31.40 ? 166 GLY A N   1 
ATOM   98   C CA  . GLY A 1 27  ? -8.133  2.357   -10.633 1.00 26.58 ? 166 GLY A CA  1 
ATOM   99   C C   . GLY A 1 27  ? -6.935  2.910   -9.890  1.00 26.16 ? 166 GLY A C   1 
ATOM   100  O O   . GLY A 1 27  ? -6.993  4.055   -9.426  1.00 37.72 ? 166 GLY A O   1 
ATOM   101  N N   . TYR A 1 28  ? -5.849  2.147   -9.760  1.00 25.23 ? 167 TYR A N   1 
ATOM   102  C CA  . TYR A 1 28  ? -4.681  2.636   -9.036  1.00 24.66 ? 167 TYR A CA  1 
ATOM   103  C C   . TYR A 1 28  ? -3.398  1.946   -9.482  1.00 31.47 ? 167 TYR A C   1 
ATOM   104  O O   . TYR A 1 28  ? -2.552  2.567   -10.134 1.00 37.80 ? 167 TYR A O   1 
ATOM   105  C CB  . TYR A 1 28  ? -4.875  2.450   -7.530  1.00 26.66 ? 167 TYR A CB  1 
ATOM   106  C CG  . TYR A 1 28  ? -3.797  3.091   -6.685  1.00 28.97 ? 167 TYR A CG  1 
ATOM   107  C CD1 . TYR A 1 28  ? -3.400  4.404   -6.910  1.00 28.92 ? 167 TYR A CD1 1 
ATOM   108  C CD2 . TYR A 1 28  ? -3.177  2.386   -5.661  1.00 28.59 ? 167 TYR A CD2 1 
ATOM   109  C CE1 . TYR A 1 28  ? -2.416  4.995   -6.141  1.00 25.69 ? 167 TYR A CE1 1 
ATOM   110  C CE2 . TYR A 1 28  ? -2.191  2.970   -4.886  1.00 25.91 ? 167 TYR A CE2 1 
ATOM   111  C CZ  . TYR A 1 28  ? -1.815  4.276   -5.131  1.00 27.77 ? 167 TYR A CZ  1 
ATOM   112  O OH  . TYR A 1 28  ? -0.836  4.863   -4.363  1.00 23.04 ? 167 TYR A OH  1 
ATOM   113  N N   . LEU A 1 29  ? -3.243  0.666   -9.129  1.00 24.48 ? 168 LEU A N   1 
ATOM   114  C CA  . LEU A 1 29  ? -1.988  -0.031  -9.393  1.00 27.89 ? 168 LEU A CA  1 
ATOM   115  C C   . LEU A 1 29  ? -1.694  -0.109  -10.886 1.00 35.18 ? 168 LEU A C   1 
ATOM   116  O O   . LEU A 1 29  ? -0.547  0.069   -11.309 1.00 30.69 ? 168 LEU A O   1 
ATOM   117  C CB  . LEU A 1 29  ? -2.026  -1.432  -8.780  1.00 31.72 ? 168 LEU A CB  1 
ATOM   118  C CG  . LEU A 1 29  ? -2.024  -1.494  -7.251  1.00 32.35 ? 168 LEU A CG  1 
ATOM   119  C CD1 . LEU A 1 29  ? -1.860  -2.927  -6.767  1.00 33.06 ? 168 LEU A CD1 1 
ATOM   120  C CD2 . LEU A 1 29  ? -0.933  -0.601  -6.678  1.00 22.00 ? 168 LEU A CD2 1 
ATOM   121  N N   . ARG A 1 30  ? -2.718  -0.368  -11.700 1.00 36.62 ? 169 ARG A N   1 
ATOM   122  C CA  . ARG A 1 30  ? -2.527  -0.391  -13.145 1.00 34.94 ? 169 ARG A CA  1 
ATOM   123  C C   . ARG A 1 30  ? -2.098  0.969   -13.686 1.00 39.33 ? 169 ARG A C   1 
ATOM   124  O O   . ARG A 1 30  ? -1.468  1.034   -14.747 1.00 43.88 ? 169 ARG A O   1 
ATOM   125  C CB  . ARG A 1 30  ? -3.818  -0.864  -13.823 1.00 30.24 ? 169 ARG A CB  1 
ATOM   126  C CG  . ARG A 1 30  ? -3.825  -0.802  -15.339 1.00 41.46 ? 169 ARG A CG  1 
ATOM   127  C CD  . ARG A 1 30  ? -5.074  -0.097  -15.846 1.00 63.33 ? 169 ARG A CD  1 
ATOM   128  N NE  . ARG A 1 30  ? -6.139  -1.040  -16.176 1.00 61.43 ? 169 ARG A NE  1 
ATOM   129  C CZ  . ARG A 1 30  ? -7.403  -0.691  -16.393 1.00 49.71 ? 169 ARG A CZ  1 
ATOM   130  N NH1 . ARG A 1 30  ? -7.766  0.581   -16.314 1.00 39.69 ? 169 ARG A NH1 1 
ATOM   131  N NH2 . ARG A 1 30  ? -8.305  -1.616  -16.692 1.00 61.61 ? 169 ARG A NH2 1 
ATOM   132  N N   . LEU A 1 31  ? -2.391  2.050   -12.963 1.00 33.04 ? 170 LEU A N   1 
ATOM   133  C CA  . LEU A 1 31  ? -2.108  3.397   -13.441 1.00 42.45 ? 170 LEU A CA  1 
ATOM   134  C C   . LEU A 1 31  ? -0.763  3.934   -12.962 1.00 43.63 ? 170 LEU A C   1 
ATOM   135  O O   . LEU A 1 31  ? -0.078  4.634   -13.717 1.00 39.29 ? 170 LEU A O   1 
ATOM   136  C CB  . LEU A 1 31  ? -3.223  4.353   -13.001 1.00 30.01 ? 170 LEU A CB  1 
ATOM   137  C CG  . LEU A 1 31  ? -4.649  4.025   -13.450 1.00 46.63 ? 170 LEU A CG  1 
ATOM   138  C CD1 . LEU A 1 31  ? -5.574  5.202   -13.179 1.00 37.29 ? 170 LEU A CD1 1 
ATOM   139  C CD2 . LEU A 1 31  ? -4.685  3.639   -14.921 1.00 45.55 ? 170 LEU A CD2 1 
ATOM   140  N N   . ILE A 1 32  ? -0.365  3.626   -11.727 1.00 22.53 ? 171 ILE A N   1 
ATOM   141  C CA  . ILE A 1 32  ? 0.793   4.280   -11.124 1.00 35.33 ? 171 ILE A CA  1 
ATOM   142  C C   . ILE A 1 32  ? 2.041   3.414   -11.231 1.00 35.31 ? 171 ILE A C   1 
ATOM   143  O O   . ILE A 1 32  ? 3.164   3.933   -11.241 1.00 40.09 ? 171 ILE A O   1 
ATOM   144  C CB  . ILE A 1 32  ? 0.513   4.652   -9.654  1.00 30.92 ? 171 ILE A CB  1 
ATOM   145  C CG1 . ILE A 1 32  ? 0.345   3.395   -8.799  1.00 30.50 ? 171 ILE A CG1 1 
ATOM   146  C CG2 . ILE A 1 32  ? -0.718  5.542   -9.554  1.00 24.36 ? 171 ILE A CG2 1 
ATOM   147  C CD1 . ILE A 1 32  ? 0.820   3.563   -7.371  1.00 26.42 ? 171 ILE A CD1 1 
ATOM   148  N N   . LEU A 1 33  ? 1.868   2.098   -11.312 1.00 34.98 ? 172 LEU A N   1 
ATOM   149  C CA  . LEU A 1 33  ? 3.012   1.194   -11.356 1.00 45.58 ? 172 LEU A CA  1 
ATOM   150  C C   . LEU A 1 33  ? 3.819   1.328   -12.648 1.00 47.05 ? 172 LEU A C   1 
ATOM   151  O O   . LEU A 1 33  ? 5.054   1.276   -12.594 1.00 42.52 ? 172 LEU A O   1 
ATOM   152  C CB  . LEU A 1 33  ? 2.563   -0.258  -11.159 1.00 35.33 ? 172 LEU A CB  1 
ATOM   153  C CG  . LEU A 1 33  ? 2.184   -0.651  -9.727  1.00 37.48 ? 172 LEU A CG  1 
ATOM   154  C CD1 . LEU A 1 33  ? 1.960   -2.152  -9.619  1.00 32.59 ? 172 LEU A CD1 1 
ATOM   155  C CD2 . LEU A 1 33  ? 3.240   -0.187  -8.736  1.00 36.01 ? 172 LEU A CD2 1 
ATOM   156  N N   . PRO A 1 34  ? 3.192   1.485   -13.824 1.00 43.58 ? 173 PRO A N   1 
ATOM   157  C CA  . PRO A 1 34  ? 4.000   1.722   -15.034 1.00 45.87 ? 173 PRO A CA  1 
ATOM   158  C C   . PRO A 1 34  ? 4.842   2.986   -14.971 1.00 42.28 ? 173 PRO A C   1 
ATOM   159  O O   . PRO A 1 34  ? 5.875   3.062   -15.648 1.00 50.99 ? 173 PRO A O   1 
ATOM   160  C CB  . PRO A 1 34  ? 2.948   1.802   -16.148 1.00 37.50 ? 173 PRO A CB  1 
ATOM   161  C CG  . PRO A 1 34  ? 1.822   0.987   -15.650 1.00 37.73 ? 173 PRO A CG  1 
ATOM   162  C CD  . PRO A 1 34  ? 1.779   1.234   -14.170 1.00 40.65 ? 173 PRO A CD  1 
ATOM   163  N N   . GLU A 1 35  ? 4.437   3.979   -14.182 1.00 41.62 ? 174 GLU A N   1 
ATOM   164  C CA  . GLU A 1 35  ? 5.167   5.235   -14.070 1.00 36.23 ? 174 GLU A CA  1 
ATOM   165  C C   . GLU A 1 35  ? 5.955   5.354   -12.772 1.00 43.21 ? 174 GLU A C   1 
ATOM   166  O O   . GLU A 1 35  ? 6.576   6.395   -12.535 1.00 40.34 ? 174 GLU A O   1 
ATOM   167  C CB  . GLU A 1 35  ? 4.200   6.418   -14.188 1.00 39.42 ? 174 GLU A CB  1 
ATOM   168  C CG  . GLU A 1 35  ? 3.237   6.328   -15.362 1.00 55.66 ? 174 GLU A CG  1 
ATOM   169  C CD  . GLU A 1 35  ? 3.906   6.626   -16.690 1.00 61.26 ? 174 GLU A CD  1 
ATOM   170  O OE1 . GLU A 1 35  ? 4.910   7.368   -16.698 1.00 62.26 ? 174 GLU A OE1 1 
ATOM   171  O OE2 . GLU A 1 35  ? 3.427   6.118   -17.725 1.00 70.16 ? 174 GLU A OE2 1 
ATOM   172  N N   . LEU A 1 36  ? 5.952   4.317   -11.932 1.00 39.95 ? 175 LEU A N   1 
ATOM   173  C CA  . LEU A 1 36  ? 6.601   4.422   -10.629 1.00 36.60 ? 175 LEU A CA  1 
ATOM   174  C C   . LEU A 1 36  ? 8.120   4.424   -10.757 1.00 39.24 ? 175 LEU A C   1 
ATOM   175  O O   . LEU A 1 36  ? 8.808   5.128   -10.008 1.00 42.11 ? 175 LEU A O   1 
ATOM   176  C CB  . LEU A 1 36  ? 6.144   3.281   -9.723  1.00 32.37 ? 175 LEU A CB  1 
ATOM   177  C CG  . LEU A 1 36  ? 6.652   3.346   -8.283  1.00 35.05 ? 175 LEU A CG  1 
ATOM   178  C CD1 . LEU A 1 36  ? 5.807   4.304   -7.455  1.00 31.39 ? 175 LEU A CD1 1 
ATOM   179  C CD2 . LEU A 1 36  ? 6.674   1.960   -7.662  1.00 43.72 ? 175 LEU A CD2 1 
ATOM   180  N N   . GLN A 1 37  ? 8.660   3.640   -11.692 1.00 44.52 ? 176 GLN A N   1 
ATOM   181  C CA  . GLN A 1 37  ? 10.111  3.572   -11.847 1.00 39.07 ? 176 GLN A CA  1 
ATOM   182  C C   . GLN A 1 37  ? 10.684  4.906   -12.303 1.00 38.06 ? 176 GLN A C   1 
ATOM   183  O O   . GLN A 1 37  ? 11.765  5.310   -11.859 1.00 57.80 ? 176 GLN A O   1 
ATOM   184  C CB  . GLN A 1 37  ? 10.481  2.462   -12.831 1.00 48.35 ? 176 GLN A CB  1 
ATOM   185  N N   . ALA A 1 38  ? 9.972   5.611   -13.188 1.00 48.76 ? 177 ALA A N   1 
ATOM   186  C CA  . ALA A 1 38  ? 10.457  6.903   -13.661 1.00 46.74 ? 177 ALA A CA  1 
ATOM   187  C C   . ALA A 1 38  ? 10.371  7.969   -12.578 1.00 47.86 ? 177 ALA A C   1 
ATOM   188  O O   . ALA A 1 38  ? 11.221  8.868   -12.525 1.00 50.68 ? 177 ALA A O   1 
ATOM   189  C CB  . ALA A 1 38  ? 9.673   7.338   -14.899 1.00 32.62 ? 177 ALA A CB  1 
ATOM   190  N N   . ARG A 1 39  ? 9.363   7.893   -11.707 1.00 45.91 ? 178 ARG A N   1 
ATOM   191  C CA  . ARG A 1 39  ? 9.224   8.890   -10.650 1.00 39.84 ? 178 ARG A CA  1 
ATOM   192  C C   . ARG A 1 39  ? 10.273  8.695   -9.564  1.00 45.20 ? 178 ARG A C   1 
ATOM   193  O O   . ARG A 1 39  ? 10.776  9.673   -8.997  1.00 48.12 ? 178 ARG A O   1 
ATOM   194  C CB  . ARG A 1 39  ? 7.817   8.833   -10.057 1.00 49.56 ? 178 ARG A CB  1 
ATOM   195  C CG  . ARG A 1 39  ? 6.728   9.315   -11.003 1.00 43.63 ? 178 ARG A CG  1 
ATOM   196  C CD  . ARG A 1 39  ? 5.348   8.939   -10.491 1.00 36.76 ? 178 ARG A CD  1 
ATOM   197  N NE  . ARG A 1 39  ? 5.040   9.588   -9.220  1.00 35.63 ? 178 ARG A NE  1 
ATOM   198  C CZ  . ARG A 1 39  ? 4.296   9.041   -8.264  1.00 40.23 ? 178 ARG A CZ  1 
ATOM   199  N NH1 . ARG A 1 39  ? 3.788   7.829   -8.429  1.00 28.57 ? 178 ARG A NH1 1 
ATOM   200  N NH2 . ARG A 1 39  ? 4.065   9.706   -7.139  1.00 33.11 ? 178 ARG A NH2 1 
ATOM   201  N N   . ILE A 1 40  ? 10.613  7.442   -9.256  1.00 50.79 ? 179 ILE A N   1 
ATOM   202  C CA  . ILE A 1 40  ? 11.647  7.180   -8.259  1.00 48.82 ? 179 ILE A CA  1 
ATOM   203  C C   . ILE A 1 40  ? 13.015  7.597   -8.788  1.00 55.31 ? 179 ILE A C   1 
ATOM   204  O O   . ILE A 1 40  ? 13.831  8.168   -8.054  1.00 58.06 ? 179 ILE A O   1 
ATOM   205  C CB  . ILE A 1 40  ? 11.623  5.699   -7.842  1.00 40.12 ? 179 ILE A CB  1 
ATOM   206  C CG1 . ILE A 1 40  ? 10.303  5.363   -7.146  1.00 39.71 ? 179 ILE A CG1 1 
ATOM   207  C CG2 . ILE A 1 40  ? 12.797  5.378   -6.930  1.00 49.31 ? 179 ILE A CG2 1 
ATOM   208  C CD1 . ILE A 1 40  ? 10.177  3.910   -6.743  1.00 29.51 ? 179 ILE A CD1 1 
ATOM   209  N N   . ARG A 1 41  ? 13.282  7.330   -10.069 1.00 54.92 ? 180 ARG A N   1 
ATOM   210  C CA  . ARG A 1 41  ? 14.552  7.740   -10.659 1.00 51.40 ? 180 ARG A CA  1 
ATOM   211  C C   . ARG A 1 41  ? 14.681  9.257   -10.716 1.00 56.77 ? 180 ARG A C   1 
ATOM   212  O O   . ARG A 1 41  ? 15.794  9.786   -10.616 1.00 67.85 ? 180 ARG A O   1 
ATOM   213  C CB  . ARG A 1 41  ? 14.698  7.143   -12.059 1.00 50.76 ? 180 ARG A CB  1 
ATOM   214  N N   . THR A 1 42  ? 13.562  9.969   -10.870 1.00 56.89 ? 181 THR A N   1 
ATOM   215  C CA  . THR A 1 42  ? 13.611  11.427  -10.884 1.00 44.90 ? 181 THR A CA  1 
ATOM   216  C C   . THR A 1 42  ? 13.950  11.979  -9.505  1.00 56.99 ? 181 THR A C   1 
ATOM   217  O O   . THR A 1 42  ? 14.741  12.922  -9.384  1.00 66.80 ? 181 THR A O   1 
ATOM   218  C CB  . THR A 1 42  ? 12.279  11.993  -11.376 1.00 49.81 ? 181 THR A CB  1 
ATOM   219  O OG1 . THR A 1 42  ? 11.966  11.439  -12.661 1.00 50.80 ? 181 THR A OG1 1 
ATOM   220  C CG2 . THR A 1 42  ? 12.352  13.509  -11.491 1.00 41.58 ? 181 THR A CG2 1 
ATOM   221  N N   . TYR A 1 43  ? 13.362  11.404  -8.453  1.00 57.77 ? 182 TYR A N   1 
ATOM   222  C CA  . TYR A 1 43  ? 13.659  11.862  -7.099  1.00 55.99 ? 182 TYR A CA  1 
ATOM   223  C C   . TYR A 1 43  ? 15.088  11.513  -6.698  1.00 57.58 ? 182 TYR A C   1 
ATOM   224  O O   . TYR A 1 43  ? 15.742  12.281  -5.981  1.00 54.63 ? 182 TYR A O   1 
ATOM   225  C CB  . TYR A 1 43  ? 12.661  11.259  -6.110  1.00 37.87 ? 182 TYR A CB  1 
ATOM   226  C CG  . TYR A 1 43  ? 12.908  11.658  -4.671  1.00 46.95 ? 182 TYR A CG  1 
ATOM   227  C CD1 . TYR A 1 43  ? 13.628  10.833  -3.815  1.00 39.63 ? 182 TYR A CD1 1 
ATOM   228  C CD2 . TYR A 1 43  ? 12.421  12.858  -4.170  1.00 38.20 ? 182 TYR A CD2 1 
ATOM   229  C CE1 . TYR A 1 43  ? 13.859  11.195  -2.501  1.00 28.27 ? 182 TYR A CE1 1 
ATOM   230  C CE2 . TYR A 1 43  ? 12.646  13.228  -2.857  1.00 36.55 ? 182 TYR A CE2 1 
ATOM   231  C CZ  . TYR A 1 43  ? 13.365  12.392  -2.028  1.00 47.03 ? 182 TYR A CZ  1 
ATOM   232  O OH  . TYR A 1 43  ? 13.592  12.755  -0.720  1.00 41.91 ? 182 TYR A OH  1 
ATOM   233  N N   . ASN A 1 44  ? 15.588  10.361  -7.149  1.00 55.03 ? 183 ASN A N   1 
ATOM   234  C CA  . ASN A 1 44  ? 16.940  9.947   -6.791  1.00 54.63 ? 183 ASN A CA  1 
ATOM   235  C C   . ASN A 1 44  ? 17.981  10.865  -7.420  1.00 70.13 ? 183 ASN A C   1 
ATOM   236  O O   . ASN A 1 44  ? 18.931  11.294  -6.752  1.00 84.80 ? 183 ASN A O   1 
ATOM   237  C CB  . ASN A 1 44  ? 17.175  8.498   -7.218  1.00 54.27 ? 183 ASN A CB  1 
ATOM   238  C CG  . ASN A 1 44  ? 16.613  7.498   -6.225  1.00 54.73 ? 183 ASN A CG  1 
ATOM   239  O OD1 . ASN A 1 44  ? 16.361  7.832   -5.066  1.00 43.77 ? 183 ASN A OD1 1 
ATOM   240  N ND2 . ASN A 1 44  ? 16.418  6.264   -6.673  1.00 49.06 ? 183 ASN A ND2 1 
ATOM   241  N N   . GLN A 1 45  ? 17.818  11.181  -8.703  1.00 70.34 ? 184 GLN A N   1 
ATOM   242  C CA  . GLN A 1 45  ? 18.780  12.043  -9.393  1.00 57.56 ? 184 GLN A CA  1 
ATOM   243  C C   . GLN A 1 45  ? 18.556  13.510  -9.030  1.00 61.49 ? 184 GLN A C   1 
ATOM   244  O O   . GLN A 1 45  ? 19.400  14.139  -8.384  1.00 70.74 ? 184 GLN A O   1 
ATOM   245  C CB  . GLN A 1 45  ? 18.684  11.828  -10.907 1.00 61.37 ? 184 GLN A CB  1 
ATOM   246  C CG  . GLN A 1 45  ? 19.130  10.450  -11.364 1.00 63.70 ? 184 GLN A CG  1 
ATOM   247  C CD  . GLN A 1 45  ? 18.881  10.218  -12.840 1.00 72.21 ? 184 GLN A CD  1 
ATOM   248  O OE1 . GLN A 1 45  ? 18.719  11.164  -13.611 1.00 83.46 ? 184 GLN A OE1 1 
ATOM   249  N NE2 . GLN A 1 45  ? 18.851  8.953   -13.245 1.00 66.96 ? 184 GLN A NE2 1 
ATOM   250  N N   . HIS A 1 46  ? 17.421  14.065  -9.441  1.00 64.70 ? 185 HIS A N   1 
ATOM   251  C CA  . HIS A 1 46  ? 17.108  15.462  -9.162  1.00 71.88 ? 185 HIS A CA  1 
ATOM   252  C C   . HIS A 1 46  ? 16.365  15.606  -7.839  1.00 60.83 ? 185 HIS A C   1 
ATOM   253  O O   . HIS A 1 46  ? 16.133  16.719  -7.364  1.00 66.79 ? 185 HIS A O   1 
ATOM   254  C CB  . HIS A 1 46  ? 16.280  16.064  -10.299 1.00 67.31 ? 185 HIS A CB  1 
ATOM   255  N N   . ALA A 1 54  ? 19.037  6.739   -1.029  1.00 53.97 ? 193 ALA A N   1 
ATOM   256  C CA  . ALA A 1 54  ? 18.536  6.197   -2.288  1.00 58.46 ? 193 ALA A CA  1 
ATOM   257  C C   . ALA A 1 54  ? 17.253  5.400   -2.071  1.00 70.42 ? 193 ALA A C   1 
ATOM   258  O O   . ALA A 1 54  ? 17.255  4.374   -1.391  1.00 52.41 ? 193 ALA A O   1 
ATOM   259  C CB  . ALA A 1 54  ? 19.594  5.328   -2.947  1.00 55.19 ? 193 ALA A CB  1 
ATOM   260  N N   . VAL A 1 55  ? 16.157  5.883   -2.658  1.00 61.98 ? 194 VAL A N   1 
ATOM   261  C CA  . VAL A 1 55  ? 14.871  5.209   -2.523  1.00 51.47 ? 194 VAL A CA  1 
ATOM   262  C C   . VAL A 1 55  ? 14.888  3.907   -3.314  1.00 52.46 ? 194 VAL A C   1 
ATOM   263  O O   . VAL A 1 55  ? 15.438  3.836   -4.421  1.00 58.13 ? 194 VAL A O   1 
ATOM   264  C CB  . VAL A 1 55  ? 13.732  6.130   -2.992  1.00 44.46 ? 194 VAL A CB  1 
ATOM   265  C CG1 . VAL A 1 55  ? 12.380  5.553   -2.598  1.00 46.55 ? 194 VAL A CG1 1 
ATOM   266  C CG2 . VAL A 1 55  ? 13.910  7.527   -2.413  1.00 33.16 ? 194 VAL A CG2 1 
ATOM   267  N N   . SER A 1 56  ? 14.284  2.865   -2.745  1.00 46.10 ? 195 SER A N   1 
ATOM   268  C CA  . SER A 1 56  ? 14.205  1.583   -3.426  1.00 55.61 ? 195 SER A CA  1 
ATOM   269  C C   . SER A 1 56  ? 13.186  1.651   -4.563  1.00 48.74 ? 195 SER A C   1 
ATOM   270  O O   . SER A 1 56  ? 12.409  2.602   -4.691  1.00 46.12 ? 195 SER A O   1 
ATOM   271  C CB  . SER A 1 56  ? 13.849  0.473   -2.440  1.00 49.92 ? 195 SER A CB  1 
ATOM   272  O OG  . SER A 1 56  ? 13.080  -0.540  -3.067  1.00 63.99 ? 195 SER A OG  1 
ATOM   273  N N   . GLN A 1 57  ? 13.185  0.608   -5.393  1.00 36.59 ? 196 GLN A N   1 
ATOM   274  C CA  . GLN A 1 57  ? 12.476  0.633   -6.666  1.00 52.57 ? 196 GLN A CA  1 
ATOM   275  C C   . GLN A 1 57  ? 11.032  0.155   -6.586  1.00 55.75 ? 196 GLN A C   1 
ATOM   276  O O   . GLN A 1 57  ? 10.273  0.380   -7.535  1.00 65.71 ? 196 GLN A O   1 
ATOM   277  C CB  . GLN A 1 57  ? 13.224  -0.220  -7.697  1.00 56.12 ? 196 GLN A CB  1 
ATOM   278  C CG  . GLN A 1 57  ? 14.614  0.291   -8.034  1.00 69.06 ? 196 GLN A CG  1 
ATOM   279  C CD  . GLN A 1 57  ? 14.591  1.671   -8.659  1.00 76.61 ? 196 GLN A CD  1 
ATOM   280  O OE1 . GLN A 1 57  ? 13.693  2.001   -9.433  1.00 66.16 ? 196 GLN A OE1 1 
ATOM   281  N NE2 . GLN A 1 57  ? 15.582  2.489   -8.321  1.00 83.58 ? 196 GLN A NE2 1 
ATOM   282  N N   . ARG A 1 58  ? 10.628  -0.494  -5.500  1.00 40.62 ? 197 ARG A N   1 
ATOM   283  C CA  . ARG A 1 58  ? 9.312   -1.109  -5.417  1.00 48.70 ? 197 ARG A CA  1 
ATOM   284  C C   . ARG A 1 58  ? 8.381   -0.302  -4.521  1.00 46.54 ? 197 ARG A C   1 
ATOM   285  O O   . ARG A 1 58  ? 8.816   0.359   -3.575  1.00 45.64 ? 197 ARG A O   1 
ATOM   286  C CB  . ARG A 1 58  ? 9.409   -2.545  -4.894  1.00 42.62 ? 197 ARG A CB  1 
ATOM   287  C CG  . ARG A 1 58  ? 10.262  -3.458  -5.755  1.00 56.26 ? 197 ARG A CG  1 
ATOM   288  C CD  . ARG A 1 58  ? 9.956   -4.921  -5.481  1.00 55.02 ? 197 ARG A CD  1 
ATOM   289  N NE  . ARG A 1 58  ? 11.069  -5.788  -5.855  1.00 70.39 ? 197 ARG A NE  1 
ATOM   290  C CZ  . ARG A 1 58  ? 10.929  -7.014  -6.344  1.00 78.65 ? 197 ARG A CZ  1 
ATOM   291  N NH1 . ARG A 1 58  ? 9.718   -7.524  -6.522  1.00 61.04 ? 197 ARG A NH1 1 
ATOM   292  N NH2 . ARG A 1 58  ? 11.999  -7.731  -6.657  1.00 89.95 ? 197 ARG A NH2 1 
ATOM   293  N N   . LEU A 1 59  ? 7.091   -0.364  -4.841  1.00 37.60 ? 198 LEU A N   1 
ATOM   294  C CA  . LEU A 1 59  ? 6.046   0.198   -3.993  1.00 26.54 ? 198 LEU A CA  1 
ATOM   295  C C   . LEU A 1 59  ? 5.622   -0.863  -2.986  1.00 35.18 ? 198 LEU A C   1 
ATOM   296  O O   . LEU A 1 59  ? 5.135   -1.933  -3.370  1.00 30.65 ? 198 LEU A O   1 
ATOM   297  C CB  . LEU A 1 59  ? 4.852   0.653   -4.832  1.00 27.34 ? 198 LEU A CB  1 
ATOM   298  C CG  . LEU A 1 59  ? 3.583   1.036   -4.068  1.00 33.30 ? 198 LEU A CG  1 
ATOM   299  C CD1 . LEU A 1 59  ? 3.757   2.365   -3.345  1.00 29.67 ? 198 LEU A CD1 1 
ATOM   300  C CD2 . LEU A 1 59  ? 2.384   1.082   -5.003  1.00 33.06 ? 198 LEU A CD2 1 
ATOM   301  N N   . TYR A 1 60  ? 5.810   -0.571  -1.703  1.00 30.60 ? 199 TYR A N   1 
ATOM   302  C CA  . TYR A 1 60  ? 5.519   -1.518  -0.634  1.00 36.11 ? 199 TYR A CA  1 
ATOM   303  C C   . TYR A 1 60  ? 4.166   -1.179  -0.021  1.00 35.37 ? 199 TYR A C   1 
ATOM   304  O O   . TYR A 1 60  ? 3.984   -0.087  0.529   1.00 30.54 ? 199 TYR A O   1 
ATOM   305  C CB  . TYR A 1 60  ? 6.626   -1.498  0.419   1.00 34.48 ? 199 TYR A CB  1 
ATOM   306  C CG  . TYR A 1 60  ? 7.919   -2.112  -0.070  1.00 40.76 ? 199 TYR A CG  1 
ATOM   307  C CD1 . TYR A 1 60  ? 8.789   -1.394  -0.880  1.00 31.51 ? 199 TYR A CD1 1 
ATOM   308  C CD2 . TYR A 1 60  ? 8.264   -3.415  0.267   1.00 48.18 ? 199 TYR A CD2 1 
ATOM   309  C CE1 . TYR A 1 60  ? 9.968   -1.955  -1.334  1.00 56.33 ? 199 TYR A CE1 1 
ATOM   310  C CE2 . TYR A 1 60  ? 9.441   -3.983  -0.181  1.00 42.32 ? 199 TYR A CE2 1 
ATOM   311  C CZ  . TYR A 1 60  ? 10.288  -3.249  -0.981  1.00 47.33 ? 199 TYR A CZ  1 
ATOM   312  O OH  . TYR A 1 60  ? 11.463  -3.809  -1.432  1.00 56.08 ? 199 TYR A OH  1 
ATOM   313  N N   . ILE A 1 61  ? 3.225   -2.113  -0.120  1.00 32.64 ? 200 ILE A N   1 
ATOM   314  C CA  . ILE A 1 61  ? 1.848   -1.911  0.317   1.00 33.30 ? 200 ILE A CA  1 
ATOM   315  C C   . ILE A 1 61  ? 1.630   -2.704  1.598   1.00 26.36 ? 200 ILE A C   1 
ATOM   316  O O   . ILE A 1 61  ? 1.785   -3.932  1.612   1.00 29.74 ? 200 ILE A O   1 
ATOM   317  C CB  . ILE A 1 61  ? 0.844   -2.331  -0.768  1.00 28.75 ? 200 ILE A CB  1 
ATOM   318  C CG1 . ILE A 1 61  ? 1.173   -1.637  -2.093  1.00 36.21 ? 200 ILE A CG1 1 
ATOM   319  C CG2 . ILE A 1 61  ? -0.577  -2.021  -0.328  1.00 31.11 ? 200 ILE A CG2 1 
ATOM   320  C CD1 . ILE A 1 61  ? 0.349   -2.129  -3.263  1.00 22.84 ? 200 ILE A CD1 1 
ATOM   321  N N   . LEU A 1 62  ? 1.270   -2.004  2.670   1.00 36.25 ? 201 LEU A N   1 
ATOM   322  C CA  . LEU A 1 62  ? 0.981   -2.653  3.941   1.00 26.97 ? 201 LEU A CA  1 
ATOM   323  C C   . LEU A 1 62  ? -0.465  -3.127  3.960   1.00 31.66 ? 201 LEU A C   1 
ATOM   324  O O   . LEU A 1 62  ? -1.387  -2.342  3.721   1.00 34.33 ? 201 LEU A O   1 
ATOM   325  C CB  . LEU A 1 62  ? 1.241   -1.693  5.101   1.00 27.30 ? 201 LEU A CB  1 
ATOM   326  C CG  . LEU A 1 62  ? 2.695   -1.276  5.323   1.00 33.06 ? 201 LEU A CG  1 
ATOM   327  C CD1 . LEU A 1 62  ? 2.777   -0.164  6.354   1.00 35.52 ? 201 LEU A CD1 1 
ATOM   328  C CD2 . LEU A 1 62  ? 3.536   -2.470  5.747   1.00 33.83 ? 201 LEU A CD2 1 
ATOM   329  N N   . LEU A 1 63  ? -0.664  -4.416  4.247   1.00 22.92 ? 202 LEU A N   1 
ATOM   330  C CA  . LEU A 1 63  ? -1.988  -5.033  4.264   1.00 34.67 ? 202 LEU A CA  1 
ATOM   331  C C   . LEU A 1 63  ? -2.234  -5.648  5.637   1.00 36.85 ? 202 LEU A C   1 
ATOM   332  O O   . LEU A 1 63  ? -2.054  -6.861  5.829   1.00 30.19 ? 202 LEU A O   1 
ATOM   333  C CB  . LEU A 1 63  ? -2.130  -6.076  3.159   1.00 32.22 ? 202 LEU A CB  1 
ATOM   334  C CG  . LEU A 1 63  ? -1.971  -5.546  1.733   1.00 37.33 ? 202 LEU A CG  1 
ATOM   335  C CD1 . LEU A 1 63  ? -0.659  -6.020  1.132   1.00 42.28 ? 202 LEU A CD1 1 
ATOM   336  C CD2 . LEU A 1 63  ? -3.145  -5.961  0.860   1.00 39.25 ? 202 LEU A CD2 1 
ATOM   337  N N   . PRO A 1 64  ? -2.652  -4.846  6.617   1.00 31.15 ? 203 PRO A N   1 
ATOM   338  C CA  . PRO A 1 64  ? -2.991  -5.398  7.938   1.00 29.20 ? 203 PRO A CA  1 
ATOM   339  C C   . PRO A 1 64  ? -4.301  -6.168  7.863   1.00 38.61 ? 203 PRO A C   1 
ATOM   340  O O   . PRO A 1 64  ? -5.343  -5.609  7.512   1.00 39.26 ? 203 PRO A O   1 
ATOM   341  C CB  . PRO A 1 64  ? -3.111  -4.153  8.828   1.00 26.66 ? 203 PRO A CB  1 
ATOM   342  C CG  . PRO A 1 64  ? -2.671  -2.986  7.978   1.00 27.38 ? 203 PRO A CG  1 
ATOM   343  C CD  . PRO A 1 64  ? -2.854  -3.392  6.559   1.00 24.66 ? 203 PRO A CD  1 
ATOM   344  N N   . LEU A 1 65  ? -4.247  -7.459  8.197   1.00 35.14 ? 204 LEU A N   1 
ATOM   345  C CA  . LEU A 1 65  ? -5.432  -8.301  8.085   1.00 42.22 ? 204 LEU A CA  1 
ATOM   346  C C   . LEU A 1 65  ? -6.489  -7.957  9.126   1.00 35.32 ? 204 LEU A C   1 
ATOM   347  O O   . LEU A 1 65  ? -7.649  -8.350  8.961   1.00 33.98 ? 204 LEU A O   1 
ATOM   348  C CB  . LEU A 1 65  ? -5.043  -9.775  8.191   1.00 36.96 ? 204 LEU A CB  1 
ATOM   349  C CG  . LEU A 1 65  ? -4.173  -10.280 7.039   1.00 30.87 ? 204 LEU A CG  1 
ATOM   350  C CD1 . LEU A 1 65  ? -3.617  -11.663 7.344   1.00 43.71 ? 204 LEU A CD1 1 
ATOM   351  C CD2 . LEU A 1 65  ? -4.958  -10.284 5.736   1.00 31.68 ? 204 LEU A CD2 1 
ATOM   352  N N   . ASP A 1 66  ? -6.122  -7.244  10.185  1.00 25.20 ? 205 ASP A N   1 
ATOM   353  C CA  . ASP A 1 66  ? -7.117  -6.693  11.095  1.00 45.07 ? 205 ASP A CA  1 
ATOM   354  C C   . ASP A 1 66  ? -7.757  -5.418  10.566  1.00 43.53 ? 205 ASP A C   1 
ATOM   355  O O   . ASP A 1 66  ? -8.627  -4.860  11.247  1.00 51.03 ? 205 ASP A O   1 
ATOM   356  C CB  . ASP A 1 66  ? -6.495  -6.426  12.468  1.00 25.80 ? 205 ASP A CB  1 
ATOM   357  C CG  . ASP A 1 66  ? -5.452  -5.326  12.437  1.00 43.85 ? 205 ASP A CG  1 
ATOM   358  O OD1 . ASP A 1 66  ? -4.879  -5.075  11.361  1.00 56.20 ? 205 ASP A OD1 1 
ATOM   359  O OD2 . ASP A 1 66  ? -5.201  -4.716  13.499  1.00 60.39 ? 205 ASP A OD2 1 
ATOM   360  N N   . CYS A 1 67  ? -7.345  -4.940  9.388   1.00 41.27 ? 206 CYS A N   1 
ATOM   361  C CA  . CYS A 1 67  ? -7.898  -3.737  8.764   1.00 39.69 ? 206 CYS A CA  1 
ATOM   362  C C   . CYS A 1 67  ? -7.752  -2.502  9.648   1.00 44.57 ? 206 CYS A C   1 
ATOM   363  O O   . CYS A 1 67  ? -8.506  -1.535  9.501   1.00 45.40 ? 206 CYS A O   1 
ATOM   364  C CB  . CYS A 1 67  ? -9.369  -3.930  8.381   1.00 33.28 ? 206 CYS A CB  1 
ATOM   365  S SG  . CYS A 1 67  ? -9.697  -5.272  7.207   1.00 37.88 ? 206 CYS A SG  1 
ATOM   366  N N   . GLY A 1 68  ? -6.817  -2.522  10.593  1.00 47.21 ? 207 GLY A N   1 
ATOM   367  C CA  . GLY A 1 68  ? -6.528  -1.337  11.372  1.00 41.00 ? 207 GLY A CA  1 
ATOM   368  C C   . GLY A 1 68  ? -5.549  -0.450  10.635  1.00 45.35 ? 207 GLY A C   1 
ATOM   369  O O   . GLY A 1 68  ? -4.334  -0.597  10.792  1.00 52.18 ? 207 GLY A O   1 
ATOM   370  N N   . VAL A 1 69  ? -6.061  0.469   9.823   1.00 48.76 ? 208 VAL A N   1 
ATOM   371  C CA  . VAL A 1 69  ? -5.252  1.304   8.946   1.00 40.58 ? 208 VAL A CA  1 
ATOM   372  C C   . VAL A 1 69  ? -5.259  2.726   9.504   1.00 43.75 ? 208 VAL A C   1 
ATOM   373  O O   . VAL A 1 69  ? -6.276  3.428   9.402   1.00 40.73 ? 208 VAL A O   1 
ATOM   374  C CB  . VAL A 1 69  ? -5.769  1.273   7.501   1.00 32.90 ? 208 VAL A CB  1 
ATOM   375  C CG1 . VAL A 1 69  ? -5.069  2.328   6.660   1.00 31.11 ? 208 VAL A CG1 1 
ATOM   376  C CG2 . VAL A 1 69  ? -5.573  -0.111  6.897   1.00 27.75 ? 208 VAL A CG2 1 
ATOM   377  N N   . PRO A 1 70  ? -4.167  3.191   10.105  1.00 42.82 ? 209 PRO A N   1 
ATOM   378  C CA  . PRO A 1 70  ? -4.087  4.595   10.510  1.00 40.16 ? 209 PRO A CA  1 
ATOM   379  C C   . PRO A 1 70  ? -3.696  5.487   9.340   1.00 43.31 ? 209 PRO A C   1 
ATOM   380  O O   . PRO A 1 70  ? -3.098  5.050   8.356   1.00 40.48 ? 209 PRO A O   1 
ATOM   381  C CB  . PRO A 1 70  ? -3.000  4.589   11.588  1.00 38.51 ? 209 PRO A CB  1 
ATOM   382  C CG  . PRO A 1 70  ? -2.109  3.461   11.194  1.00 32.14 ? 209 PRO A CG  1 
ATOM   383  C CD  . PRO A 1 70  ? -2.994  2.418   10.551  1.00 33.40 ? 209 PRO A CD  1 
ATOM   384  N N   . ASP A 1 71  ? -4.052  6.767   9.468   1.00 36.12 ? 210 ASP A N   1 
ATOM   385  C CA  . ASP A 1 71  ? -3.721  7.728   8.423   1.00 40.26 ? 210 ASP A CA  1 
ATOM   386  C C   . ASP A 1 71  ? -2.296  8.250   8.558   1.00 46.50 ? 210 ASP A C   1 
ATOM   387  O O   . ASP A 1 71  ? -1.662  8.574   7.548   1.00 41.88 ? 210 ASP A O   1 
ATOM   388  C CB  . ASP A 1 71  ? -4.717  8.890   8.443   1.00 41.85 ? 210 ASP A CB  1 
ATOM   389  C CG  . ASP A 1 71  ? -6.080  8.498   7.900   1.00 47.33 ? 210 ASP A CG  1 
ATOM   390  O OD1 . ASP A 1 71  ? -6.141  7.633   7.001   1.00 40.65 ? 210 ASP A OD1 1 
ATOM   391  O OD2 . ASP A 1 71  ? -7.091  9.058   8.372   1.00 59.22 ? 210 ASP A OD2 1 
ATOM   392  N N   . ASN A 1 72  ? -1.780  8.337   9.782   1.00 47.36 ? 211 ASN A N   1 
ATOM   393  C CA  . ASN A 1 72  ? -0.405  8.764   10.033  1.00 52.23 ? 211 ASN A CA  1 
ATOM   394  C C   . ASN A 1 72  ? 0.441   7.510   10.234  1.00 44.96 ? 211 ASN A C   1 
ATOM   395  O O   . ASN A 1 72  ? 0.458   6.926   11.320  1.00 52.13 ? 211 ASN A O   1 
ATOM   396  C CB  . ASN A 1 72  ? -0.333  9.692   11.243  1.00 54.47 ? 211 ASN A CB  1 
ATOM   397  C CG  . ASN A 1 72  ? 0.997   10.421  11.342  1.00 51.25 ? 211 ASN A CG  1 
ATOM   398  O OD1 . ASN A 1 72  ? 2.063   9.819   11.205  1.00 53.90 ? 211 ASN A OD1 1 
ATOM   399  N ND2 . ASN A 1 72  ? 0.940   11.726  11.583  1.00 50.74 ? 211 ASN A ND2 1 
ATOM   400  N N   . LEU A 1 73  ? 1.140   7.097   9.175   1.00 38.16 ? 212 LEU A N   1 
ATOM   401  C CA  . LEU A 1 73  ? 1.981   5.909   9.264   1.00 39.08 ? 212 LEU A CA  1 
ATOM   402  C C   . LEU A 1 73  ? 3.155   6.120   10.211  1.00 44.04 ? 212 LEU A C   1 
ATOM   403  O O   . LEU A 1 73  ? 3.569   5.182   10.902  1.00 40.29 ? 212 LEU A O   1 
ATOM   404  C CB  . LEU A 1 73  ? 2.475   5.517   7.871   1.00 37.78 ? 212 LEU A CB  1 
ATOM   405  C CG  . LEU A 1 73  ? 3.433   4.332   7.743   1.00 30.31 ? 212 LEU A CG  1 
ATOM   406  C CD1 . LEU A 1 73  ? 2.899   3.111   8.474   1.00 33.50 ? 212 LEU A CD1 1 
ATOM   407  C CD2 . LEU A 1 73  ? 3.674   4.013   6.278   1.00 31.98 ? 212 LEU A CD2 1 
ATOM   408  N N   . SER A 1 74  ? 3.695   7.340   10.266  1.00 52.79 ? 213 SER A N   1 
ATOM   409  C CA  . SER A 1 74  ? 4.800   7.616   11.179  1.00 50.57 ? 213 SER A CA  1 
ATOM   410  C C   . SER A 1 74  ? 4.364   7.513   12.634  1.00 61.90 ? 213 SER A C   1 
ATOM   411  O O   . SER A 1 74  ? 5.175   7.158   13.499  1.00 59.67 ? 213 SER A O   1 
ATOM   412  C CB  . SER A 1 74  ? 5.383   9.000   10.894  1.00 53.92 ? 213 SER A CB  1 
ATOM   413  O OG  . SER A 1 74  ? 5.745   9.127   9.529   1.00 56.65 ? 213 SER A OG  1 
ATOM   414  N N   . MET A 1 75  ? 3.098   7.810   12.928  1.00 64.90 ? 214 MET A N   1 
ATOM   415  C CA  . MET A 1 75  ? 2.577   7.683   14.282  1.00 60.73 ? 214 MET A CA  1 
ATOM   416  C C   . MET A 1 75  ? 2.257   6.245   14.662  1.00 62.57 ? 214 MET A C   1 
ATOM   417  O O   . MET A 1 75  ? 2.014   5.974   15.843  1.00 82.56 ? 214 MET A O   1 
ATOM   418  C CB  . MET A 1 75  ? 1.324   8.550   14.448  1.00 69.10 ? 214 MET A CB  1 
ATOM   419  N N   . ALA A 1 76  ? 2.245   5.322   13.700  1.00 59.07 ? 215 ALA A N   1 
ATOM   420  C CA  . ALA A 1 76  ? 1.991   3.918   13.984  1.00 56.89 ? 215 ALA A CA  1 
ATOM   421  C C   . ALA A 1 76  ? 3.248   3.150   14.368  1.00 66.37 ? 215 ALA A C   1 
ATOM   422  O O   . ALA A 1 76  ? 3.142   2.055   14.933  1.00 63.94 ? 215 ALA A O   1 
ATOM   423  C CB  . ALA A 1 76  ? 1.336   3.241   12.776  1.00 51.27 ? 215 ALA A CB  1 
ATOM   424  N N   . ASP A 1 77  ? 4.427   3.693   14.072  1.00 64.04 ? 216 ASP A N   1 
ATOM   425  C CA  . ASP A 1 77  ? 5.690   3.052   14.413  1.00 66.46 ? 216 ASP A CA  1 
ATOM   426  C C   . ASP A 1 77  ? 6.775   4.112   14.557  1.00 58.53 ? 216 ASP A C   1 
ATOM   427  O O   . ASP A 1 77  ? 7.018   4.886   13.622  1.00 56.77 ? 216 ASP A O   1 
ATOM   428  C CB  . ASP A 1 77  ? 6.079   2.022   13.350  1.00 53.09 ? 216 ASP A CB  1 
ATOM   429  C CG  . ASP A 1 77  ? 7.112   1.025   13.847  1.00 53.45 ? 216 ASP A CG  1 
ATOM   430  O OD1 . ASP A 1 77  ? 8.109   1.449   14.469  1.00 44.60 ? 216 ASP A OD1 1 
ATOM   431  O OD2 . ASP A 1 77  ? 6.930   -0.187  13.612  1.00 61.41 ? 216 ASP A OD2 1 
ATOM   432  N N   . PRO A 1 78  ? 7.441   4.186   15.712  1.00 60.64 ? 217 PRO A N   1 
ATOM   433  C CA  . PRO A 1 78  ? 8.517   5.176   15.874  1.00 65.28 ? 217 PRO A CA  1 
ATOM   434  C C   . PRO A 1 78  ? 9.704   4.935   14.960  1.00 53.85 ? 217 PRO A C   1 
ATOM   435  O O   . PRO A 1 78  ? 10.470  5.872   14.705  1.00 57.77 ? 217 PRO A O   1 
ATOM   436  C CB  . PRO A 1 78  ? 8.912   5.033   17.353  1.00 75.26 ? 217 PRO A CB  1 
ATOM   437  C CG  . PRO A 1 78  ? 7.757   4.328   18.001  1.00 75.14 ? 217 PRO A CG  1 
ATOM   438  C CD  . PRO A 1 78  ? 7.192   3.429   16.949  1.00 51.56 ? 217 PRO A CD  1 
ATOM   439  N N   . ASN A 1 79  ? 9.883   3.715   14.460  1.00 48.88 ? 218 ASN A N   1 
ATOM   440  C CA  . ASN A 1 79  ? 10.976  3.395   13.555  1.00 38.07 ? 218 ASN A CA  1 
ATOM   441  C C   . ASN A 1 79  ? 10.622  3.629   12.093  1.00 43.63 ? 218 ASN A C   1 
ATOM   442  O O   . ASN A 1 79  ? 11.472  3.415   11.223  1.00 41.44 ? 218 ASN A O   1 
ATOM   443  C CB  . ASN A 1 79  ? 11.417  1.941   13.752  1.00 52.07 ? 218 ASN A CB  1 
ATOM   444  C CG  . ASN A 1 79  ? 12.148  1.729   15.062  1.00 52.57 ? 218 ASN A CG  1 
ATOM   445  O OD1 . ASN A 1 79  ? 12.920  2.581   15.501  1.00 51.76 ? 218 ASN A OD1 1 
ATOM   446  N ND2 . ASN A 1 79  ? 11.909  0.584   15.692  1.00 60.32 ? 218 ASN A ND2 1 
ATOM   447  N N   . ILE A 1 80  ? 9.395   4.052   11.801  1.00 50.91 ? 219 ILE A N   1 
ATOM   448  C CA  . ILE A 1 80  ? 8.975   4.411   10.452  1.00 37.77 ? 219 ILE A CA  1 
ATOM   449  C C   . ILE A 1 80  ? 8.785   5.920   10.422  1.00 45.10 ? 219 ILE A C   1 
ATOM   450  O O   . ILE A 1 80  ? 7.943   6.462   11.147  1.00 55.15 ? 219 ILE A O   1 
ATOM   451  C CB  . ILE A 1 80  ? 7.688   3.677   10.042  1.00 41.29 ? 219 ILE A CB  1 
ATOM   452  C CG1 . ILE A 1 80  ? 7.885   2.163   10.144  1.00 28.84 ? 219 ILE A CG1 1 
ATOM   453  C CG2 . ILE A 1 80  ? 7.280   4.070   8.632   1.00 31.96 ? 219 ILE A CG2 1 
ATOM   454  C CD1 . ILE A 1 80  ? 6.674   1.359   9.721   1.00 39.48 ? 219 ILE A CD1 1 
ATOM   455  N N   . ARG A 1 81  ? 9.567   6.598   9.586   1.00 35.13 ? 220 ARG A N   1 
ATOM   456  C CA  . ARG A 1 81  ? 9.632   8.052   9.577   1.00 32.89 ? 220 ARG A CA  1 
ATOM   457  C C   . ARG A 1 81  ? 9.413   8.571   8.165   1.00 35.04 ? 220 ARG A C   1 
ATOM   458  O O   . ARG A 1 81  ? 10.087  8.133   7.228   1.00 34.56 ? 220 ARG A O   1 
ATOM   459  C CB  . ARG A 1 81  ? 10.983  8.534   10.116  1.00 33.25 ? 220 ARG A CB  1 
ATOM   460  C CG  . ARG A 1 81  ? 11.110  10.038  10.261  1.00 58.12 ? 220 ARG A CG  1 
ATOM   461  C CD  . ARG A 1 81  ? 12.492  10.405  10.777  1.00 61.72 ? 220 ARG A CD  1 
ATOM   462  N NE  . ARG A 1 81  ? 13.546  9.909   9.896   1.00 54.35 ? 220 ARG A NE  1 
ATOM   463  C CZ  . ARG A 1 81  ? 14.800  9.691   10.280  1.00 54.09 ? 220 ARG A CZ  1 
ATOM   464  N NH1 . ARG A 1 81  ? 15.162  9.923   11.533  1.00 46.26 ? 220 ARG A NH1 1 
ATOM   465  N NH2 . ARG A 1 81  ? 15.691  9.240   9.408   1.00 55.47 ? 220 ARG A NH2 1 
ATOM   466  N N   . PHE A 1 82  ? 8.473   9.503   8.016   1.00 30.79 ? 221 PHE A N   1 
ATOM   467  C CA  . PHE A 1 82  ? 8.234   10.125  6.722   1.00 31.51 ? 221 PHE A CA  1 
ATOM   468  C C   . PHE A 1 82  ? 9.438   10.963  6.311   1.00 32.90 ? 221 PHE A C   1 
ATOM   469  O O   . PHE A 1 82  ? 10.042  11.658  7.130   1.00 36.90 ? 221 PHE A O   1 
ATOM   470  C CB  . PHE A 1 82  ? 6.978   10.996  6.770   1.00 34.73 ? 221 PHE A CB  1 
ATOM   471  C CG  . PHE A 1 82  ? 6.804   11.875  5.561   1.00 27.44 ? 221 PHE A CG  1 
ATOM   472  C CD1 . PHE A 1 82  ? 6.328   11.351  4.370   1.00 35.88 ? 221 PHE A CD1 1 
ATOM   473  C CD2 . PHE A 1 82  ? 7.118   13.223  5.615   1.00 26.96 ? 221 PHE A CD2 1 
ATOM   474  C CE1 . PHE A 1 82  ? 6.169   12.155  3.256   1.00 32.53 ? 221 PHE A CE1 1 
ATOM   475  C CE2 . PHE A 1 82  ? 6.962   14.034  4.504   1.00 32.43 ? 221 PHE A CE2 1 
ATOM   476  C CZ  . PHE A 1 82  ? 6.487   13.497  3.323   1.00 42.27 ? 221 PHE A CZ  1 
ATOM   477  N N   . LEU A 1 83  ? 9.781   10.896  5.026   1.00 36.57 ? 222 LEU A N   1 
ATOM   478  C CA  . LEU A 1 83  ? 10.936  11.606  4.492   1.00 25.81 ? 222 LEU A CA  1 
ATOM   479  C C   . LEU A 1 83  ? 10.535  12.684  3.493   1.00 41.85 ? 222 LEU A C   1 
ATOM   480  O O   . LEU A 1 83  ? 10.797  13.868  3.723   1.00 33.12 ? 222 LEU A O   1 
ATOM   481  C CB  . LEU A 1 83  ? 11.907  10.607  3.848   1.00 30.54 ? 222 LEU A CB  1 
ATOM   482  C CG  . LEU A 1 83  ? 13.098  11.197  3.090   1.00 50.61 ? 222 LEU A CG  1 
ATOM   483  C CD1 . LEU A 1 83  ? 14.112  11.779  4.061   1.00 36.39 ? 222 LEU A CD1 1 
ATOM   484  C CD2 . LEU A 1 83  ? 13.742  10.139  2.208   1.00 32.85 ? 222 LEU A CD2 1 
ATOM   485  N N   . ASP A 1 84  ? 9.902   12.306  2.388   1.00 41.47 ? 223 ASP A N   1 
ATOM   486  C CA  . ASP A 1 84  ? 9.538   13.253  1.341   1.00 45.03 ? 223 ASP A CA  1 
ATOM   487  C C   . ASP A 1 84  ? 8.449   12.625  0.479   1.00 41.58 ? 223 ASP A C   1 
ATOM   488  O O   . ASP A 1 84  ? 8.029   11.487  0.705   1.00 41.94 ? 223 ASP A O   1 
ATOM   489  C CB  . ASP A 1 84  ? 10.762  13.640  0.504   1.00 43.35 ? 223 ASP A CB  1 
ATOM   490  C CG  . ASP A 1 84  ? 10.644  15.028  -0.095  1.00 53.82 ? 223 ASP A CG  1 
ATOM   491  O OD1 . ASP A 1 84  ? 9.505   15.511  -0.267  1.00 58.42 ? 223 ASP A OD1 1 
ATOM   492  O OD2 . ASP A 1 84  ? 11.694  15.632  -0.400  1.00 67.94 ? 223 ASP A OD2 1 
ATOM   493  N N   . LYS A 1 85  ? 7.995   13.379  -0.516  1.00 37.05 ? 224 LYS A N   1 
ATOM   494  C CA  . LYS A 1 85  ? 7.009   12.911  -1.475  1.00 37.97 ? 224 LYS A CA  1 
ATOM   495  C C   . LYS A 1 85  ? 7.669   12.660  -2.824  1.00 43.20 ? 224 LYS A C   1 
ATOM   496  O O   . LYS A 1 85  ? 8.625   13.341  -3.206  1.00 48.14 ? 224 LYS A O   1 
ATOM   497  C CB  . LYS A 1 85  ? 5.872   13.923  -1.654  1.00 32.90 ? 224 LYS A CB  1 
ATOM   498  C CG  . LYS A 1 85  ? 5.189   14.362  -0.373  1.00 38.28 ? 224 LYS A CG  1 
ATOM   499  C CD  . LYS A 1 85  ? 4.120   15.401  -0.674  1.00 34.52 ? 224 LYS A CD  1 
ATOM   500  C CE  . LYS A 1 85  ? 3.583   16.039  0.595   1.00 49.70 ? 224 LYS A CE  1 
ATOM   501  N NZ  . LYS A 1 85  ? 2.657   17.164  0.288   1.00 34.78 ? 224 LYS A NZ  1 
ATOM   502  N N   . LEU A 1 86  ? 7.146   11.671  -3.544  1.00 37.57 ? 225 LEU A N   1 
ATOM   503  C CA  . LEU A 1 86  ? 7.562   11.444  -4.913  1.00 35.82 ? 225 LEU A CA  1 
ATOM   504  C C   . LEU A 1 86  ? 7.003   12.546  -5.811  1.00 45.36 ? 225 LEU A C   1 
ATOM   505  O O   . LEU A 1 86  ? 6.073   13.259  -5.424  1.00 51.21 ? 225 LEU A O   1 
ATOM   506  C CB  . LEU A 1 86  ? 7.083   10.078  -5.395  1.00 35.23 ? 225 LEU A CB  1 
ATOM   507  C CG  . LEU A 1 86  ? 7.960   8.866   -5.075  1.00 37.05 ? 225 LEU A CG  1 
ATOM   508  C CD1 . LEU A 1 86  ? 7.327   7.597   -5.622  1.00 38.16 ? 225 LEU A CD1 1 
ATOM   509  C CD2 . LEU A 1 86  ? 9.361   9.053   -5.636  1.00 38.05 ? 225 LEU A CD2 1 
ATOM   510  N N   . PRO A 1 87  ? 7.567   12.721  -7.004  1.00 40.88 ? 226 PRO A N   1 
ATOM   511  C CA  . PRO A 1 87  ? 6.938   13.621  -7.981  1.00 31.68 ? 226 PRO A CA  1 
ATOM   512  C C   . PRO A 1 87  ? 5.520   13.165  -8.289  1.00 43.23 ? 226 PRO A C   1 
ATOM   513  O O   . PRO A 1 87  ? 5.259   11.976  -8.488  1.00 48.96 ? 226 PRO A O   1 
ATOM   514  C CB  . PRO A 1 87  ? 7.853   13.512  -9.204  1.00 37.93 ? 226 PRO A CB  1 
ATOM   515  C CG  . PRO A 1 87  ? 9.177   13.119  -8.645  1.00 44.72 ? 226 PRO A CG  1 
ATOM   516  C CD  . PRO A 1 87  ? 8.880   12.238  -7.464  1.00 41.23 ? 226 PRO A CD  1 
ATOM   517  N N   . GLN A 1 88  ? 4.597   14.123  -8.315  1.00 32.43 ? 227 GLN A N   1 
ATOM   518  C CA  . GLN A 1 88  ? 3.190   13.800  -8.491  1.00 37.77 ? 227 GLN A CA  1 
ATOM   519  C C   . GLN A 1 88  ? 2.916   13.268  -9.892  1.00 26.76 ? 227 GLN A C   1 
ATOM   520  O O   . GLN A 1 88  ? 3.582   13.633  -10.866 1.00 41.12 ? 227 GLN A O   1 
ATOM   521  C CB  . GLN A 1 88  ? 2.322   15.030  -8.228  1.00 41.14 ? 227 GLN A CB  1 
ATOM   522  C CG  . GLN A 1 88  ? 2.165   15.379  -6.758  1.00 36.71 ? 227 GLN A CG  1 
ATOM   523  C CD  . GLN A 1 88  ? 1.233   16.554  -6.536  1.00 47.04 ? 227 GLN A CD  1 
ATOM   524  O OE1 . GLN A 1 88  ? 0.865   17.257  -7.477  1.00 38.11 ? 227 GLN A OE1 1 
ATOM   525  N NE2 . GLN A 1 88  ? 0.844   16.772  -5.284  1.00 50.82 ? 227 GLN A NE2 1 
ATOM   526  N N   . GLN A 1 89  ? 1.923   12.390  -9.985  1.00 32.15 ? 228 GLN A N   1 
ATOM   527  C CA  . GLN A 1 89  ? 1.433   11.870  -11.254 1.00 37.62 ? 228 GLN A CA  1 
ATOM   528  C C   . GLN A 1 89  ? 0.016   12.382  -11.465 1.00 28.90 ? 228 GLN A C   1 
ATOM   529  O O   . GLN A 1 89  ? -0.852  12.177  -10.610 1.00 34.86 ? 228 GLN A O   1 
ATOM   530  C CB  . GLN A 1 89  ? 1.464   10.343  -11.277 1.00 29.33 ? 228 GLN A CB  1 
ATOM   531  C CG  . GLN A 1 89  ? 0.786   9.731   -12.492 1.00 29.33 ? 228 GLN A CG  1 
ATOM   532  C CD  . GLN A 1 89  ? 0.894   8.221   -12.521 1.00 36.64 ? 228 GLN A CD  1 
ATOM   533  O OE1 . GLN A 1 89  ? 1.529   7.616   -11.658 1.00 39.06 ? 228 GLN A OE1 1 
ATOM   534  N NE2 . GLN A 1 89  ? 0.272   7.602   -13.519 1.00 42.91 ? 228 GLN A NE2 1 
ATOM   535  N N   . THR A 1 90  ? -0.212  13.050  -12.590 1.00 36.57 ? 229 THR A N   1 
ATOM   536  C CA  . THR A 1 90  ? -1.509  13.631  -12.902 1.00 39.61 ? 229 THR A CA  1 
ATOM   537  C C   . THR A 1 90  ? -2.086  12.988  -14.154 1.00 33.96 ? 229 THR A C   1 
ATOM   538  O O   . THR A 1 90  ? -1.363  12.433  -14.987 1.00 35.53 ? 229 THR A O   1 
ATOM   539  C CB  . THR A 1 90  ? -1.411  15.150  -13.094 1.00 32.65 ? 229 THR A CB  1 
ATOM   540  O OG1 . THR A 1 90  ? -0.431  15.445  -14.097 1.00 39.92 ? 229 THR A OG1 1 
ATOM   541  C CG2 . THR A 1 90  ? -1.017  15.827  -11.790 1.00 34.06 ? 229 THR A CG2 1 
ATOM   542  N N   . GLY A 1 91  ? -3.408  13.070  -14.277 1.00 41.75 ? 230 GLY A N   1 
ATOM   543  C CA  . GLY A 1 91  ? -4.101  12.531  -15.428 1.00 28.91 ? 230 GLY A CA  1 
ATOM   544  C C   . GLY A 1 91  ? -5.591  12.794  -15.388 1.00 32.61 ? 230 GLY A C   1 
ATOM   545  O O   . GLY A 1 91  ? -6.200  12.776  -14.314 1.00 33.04 ? 230 GLY A O   1 
ATOM   546  N N   . ASP A 1 92  ? -6.189  13.055  -16.548 1.00 33.06 ? 231 ASP A N   1 
ATOM   547  C CA  . ASP A 1 92  ? -7.630  13.254  -16.626 1.00 36.95 ? 231 ASP A CA  1 
ATOM   548  C C   . ASP A 1 92  ? -8.341  11.934  -16.353 1.00 33.54 ? 231 ASP A C   1 
ATOM   549  O O   . ASP A 1 92  ? -8.095  10.936  -17.040 1.00 37.28 ? 231 ASP A O   1 
ATOM   550  C CB  . ASP A 1 92  ? -8.016  13.805  -17.995 1.00 49.63 ? 231 ASP A CB  1 
ATOM   551  C CG  . ASP A 1 92  ? -7.365  15.143  -18.291 1.00 44.02 ? 231 ASP A CG  1 
ATOM   552  O OD1 . ASP A 1 92  ? -6.878  15.792  -17.342 1.00 41.06 ? 231 ASP A OD1 1 
ATOM   553  O OD2 . ASP A 1 92  ? -7.338  15.543  -19.474 1.00 42.13 ? 231 ASP A OD2 1 
ATOM   554  N N   . ARG A 1 93  ? -9.219  11.925  -15.351 1.00 33.25 ? 232 ARG A N   1 
ATOM   555  C CA  . ARG A 1 93  ? -9.871  10.698  -14.899 1.00 31.45 ? 232 ARG A CA  1 
ATOM   556  C C   . ARG A 1 93  ? -11.354 10.967  -14.694 1.00 36.88 ? 232 ARG A C   1 
ATOM   557  O O   . ARG A 1 93  ? -11.737 11.622  -13.719 1.00 27.94 ? 232 ARG A O   1 
ATOM   558  C CB  . ARG A 1 93  ? -9.230  10.179  -13.612 1.00 25.54 ? 232 ARG A CB  1 
ATOM   559  C CG  . ARG A 1 93  ? -7.784  9.734   -13.767 1.00 33.51 ? 232 ARG A CG  1 
ATOM   560  C CD  . ARG A 1 93  ? -7.700  8.283   -14.211 1.00 28.94 ? 232 ARG A CD  1 
ATOM   561  N NE  . ARG A 1 93  ? -8.190  7.371   -13.182 1.00 34.07 ? 232 ARG A NE  1 
ATOM   562  C CZ  . ARG A 1 93  ? -9.233  6.564   -13.337 1.00 41.24 ? 232 ARG A CZ  1 
ATOM   563  N NH1 . ARG A 1 93  ? -9.902  6.554   -14.482 1.00 39.61 ? 232 ARG A NH1 1 
ATOM   564  N NH2 . ARG A 1 93  ? -9.611  5.764   -12.347 1.00 32.77 ? 232 ARG A NH2 1 
ATOM   565  N N   . ALA A 1 94  ? -12.181 10.458  -15.609 1.00 33.50 ? 233 ALA A N   1 
ATOM   566  C CA  . ALA A 1 94  ? -13.639 10.489  -15.480 1.00 36.33 ? 233 ALA A CA  1 
ATOM   567  C C   . ALA A 1 94  ? -14.159 11.915  -15.295 1.00 35.42 ? 233 ALA A C   1 
ATOM   568  O O   . ALA A 1 94  ? -14.964 12.199  -14.407 1.00 29.00 ? 233 ALA A O   1 
ATOM   569  C CB  . ALA A 1 94  ? -14.103 9.584   -14.336 1.00 31.79 ? 233 ALA A CB  1 
ATOM   570  N N   . GLY A 1 95  ? -13.692 12.818  -16.155 1.00 28.61 ? 234 GLY A N   1 
ATOM   571  C CA  . GLY A 1 95  ? -14.130 14.196  -16.118 1.00 36.44 ? 234 GLY A CA  1 
ATOM   572  C C   . GLY A 1 95  ? -13.392 15.084  -15.142 1.00 32.76 ? 234 GLY A C   1 
ATOM   573  O O   . GLY A 1 95  ? -13.665 16.290  -15.101 1.00 34.22 ? 234 GLY A O   1 
ATOM   574  N N   . ILE A 1 96  ? -12.473 14.536  -14.356 1.00 43.59 ? 235 ILE A N   1 
ATOM   575  C CA  . ILE A 1 96  ? -11.671 15.311  -13.418 1.00 33.04 ? 235 ILE A CA  1 
ATOM   576  C C   . ILE A 1 96  ? -10.325 15.576  -14.083 1.00 39.81 ? 235 ILE A C   1 
ATOM   577  O O   . ILE A 1 96  ? -9.558  14.645  -14.350 1.00 40.10 ? 235 ILE A O   1 
ATOM   578  C CB  . ILE A 1 96  ? -11.502 14.583  -12.077 1.00 32.40 ? 235 ILE A CB  1 
ATOM   579  C CG1 . ILE A 1 96  ? -12.850 14.462  -11.372 1.00 33.89 ? 235 ILE A CG1 1 
ATOM   580  C CG2 . ILE A 1 96  ? -10.491 15.308  -11.200 1.00 26.30 ? 235 ILE A CG2 1 
ATOM   581  C CD1 . ILE A 1 96  ? -12.769 13.850  -9.992  1.00 25.53 ? 235 ILE A CD1 1 
ATOM   582  N N   . LYS A 1 97  ? -10.038 16.845  -14.357 1.00 39.13 ? 236 LYS A N   1 
ATOM   583  C CA  . LYS A 1 97  ? -8.783  17.214  -14.995 1.00 37.55 ? 236 LYS A CA  1 
ATOM   584  C C   . LYS A 1 97  ? -7.654  17.189  -13.972 1.00 32.48 ? 236 LYS A C   1 
ATOM   585  O O   . LYS A 1 97  ? -7.786  17.741  -12.874 1.00 28.39 ? 236 LYS A O   1 
ATOM   586  C CB  . LYS A 1 97  ? -8.889  18.601  -15.631 1.00 33.23 ? 236 LYS A CB  1 
ATOM   587  C CG  . LYS A 1 97  ? -7.616  19.053  -16.330 1.00 49.01 ? 236 LYS A CG  1 
ATOM   588  C CD  . LYS A 1 97  ? -7.726  20.488  -16.819 1.00 51.63 ? 236 LYS A CD  1 
ATOM   589  C CE  . LYS A 1 97  ? -6.435  20.952  -17.476 1.00 56.60 ? 236 LYS A CE  1 
ATOM   590  N NZ  . LYS A 1 97  ? -6.126  20.174  -18.708 1.00 54.04 ? 236 LYS A NZ  1 
ATOM   591  N N   . ASP A 1 98  ? -6.547  16.542  -14.338 1.00 32.13 ? 237 ASP A N   1 
ATOM   592  C CA  . ASP A 1 98  ? -5.347  16.467  -13.509 1.00 30.25 ? 237 ASP A CA  1 
ATOM   593  C C   . ASP A 1 98  ? -5.657  15.881  -12.130 1.00 36.83 ? 237 ASP A C   1 
ATOM   594  O O   . ASP A 1 98  ? -5.455  16.514  -11.092 1.00 39.93 ? 237 ASP A O   1 
ATOM   595  C CB  . ASP A 1 98  ? -4.682  17.843  -13.383 1.00 39.49 ? 237 ASP A CB  1 
ATOM   596  C CG  . ASP A 1 98  ? -4.260  18.412  -14.723 1.00 39.10 ? 237 ASP A CG  1 
ATOM   597  O OD1 . ASP A 1 98  ? -4.091  17.628  -15.680 1.00 38.88 ? 237 ASP A OD1 1 
ATOM   598  O OD2 . ASP A 1 98  ? -4.097  19.646  -14.817 1.00 49.57 ? 237 ASP A OD2 1 
ATOM   599  N N   . ARG A 1 99  ? -6.165  14.651  -12.138 1.00 35.62 ? 238 ARG A N   1 
ATOM   600  C CA  . ARG A 1 99  ? -6.319  13.913  -10.892 1.00 28.35 ? 238 ARG A CA  1 
ATOM   601  C C   . ARG A 1 99  ? -4.942  13.521  -10.371 1.00 26.37 ? 238 ARG A C   1 
ATOM   602  O O   . ARG A 1 99  ? -4.141  12.925  -11.097 1.00 31.42 ? 238 ARG A O   1 
ATOM   603  C CB  . ARG A 1 99  ? -7.190  12.676  -11.100 1.00 33.10 ? 238 ARG A CB  1 
ATOM   604  C CG  . ARG A 1 99  ? -7.358  11.833  -9.846  1.00 36.93 ? 238 ARG A CG  1 
ATOM   605  C CD  . ARG A 1 99  ? -8.457  10.794  -10.004 1.00 26.07 ? 238 ARG A CD  1 
ATOM   606  N NE  . ARG A 1 99  ? -8.477  9.865   -8.877  1.00 28.70 ? 238 ARG A NE  1 
ATOM   607  C CZ  . ARG A 1 99  ? -9.382  8.904   -8.714  1.00 31.60 ? 238 ARG A CZ  1 
ATOM   608  N NH1 . ARG A 1 99  ? -10.349 8.740   -9.607  1.00 23.65 ? 238 ARG A NH1 1 
ATOM   609  N NH2 . ARG A 1 99  ? -9.317  8.106   -7.658  1.00 24.89 ? 238 ARG A NH2 1 
ATOM   610  N N   . VAL A 1 100 ? -4.665  13.862  -9.120  1.00 25.32 ? 239 VAL A N   1 
ATOM   611  C CA  . VAL A 1 100 ? -3.322  13.752  -8.565  1.00 33.53 ? 239 VAL A CA  1 
ATOM   612  C C   . VAL A 1 100 ? -3.155  12.396  -7.892  1.00 39.71 ? 239 VAL A C   1 
ATOM   613  O O   . VAL A 1 100 ? -3.938  12.025  -7.010  1.00 31.57 ? 239 VAL A O   1 
ATOM   614  C CB  . VAL A 1 100 ? -3.041  14.894  -7.578  1.00 37.51 ? 239 VAL A CB  1 
ATOM   615  C CG1 . VAL A 1 100 ? -1.676  14.714  -6.935  1.00 30.30 ? 239 VAL A CG1 1 
ATOM   616  C CG2 . VAL A 1 100 ? -3.134  16.238  -8.283  1.00 25.50 ? 239 VAL A CG2 1 
ATOM   617  N N   . TYR A 1 101 ? -2.126  11.662  -8.305  1.00 35.22 ? 240 TYR A N   1 
ATOM   618  C CA  . TYR A 1 101 ? -1.728  10.403  -7.682  1.00 24.81 ? 240 TYR A CA  1 
ATOM   619  C C   . TYR A 1 101 ? -0.374  10.646  -7.022  1.00 33.21 ? 240 TYR A C   1 
ATOM   620  O O   . TYR A 1 101 ? 0.656   10.700  -7.699  1.00 35.69 ? 240 TYR A O   1 
ATOM   621  C CB  . TYR A 1 101 ? -1.663  9.276   -8.711  1.00 29.11 ? 240 TYR A CB  1 
ATOM   622  C CG  . TYR A 1 101 ? -2.999  8.944   -9.338  1.00 31.42 ? 240 TYR A CG  1 
ATOM   623  C CD1 . TYR A 1 101 ? -3.798  7.933   -8.817  1.00 29.60 ? 240 TYR A CD1 1 
ATOM   624  C CD2 . TYR A 1 101 ? -3.460  9.638   -10.447 1.00 32.19 ? 240 TYR A CD2 1 
ATOM   625  C CE1 . TYR A 1 101 ? -5.020  7.626   -9.385  1.00 33.00 ? 240 TYR A CE1 1 
ATOM   626  C CE2 . TYR A 1 101 ? -4.681  9.337   -11.022 1.00 35.73 ? 240 TYR A CE2 1 
ATOM   627  C CZ  . TYR A 1 101 ? -5.457  8.330   -10.487 1.00 35.22 ? 240 TYR A CZ  1 
ATOM   628  O OH  . TYR A 1 101 ? -6.673  8.025   -11.054 1.00 34.43 ? 240 TYR A OH  1 
ATOM   629  N N   . SER A 1 102 ? -0.380  10.800  -5.700  1.00 35.40 ? 241 SER A N   1 
ATOM   630  C CA  . SER A 1 102 ? 0.816   11.129  -4.943  1.00 29.79 ? 241 SER A CA  1 
ATOM   631  C C   . SER A 1 102 ? 1.177   9.986   -4.004  1.00 37.87 ? 241 SER A C   1 
ATOM   632  O O   . SER A 1 102 ? 0.302   9.289   -3.483  1.00 40.91 ? 241 SER A O   1 
ATOM   633  C CB  . SER A 1 102 ? 0.626   12.424  -4.143  1.00 31.56 ? 241 SER A CB  1 
ATOM   634  O OG  . SER A 1 102 ? 1.454   12.442  -2.993  1.00 53.92 ? 241 SER A OG  1 
ATOM   635  N N   . ASN A 1 103 ? 2.480   9.803   -3.794  1.00 35.94 ? 242 ASN A N   1 
ATOM   636  C CA  . ASN A 1 103 ? 2.999   8.758   -2.925  1.00 37.70 ? 242 ASN A CA  1 
ATOM   637  C C   . ASN A 1 103 ? 4.090   9.332   -2.031  1.00 40.79 ? 242 ASN A C   1 
ATOM   638  O O   . ASN A 1 103 ? 4.798   10.268  -2.413  1.00 33.70 ? 242 ASN A O   1 
ATOM   639  C CB  . ASN A 1 103 ? 3.552   7.576   -3.732  1.00 33.88 ? 242 ASN A CB  1 
ATOM   640  C CG  . ASN A 1 103 ? 2.561   7.053   -4.754  1.00 31.50 ? 242 ASN A CG  1 
ATOM   641  O OD1 . ASN A 1 103 ? 2.494   7.545   -5.880  1.00 24.65 ? 242 ASN A OD1 1 
ATOM   642  N ND2 . ASN A 1 103 ? 1.783   6.049   -4.362  1.00 24.70 ? 242 ASN A ND2 1 
ATOM   643  N N   . SER A 1 104 ? 4.221   8.759   -0.839  1.00 32.53 ? 243 SER A N   1 
ATOM   644  C CA  . SER A 1 104 ? 5.148   9.247   0.170   1.00 31.38 ? 243 SER A CA  1 
ATOM   645  C C   . SER A 1 104 ? 6.317   8.283   0.340   1.00 46.61 ? 243 SER A C   1 
ATOM   646  O O   . SER A 1 104 ? 6.164   7.063   0.232   1.00 38.70 ? 243 SER A O   1 
ATOM   647  C CB  . SER A 1 104 ? 4.441   9.443   1.514   1.00 29.31 ? 243 SER A CB  1 
ATOM   648  O OG  . SER A 1 104 ? 3.471   10.474  1.434   1.00 33.46 ? 243 SER A OG  1 
ATOM   649  N N   . ILE A 1 105 ? 7.491   8.854   0.612   1.00 37.15 ? 244 ILE A N   1 
ATOM   650  C CA  . ILE A 1 105 ? 8.713   8.092   0.842   1.00 35.42 ? 244 ILE A CA  1 
ATOM   651  C C   . ILE A 1 105 ? 8.986   8.060   2.337   1.00 36.22 ? 244 ILE A C   1 
ATOM   652  O O   . ILE A 1 105 ? 8.964   9.103   3.005   1.00 31.80 ? 244 ILE A O   1 
ATOM   653  C CB  . ILE A 1 105 ? 9.901   8.703   0.079   1.00 42.28 ? 244 ILE A CB  1 
ATOM   654  C CG1 . ILE A 1 105 ? 9.593   8.781   -1.417  1.00 38.45 ? 244 ILE A CG1 1 
ATOM   655  C CG2 . ILE A 1 105 ? 11.162  7.896   0.325   1.00 24.62 ? 244 ILE A CG2 1 
ATOM   656  C CD1 . ILE A 1 105 ? 10.553  9.659   -2.189  1.00 47.71 ? 244 ILE A CD1 1 
ATOM   657  N N   . TYR A 1 106 ? 9.251   6.868   2.867   1.00 38.62 ? 245 TYR A N   1 
ATOM   658  C CA  . TYR A 1 106 ? 9.462   6.674   4.292   1.00 29.36 ? 245 TYR A CA  1 
ATOM   659  C C   . TYR A 1 106 ? 10.849  6.101   4.553   1.00 40.48 ? 245 TYR A C   1 
ATOM   660  O O   . TYR A 1 106 ? 11.403  5.367   3.728   1.00 38.07 ? 245 TYR A O   1 
ATOM   661  C CB  . TYR A 1 106 ? 8.401   5.740   4.887   1.00 33.88 ? 245 TYR A CB  1 
ATOM   662  C CG  . TYR A 1 106 ? 7.041   6.377   5.052   1.00 26.87 ? 245 TYR A CG  1 
ATOM   663  C CD1 . TYR A 1 106 ? 6.645   6.912   6.270   1.00 29.88 ? 245 TYR A CD1 1 
ATOM   664  C CD2 . TYR A 1 106 ? 6.151   6.445   3.987   1.00 31.93 ? 245 TYR A CD2 1 
ATOM   665  C CE1 . TYR A 1 106 ? 5.403   7.496   6.426   1.00 39.05 ? 245 TYR A CE1 1 
ATOM   666  C CE2 . TYR A 1 106 ? 4.905   7.027   4.133   1.00 36.80 ? 245 TYR A CE2 1 
ATOM   667  C CZ  . TYR A 1 106 ? 4.537   7.551   5.354   1.00 39.15 ? 245 TYR A CZ  1 
ATOM   668  O OH  . TYR A 1 106 ? 3.298   8.132   5.504   1.00 41.81 ? 245 TYR A OH  1 
ATOM   669  N N   . GLU A 1 107 ? 11.402  6.448   5.709   1.00 38.57 ? 246 GLU A N   1 
ATOM   670  C CA  . GLU A 1 107 ? 12.651  5.883   6.194   1.00 36.62 ? 246 GLU A CA  1 
ATOM   671  C C   . GLU A 1 107 ? 12.355  4.927   7.341   1.00 34.53 ? 246 GLU A C   1 
ATOM   672  O O   . GLU A 1 107 ? 11.507  5.211   8.193   1.00 38.51 ? 246 GLU A O   1 
ATOM   673  C CB  . GLU A 1 107 ? 13.612  6.980   6.661   1.00 30.39 ? 246 GLU A CB  1 
ATOM   674  C CG  . GLU A 1 107 ? 14.292  7.737   5.533   1.00 49.74 ? 246 GLU A CG  1 
ATOM   675  C CD  . GLU A 1 107 ? 15.295  8.756   6.040   1.00 57.84 ? 246 GLU A CD  1 
ATOM   676  O OE1 . GLU A 1 107 ? 15.027  9.384   7.085   1.00 53.68 ? 246 GLU A OE1 1 
ATOM   677  O OE2 . GLU A 1 107 ? 16.350  8.927   5.394   1.00 71.12 ? 246 GLU A OE2 1 
ATOM   678  N N   . LEU A 1 108 ? 13.052  3.798   7.360   1.00 36.60 ? 247 LEU A N   1 
ATOM   679  C CA  . LEU A 1 108 ? 12.879  2.785   8.392   1.00 36.59 ? 247 LEU A CA  1 
ATOM   680  C C   . LEU A 1 108 ? 14.135  2.720   9.248   1.00 38.40 ? 247 LEU A C   1 
ATOM   681  O O   . LEU A 1 108 ? 15.243  2.567   8.725   1.00 39.90 ? 247 LEU A O   1 
ATOM   682  C CB  . LEU A 1 108 ? 12.579  1.417   7.777   1.00 39.47 ? 247 LEU A CB  1 
ATOM   683  C CG  . LEU A 1 108 ? 11.329  1.376   6.897   1.00 45.32 ? 247 LEU A CG  1 
ATOM   684  C CD1 . LEU A 1 108 ? 11.615  0.661   5.584   1.00 59.18 ? 247 LEU A CD1 1 
ATOM   685  C CD2 . LEU A 1 108 ? 10.169  0.722   7.634   1.00 38.02 ? 247 LEU A CD2 1 
ATOM   686  N N   . LEU A 1 109 ? 13.960  2.832   10.559  1.00 37.52 ? 248 LEU A N   1 
ATOM   687  C CA  . LEU A 1 109 ? 15.067  2.856   11.500  1.00 36.11 ? 248 LEU A CA  1 
ATOM   688  C C   . LEU A 1 109 ? 15.208  1.512   12.203  1.00 46.24 ? 248 LEU A C   1 
ATOM   689  O O   . LEU A 1 109 ? 14.237  0.771   12.379  1.00 37.08 ? 248 LEU A O   1 
ATOM   690  C CB  . LEU A 1 109 ? 14.876  3.964   12.539  1.00 37.88 ? 248 LEU A CB  1 
ATOM   691  C CG  . LEU A 1 109 ? 14.629  5.376   11.998  1.00 47.97 ? 248 LEU A CG  1 
ATOM   692  C CD1 . LEU A 1 109 ? 14.548  6.379   13.139  1.00 45.78 ? 248 LEU A CD1 1 
ATOM   693  C CD2 . LEU A 1 109 ? 15.713  5.775   11.008  1.00 31.89 ? 248 LEU A CD2 1 
ATOM   694  N N   . GLU A 1 110 ? 16.441  1.206   12.604  1.00 44.15 ? 249 GLU A N   1 
ATOM   695  C CA  . GLU A 1 110 ? 16.735  -0.016  13.347  1.00 31.03 ? 249 GLU A CA  1 
ATOM   696  C C   . GLU A 1 110 ? 17.875  0.297   14.305  1.00 43.24 ? 249 GLU A C   1 
ATOM   697  O O   . GLU A 1 110 ? 19.007  0.518   13.863  1.00 45.64 ? 249 GLU A O   1 
ATOM   698  C CB  . GLU A 1 110 ? 17.100  -1.161  12.407  1.00 42.63 ? 249 GLU A CB  1 
ATOM   699  C CG  . GLU A 1 110 ? 17.111  -2.529  13.065  1.00 35.28 ? 249 GLU A CG  1 
ATOM   700  C CD  . GLU A 1 110 ? 17.485  -3.633  12.098  1.00 53.28 ? 249 GLU A CD  1 
ATOM   701  O OE1 . GLU A 1 110 ? 18.275  -3.366  11.168  1.00 54.34 ? 249 GLU A OE1 1 
ATOM   702  O OE2 . GLU A 1 110 ? 16.987  -4.767  12.264  1.00 66.09 ? 249 GLU A OE2 1 
ATOM   703  N N   . ASN A 1 111 ? 17.572  0.319   15.605  1.00 47.88 ? 250 ASN A N   1 
ATOM   704  C CA  . ASN A 1 111 ? 18.539  0.699   16.636  1.00 41.41 ? 250 ASN A CA  1 
ATOM   705  C C   . ASN A 1 111 ? 19.098  2.095   16.374  1.00 39.76 ? 250 ASN A C   1 
ATOM   706  O O   . ASN A 1 111 ? 20.299  2.342   16.512  1.00 47.37 ? 250 ASN A O   1 
ATOM   707  C CB  . ASN A 1 111 ? 19.669  -0.328  16.752  1.00 47.74 ? 250 ASN A CB  1 
ATOM   708  C CG  . ASN A 1 111 ? 19.156  -1.729  17.022  1.00 67.07 ? 250 ASN A CG  1 
ATOM   709  O OD1 . ASN A 1 111 ? 19.625  -2.699  16.427  1.00 82.44 ? 250 ASN A OD1 1 
ATOM   710  N ND2 . ASN A 1 111 ? 18.185  -1.842  17.922  1.00 68.35 ? 250 ASN A ND2 1 
ATOM   711  N N   . GLY A 1 112 ? 18.218  3.017   15.987  1.00 25.82 ? 251 GLY A N   1 
ATOM   712  C CA  . GLY A 1 112 ? 18.631  4.372   15.684  1.00 30.65 ? 251 GLY A CA  1 
ATOM   713  C C   . GLY A 1 112 ? 19.406  4.539   14.400  1.00 30.74 ? 251 GLY A C   1 
ATOM   714  O O   . GLY A 1 112 ? 19.983  5.607   14.177  1.00 46.49 ? 251 GLY A O   1 
ATOM   715  N N   . GLN A 1 113 ? 19.437  3.521   13.546  1.00 33.02 ? 252 GLN A N   1 
ATOM   716  C CA  . GLN A 1 113 ? 20.181  3.554   12.296  1.00 35.71 ? 252 GLN A CA  1 
ATOM   717  C C   . GLN A 1 113 ? 19.222  3.518   11.116  1.00 31.84 ? 252 GLN A C   1 
ATOM   718  O O   . GLN A 1 113 ? 18.256  2.748   11.114  1.00 35.55 ? 252 GLN A O   1 
ATOM   719  C CB  . GLN A 1 113 ? 21.157  2.379   12.207  1.00 28.67 ? 252 GLN A CB  1 
ATOM   720  C CG  . GLN A 1 113 ? 22.296  2.441   13.207  1.00 26.81 ? 252 GLN A CG  1 
ATOM   721  C CD  . GLN A 1 113 ? 23.229  3.603   12.946  1.00 45.07 ? 252 GLN A CD  1 
ATOM   722  O OE1 . GLN A 1 113 ? 23.449  3.989   11.797  1.00 35.98 ? 252 GLN A OE1 1 
ATOM   723  N NE2 . GLN A 1 113 ? 23.780  4.173   14.012  1.00 31.61 ? 252 GLN A NE2 1 
ATOM   724  N N   . ARG A 1 114 ? 19.490  4.352   10.113  1.00 47.31 ? 253 ARG A N   1 
ATOM   725  C CA  . ARG A 1 114 ? 18.710  4.336   8.881   1.00 37.78 ? 253 ARG A CA  1 
ATOM   726  C C   . ARG A 1 114 ? 18.953  3.017   8.160   1.00 30.81 ? 253 ARG A C   1 
ATOM   727  O O   . ARG A 1 114 ? 20.026  2.802   7.586   1.00 30.25 ? 253 ARG A O   1 
ATOM   728  C CB  . ARG A 1 114 ? 19.086  5.521   7.997   1.00 21.59 ? 253 ARG A CB  1 
ATOM   729  C CG  . ARG A 1 114 ? 18.501  6.849   8.449   1.00 47.79 ? 253 ARG A CG  1 
ATOM   730  C CD  . ARG A 1 114 ? 19.091  8.014   7.667   1.00 48.65 ? 253 ARG A CD  1 
ATOM   731  N NE  . ARG A 1 114 ? 18.958  7.828   6.225   1.00 49.65 ? 253 ARG A NE  1 
ATOM   732  C CZ  . ARG A 1 114 ? 19.978  7.605   5.403   1.00 57.41 ? 253 ARG A CZ  1 
ATOM   733  N NH1 . ARG A 1 114 ? 21.213  7.541   5.879   1.00 51.41 ? 253 ARG A NH1 1 
ATOM   734  N NH2 . ARG A 1 114 ? 19.762  7.444   4.104   1.00 53.90 ? 253 ARG A NH2 1 
ATOM   735  N N   . ALA A 1 115 ? 17.961  2.127   8.191   1.00 33.80 ? 254 ALA A N   1 
ATOM   736  C CA  . ALA A 1 115 ? 18.111  0.794   7.625   1.00 31.00 ? 254 ALA A CA  1 
ATOM   737  C C   . ALA A 1 115 ? 17.531  0.656   6.225   1.00 42.20 ? 254 ALA A C   1 
ATOM   738  O O   . ALA A 1 115 ? 17.903  -0.281  5.512   1.00 39.72 ? 254 ALA A O   1 
ATOM   739  C CB  . ALA A 1 115 ? 17.460  -0.247  8.545   1.00 32.39 ? 254 ALA A CB  1 
ATOM   740  N N   . GLY A 1 116 ? 16.641  1.553   5.812   1.00 50.16 ? 255 GLY A N   1 
ATOM   741  C CA  . GLY A 1 116 ? 16.059  1.458   4.488   1.00 31.31 ? 255 GLY A CA  1 
ATOM   742  C C   . GLY A 1 116 ? 15.230  2.675   4.158   1.00 27.57 ? 255 GLY A C   1 
ATOM   743  O O   . GLY A 1 116 ? 14.790  3.415   5.045   1.00 34.87 ? 255 GLY A O   1 
ATOM   744  N N   . THR A 1 117 ? 15.022  2.872   2.859   1.00 34.86 ? 256 THR A N   1 
ATOM   745  C CA  . THR A 1 117 ? 14.208  3.964   2.343   1.00 35.74 ? 256 THR A CA  1 
ATOM   746  C C   . THR A 1 117 ? 13.291  3.407   1.268   1.00 43.59 ? 256 THR A C   1 
ATOM   747  O O   . THR A 1 117 ? 13.766  2.789   0.310   1.00 45.67 ? 256 THR A O   1 
ATOM   748  C CB  . THR A 1 117 ? 15.083  5.088   1.772   1.00 27.83 ? 256 THR A CB  1 
ATOM   749  O OG1 . THR A 1 117 ? 16.107  5.425   2.716   1.00 45.30 ? 256 THR A OG1 1 
ATOM   750  C CG2 . THR A 1 117 ? 14.244  6.320   1.487   1.00 42.93 ? 256 THR A CG2 1 
ATOM   751  N N   . CYS A 1 118 ? 11.985  3.623   1.422   1.00 39.28 ? 257 CYS A N   1 
ATOM   752  C CA  . CYS A 1 118 ? 11.015  2.966   0.560   1.00 35.19 ? 257 CYS A CA  1 
ATOM   753  C C   . CYS A 1 118 ? 9.817   3.873   0.330   1.00 34.92 ? 257 CYS A C   1 
ATOM   754  O O   . CYS A 1 118 ? 9.566   4.814   1.087   1.00 30.69 ? 257 CYS A O   1 
ATOM   755  C CB  . CYS A 1 118 ? 10.552  1.633   1.158   1.00 29.02 ? 257 CYS A CB  1 
ATOM   756  S SG  . CYS A 1 118 ? 9.685   1.799   2.735   1.00 50.75 ? 257 CYS A SG  1 
ATOM   757  N N   . VAL A 1 119 ? 9.081   3.573   -0.737  1.00 43.23 ? 258 VAL A N   1 
ATOM   758  C CA  . VAL A 1 119 ? 7.772   4.169   -0.981  1.00 38.07 ? 258 VAL A CA  1 
ATOM   759  C C   . VAL A 1 119 ? 6.748   3.271   -0.299  1.00 31.16 ? 258 VAL A C   1 
ATOM   760  O O   . VAL A 1 119 ? 6.440   2.181   -0.787  1.00 29.48 ? 258 VAL A O   1 
ATOM   761  C CB  . VAL A 1 119 ? 7.485   4.312   -2.480  1.00 27.62 ? 258 VAL A CB  1 
ATOM   762  C CG1 . VAL A 1 119 ? 6.197   5.080   -2.699  1.00 31.85 ? 258 VAL A CG1 1 
ATOM   763  C CG2 . VAL A 1 119 ? 8.651   4.997   -3.174  1.00 29.25 ? 258 VAL A CG2 1 
ATOM   764  N N   . LEU A 1 120 ? 6.222   3.726   0.836   1.00 30.28 ? 259 LEU A N   1 
ATOM   765  C CA  . LEU A 1 120 ? 5.414   2.899   1.720   1.00 27.52 ? 259 LEU A CA  1 
ATOM   766  C C   . LEU A 1 120 ? 4.037   3.518   1.909   1.00 25.17 ? 259 LEU A C   1 
ATOM   767  O O   . LEU A 1 120 ? 3.907   4.740   2.037   1.00 29.49 ? 259 LEU A O   1 
ATOM   768  C CB  . LEU A 1 120 ? 6.107   2.732   3.077   1.00 27.23 ? 259 LEU A CB  1 
ATOM   769  C CG  . LEU A 1 120 ? 5.571   1.676   4.044   1.00 34.73 ? 259 LEU A CG  1 
ATOM   770  C CD1 . LEU A 1 120 ? 5.620   0.298   3.415   1.00 30.38 ? 259 LEU A CD1 1 
ATOM   771  C CD2 . LEU A 1 120 ? 6.371   1.705   5.337   1.00 36.71 ? 259 LEU A CD2 1 
ATOM   772  N N   . GLU A 1 121 ? 3.014   2.666   1.929   1.00 31.10 ? 260 GLU A N   1 
ATOM   773  C CA  . GLU A 1 121 ? 1.646   3.107   2.167   1.00 27.39 ? 260 GLU A CA  1 
ATOM   774  C C   . GLU A 1 121 ? 0.795   1.897   2.521   1.00 30.90 ? 260 GLU A C   1 
ATOM   775  O O   . GLU A 1 121 ? 1.179   0.750   2.274   1.00 29.44 ? 260 GLU A O   1 
ATOM   776  C CB  . GLU A 1 121 ? 1.061   3.834   0.952   1.00 30.73 ? 260 GLU A CB  1 
ATOM   777  C CG  . GLU A 1 121 ? 0.993   2.986   -0.305  1.00 21.58 ? 260 GLU A CG  1 
ATOM   778  C CD  . GLU A 1 121 ? 0.557   3.785   -1.516  1.00 34.45 ? 260 GLU A CD  1 
ATOM   779  O OE1 . GLU A 1 121 ? -0.498  3.459   -2.100  1.00 31.77 ? 260 GLU A OE1 1 
ATOM   780  O OE2 . GLU A 1 121 ? 1.270   4.744   -1.883  1.00 29.50 ? 260 GLU A OE2 1 
ATOM   781  N N   . TYR A 1 122 ? -0.366  2.172   3.103   1.00 35.29 ? 261 TYR A N   1 
ATOM   782  C CA  . TYR A 1 122 ? -1.325  1.139   3.459   1.00 29.62 ? 261 TYR A CA  1 
ATOM   783  C C   . TYR A 1 122 ? -2.219  0.804   2.270   1.00 28.04 ? 261 TYR A C   1 
ATOM   784  O O   . TYR A 1 122 ? -2.334  1.567   1.309   1.00 32.28 ? 261 TYR A O   1 
ATOM   785  C CB  . TYR A 1 122 ? -2.193  1.586   4.635   1.00 29.02 ? 261 TYR A CB  1 
ATOM   786  C CG  . TYR A 1 122 ? -1.555  1.428   5.993   1.00 24.58 ? 261 TYR A CG  1 
ATOM   787  C CD1 . TYR A 1 122 ? -1.449  0.181   6.593   1.00 24.00 ? 261 TYR A CD1 1 
ATOM   788  C CD2 . TYR A 1 122 ? -1.077  2.531   6.687   1.00 37.90 ? 261 TYR A CD2 1 
ATOM   789  C CE1 . TYR A 1 122 ? -0.872  0.036   7.839   1.00 33.69 ? 261 TYR A CE1 1 
ATOM   790  C CE2 . TYR A 1 122 ? -0.501  2.397   7.935   1.00 34.85 ? 261 TYR A CE2 1 
ATOM   791  C CZ  . TYR A 1 122 ? -0.400  1.146   8.506   1.00 33.69 ? 261 TYR A CZ  1 
ATOM   792  O OH  . TYR A 1 122 ? 0.174   1.007   9.749   1.00 41.26 ? 261 TYR A OH  1 
ATOM   793  N N   . ALA A 1 123 ? -2.864  -0.356  2.354   1.00 30.04 ? 262 ALA A N   1 
ATOM   794  C CA  . ALA A 1 123 ? -3.892  -0.736  1.387   1.00 31.67 ? 262 ALA A CA  1 
ATOM   795  C C   . ALA A 1 123 ? -5.185  -0.036  1.790   1.00 36.55 ? 262 ALA A C   1 
ATOM   796  O O   . ALA A 1 123 ? -5.883  -0.472  2.708   1.00 37.32 ? 262 ALA A O   1 
ATOM   797  C CB  . ALA A 1 123 ? -4.062  -2.251  1.343   1.00 39.94 ? 262 ALA A CB  1 
ATOM   798  N N   . THR A 1 124 ? -5.497  1.063   1.102   1.00 33.16 ? 263 THR A N   1 
ATOM   799  C CA  . THR A 1 124 ? -6.658  1.869   1.474   1.00 29.27 ? 263 THR A CA  1 
ATOM   800  C C   . THR A 1 124 ? -7.977  1.099   1.486   1.00 27.84 ? 263 THR A C   1 
ATOM   801  O O   . THR A 1 124 ? -8.775  1.334   2.409   1.00 32.43 ? 263 THR A O   1 
ATOM   802  C CB  . THR A 1 124 ? -6.760  3.090   0.546   1.00 33.67 ? 263 THR A CB  1 
ATOM   803  O OG1 . THR A 1 124 ? -5.456  3.646   0.337   1.00 32.60 ? 263 THR A OG1 1 
ATOM   804  C CG2 . THR A 1 124 ? -7.662  4.149   1.159   1.00 14.80 ? 263 THR A CG2 1 
ATOM   805  N N   . PRO A 1 125 ? -8.283  0.209   0.534   1.00 32.60 ? 264 PRO A N   1 
ATOM   806  C CA  . PRO A 1 125 ? -9.561  -0.520  0.612   1.00 32.21 ? 264 PRO A CA  1 
ATOM   807  C C   . PRO A 1 125 ? -9.749  -1.301  1.904   1.00 30.78 ? 264 PRO A C   1 
ATOM   808  O O   . PRO A 1 125 ? -10.896 -1.562  2.286   1.00 31.54 ? 264 PRO A O   1 
ATOM   809  C CB  . PRO A 1 125 ? -9.510  -1.453  -0.603  1.00 23.90 ? 264 PRO A CB  1 
ATOM   810  C CG  . PRO A 1 125 ? -8.633  -0.752  -1.563  1.00 28.20 ? 264 PRO A CG  1 
ATOM   811  C CD  . PRO A 1 125 ? -7.577  -0.095  -0.726  1.00 30.15 ? 264 PRO A CD  1 
ATOM   812  N N   . LEU A 1 126 ? -8.666  -1.684  2.584   1.00 26.82 ? 265 LEU A N   1 
ATOM   813  C CA  . LEU A 1 126 ? -8.812  -2.320  3.890   1.00 28.97 ? 265 LEU A CA  1 
ATOM   814  C C   . LEU A 1 126 ? -9.418  -1.355  4.900   1.00 33.31 ? 265 LEU A C   1 
ATOM   815  O O   . LEU A 1 126 ? -10.210 -1.760  5.760   1.00 32.70 ? 265 LEU A O   1 
ATOM   816  C CB  . LEU A 1 126 ? -7.458  -2.833  4.380   1.00 26.81 ? 265 LEU A CB  1 
ATOM   817  C CG  . LEU A 1 126 ? -6.894  -4.038  3.627   1.00 29.09 ? 265 LEU A CG  1 
ATOM   818  C CD1 . LEU A 1 126 ? -5.587  -4.489  4.251   1.00 33.45 ? 265 LEU A CD1 1 
ATOM   819  C CD2 . LEU A 1 126 ? -7.904  -5.175  3.602   1.00 27.20 ? 265 LEU A CD2 1 
ATOM   820  N N   . GLN A 1 127 ? -9.057  -0.072  4.812   1.00 38.16 ? 266 GLN A N   1 
ATOM   821  C CA  . GLN A 1 127 ? -9.685  0.937   5.658   1.00 29.48 ? 266 GLN A CA  1 
ATOM   822  C C   . GLN A 1 127 ? -11.166 1.075   5.333   1.00 35.49 ? 266 GLN A C   1 
ATOM   823  O O   . GLN A 1 127 ? -11.999 1.205   6.239   1.00 45.00 ? 266 GLN A O   1 
ATOM   824  C CB  . GLN A 1 127 ? -8.968  2.277   5.487   1.00 31.77 ? 266 GLN A CB  1 
ATOM   825  C CG  . GLN A 1 127 ? -9.046  3.196   6.693   1.00 33.40 ? 266 GLN A CG  1 
ATOM   826  C CD  . GLN A 1 127 ? -8.472  4.568   6.407   1.00 31.60 ? 266 GLN A CD  1 
ATOM   827  O OE1 . GLN A 1 127 ? -8.804  5.197   5.402   1.00 32.86 ? 266 GLN A OE1 1 
ATOM   828  N NE2 . GLN A 1 127 ? -7.599  5.041   7.291   1.00 37.53 ? 266 GLN A NE2 1 
ATOM   829  N N   . THR A 1 128 ? -11.514 1.049   4.045   1.00 39.60 ? 267 THR A N   1 
ATOM   830  C CA  . THR A 1 128 ? -12.919 1.082   3.654   1.00 36.14 ? 267 THR A CA  1 
ATOM   831  C C   . THR A 1 128 ? -13.651 -0.159  4.144   1.00 37.38 ? 267 THR A C   1 
ATOM   832  O O   . THR A 1 128 ? -14.821 -0.087  4.538   1.00 45.28 ? 267 THR A O   1 
ATOM   833  C CB  . THR A 1 128 ? -13.035 1.210   2.135   1.00 36.09 ? 267 THR A CB  1 
ATOM   834  O OG1 . THR A 1 128 ? -12.350 2.392   1.699   1.00 47.15 ? 267 THR A OG1 1 
ATOM   835  C CG2 . THR A 1 128 ? -14.494 1.296   1.715   1.00 31.41 ? 267 THR A CG2 1 
ATOM   836  N N   . LEU A 1 129 ? -12.973 -1.308  4.133   1.00 46.61 ? 268 LEU A N   1 
ATOM   837  C CA  . LEU A 1 129 ? -13.570 -2.533  4.653   1.00 33.02 ? 268 LEU A CA  1 
ATOM   838  C C   . LEU A 1 129 ? -13.886 -2.404  6.138   1.00 38.46 ? 268 LEU A C   1 
ATOM   839  O O   . LEU A 1 129 ? -14.893 -2.940  6.617   1.00 35.13 ? 268 LEU A O   1 
ATOM   840  C CB  . LEU A 1 129 ? -12.629 -3.712  4.404   1.00 36.44 ? 268 LEU A CB  1 
ATOM   841  C CG  . LEU A 1 129 ? -13.226 -5.020  3.888   1.00 34.23 ? 268 LEU A CG  1 
ATOM   842  C CD1 . LEU A 1 129 ? -14.251 -4.755  2.801   1.00 31.19 ? 268 LEU A CD1 1 
ATOM   843  C CD2 . LEU A 1 129 ? -12.117 -5.919  3.370   1.00 44.02 ? 268 LEU A CD2 1 
ATOM   844  N N   . PHE A 1 130 ? -13.039 -1.690  6.881   1.00 38.63 ? 269 PHE A N   1 
ATOM   845  C CA  . PHE A 1 130 ? -13.274 -1.490  8.309   1.00 40.72 ? 269 PHE A CA  1 
ATOM   846  C C   . PHE A 1 130 ? -14.505 -0.623  8.544   1.00 42.21 ? 269 PHE A C   1 
ATOM   847  O O   . PHE A 1 130 ? -15.435 -1.019  9.257   1.00 36.67 ? 269 PHE A O   1 
ATOM   848  C CB  . PHE A 1 130 ? -12.037 -0.863  8.957   1.00 34.58 ? 269 PHE A CB  1 
ATOM   849  C CG  . PHE A 1 130 ? -12.075 -0.855  10.461  1.00 37.99 ? 269 PHE A CG  1 
ATOM   850  C CD1 . PHE A 1 130 ? -12.697 0.176   11.149  1.00 45.53 ? 269 PHE A CD1 1 
ATOM   851  C CD2 . PHE A 1 130 ? -11.479 -1.874  11.188  1.00 40.12 ? 269 PHE A CD2 1 
ATOM   852  C CE1 . PHE A 1 130 ? -12.732 0.186   12.530  1.00 46.27 ? 269 PHE A CE1 1 
ATOM   853  C CE2 . PHE A 1 130 ? -11.510 -1.867  12.570  1.00 31.19 ? 269 PHE A CE2 1 
ATOM   854  C CZ  . PHE A 1 130 ? -12.137 -0.837  13.242  1.00 43.20 ? 269 PHE A CZ  1 
ATOM   855  N N   . ALA A 1 131 ? -14.526 0.575   7.953   1.00 47.33 ? 270 ALA A N   1 
ATOM   856  C CA  . ALA A 1 131 ? -15.653 1.481   8.150   1.00 40.33 ? 270 ALA A CA  1 
ATOM   857  C C   . ALA A 1 131 ? -16.949 0.893   7.609   1.00 40.81 ? 270 ALA A C   1 
ATOM   858  O O   . ALA A 1 131 ? -18.031 1.196   8.127   1.00 45.66 ? 270 ALA A O   1 
ATOM   859  C CB  . ALA A 1 131 ? -15.366 2.828   7.488   1.00 38.63 ? 270 ALA A CB  1 
ATOM   860  N N   . MET A 1 132 ? -16.863 0.053   6.577   1.00 39.94 ? 271 MET A N   1 
ATOM   861  C CA  . MET A 1 132 ? -18.057 -0.595  6.047   1.00 36.56 ? 271 MET A CA  1 
ATOM   862  C C   . MET A 1 132 ? -18.694 -1.520  7.077   1.00 39.11 ? 271 MET A C   1 
ATOM   863  O O   . MET A 1 132 ? -19.917 -1.690  7.087   1.00 44.74 ? 271 MET A O   1 
ATOM   864  C CB  . MET A 1 132 ? -17.704 -1.368  4.775   1.00 33.68 ? 271 MET A CB  1 
ATOM   865  C CG  . MET A 1 132 ? -18.886 -1.744  3.907   1.00 41.99 ? 271 MET A CG  1 
ATOM   866  S SD  . MET A 1 132 ? -18.372 -2.193  2.236   1.00 34.59 ? 271 MET A SD  1 
ATOM   867  C CE  . MET A 1 132 ? -19.913 -2.811  1.566   1.00 35.52 ? 271 MET A CE  1 
ATOM   868  N N   . SER A 1 133 ? -17.885 -2.118  7.956   1.00 37.82 ? 272 SER A N   1 
ATOM   869  C CA  . SER A 1 133 ? -18.417 -3.009  8.981   1.00 34.13 ? 272 SER A CA  1 
ATOM   870  C C   . SER A 1 133 ? -19.161 -2.260  10.076  1.00 37.46 ? 272 SER A C   1 
ATOM   871  O O   . SER A 1 133 ? -19.980 -2.862  10.775  1.00 48.44 ? 272 SER A O   1 
ATOM   872  C CB  . SER A 1 133 ? -17.287 -3.832  9.602   1.00 40.32 ? 272 SER A CB  1 
ATOM   873  O OG  . SER A 1 133 ? -16.389 -3.007  10.323  1.00 36.25 ? 272 SER A OG  1 
ATOM   874  N N   . GLN A 1 134 ? -18.894 -0.965  10.245  1.00 41.26 ? 273 GLN A N   1 
ATOM   875  C CA  . GLN A 1 134 ? -19.553 -0.183  11.281  1.00 38.47 ? 273 GLN A CA  1 
ATOM   876  C C   . GLN A 1 134 ? -20.864 0.435   10.818  1.00 35.00 ? 273 GLN A C   1 
ATOM   877  O O   . GLN A 1 134 ? -21.687 0.808   11.662  1.00 40.70 ? 273 GLN A O   1 
ATOM   878  C CB  . GLN A 1 134 ? -18.615 0.921   11.782  1.00 48.29 ? 273 GLN A CB  1 
ATOM   879  C CG  . GLN A 1 134 ? -17.238 0.414   12.182  1.00 56.67 ? 273 GLN A CG  1 
ATOM   880  C CD  . GLN A 1 134 ? -16.481 1.397   13.052  1.00 72.62 ? 273 GLN A CD  1 
ATOM   881  O OE1 . GLN A 1 134 ? -16.212 1.128   14.223  1.00 67.25 ? 273 GLN A OE1 1 
ATOM   882  N NE2 . GLN A 1 134 ? -16.132 2.544   12.480  1.00 70.63 ? 273 GLN A NE2 1 
ATOM   883  N N   . TYR A 1 135 ? -21.077 0.550   9.509   1.00 46.29 ? 274 TYR A N   1 
ATOM   884  C CA  . TYR A 1 135 ? -22.328 1.080   8.979   1.00 36.62 ? 274 TYR A CA  1 
ATOM   885  C C   . TYR A 1 135 ? -23.368 -0.033  8.931   1.00 38.68 ? 274 TYR A C   1 
ATOM   886  O O   . TYR A 1 135 ? -23.164 -1.054  8.265   1.00 51.62 ? 274 TYR A O   1 
ATOM   887  C CB  . TYR A 1 135 ? -22.110 1.674   7.590   1.00 39.37 ? 274 TYR A CB  1 
ATOM   888  C CG  . TYR A 1 135 ? -21.506 3.060   7.597   1.00 38.58 ? 274 TYR A CG  1 
ATOM   889  C CD1 . TYR A 1 135 ? -22.251 4.162   7.995   1.00 48.59 ? 274 TYR A CD1 1 
ATOM   890  C CD2 . TYR A 1 135 ? -20.191 3.265   7.201   1.00 49.32 ? 274 TYR A CD2 1 
ATOM   891  C CE1 . TYR A 1 135 ? -21.701 5.431   7.999   1.00 43.46 ? 274 TYR A CE1 1 
ATOM   892  C CE2 . TYR A 1 135 ? -19.633 4.530   7.203   1.00 51.72 ? 274 TYR A CE2 1 
ATOM   893  C CZ  . TYR A 1 135 ? -20.391 5.608   7.604   1.00 47.96 ? 274 TYR A CZ  1 
ATOM   894  O OH  . TYR A 1 135 ? -19.840 6.869   7.607   1.00 54.87 ? 274 TYR A OH  1 
ATOM   895  N N   . SER A 1 136 ? -24.486 0.165   9.635   1.00 43.40 ? 275 SER A N   1 
ATOM   896  C CA  . SER A 1 136 ? -25.520 -0.863  9.680   1.00 47.39 ? 275 SER A CA  1 
ATOM   897  C C   . SER A 1 136 ? -26.181 -1.063  8.323   1.00 38.24 ? 275 SER A C   1 
ATOM   898  O O   . SER A 1 136 ? -26.613 -2.177  8.004   1.00 47.97 ? 275 SER A O   1 
ATOM   899  C CB  . SER A 1 136 ? -26.569 -0.507  10.733  1.00 39.38 ? 275 SER A CB  1 
ATOM   900  O OG  . SER A 1 136 ? -27.003 0.833   10.586  1.00 52.92 ? 275 SER A OG  1 
ATOM   901  N N   . GLN A 1 137 ? -26.268 -0.006  7.513   1.00 36.22 ? 276 GLN A N   1 
ATOM   902  C CA  . GLN A 1 137 ? -26.884 -0.123  6.197   1.00 44.63 ? 276 GLN A CA  1 
ATOM   903  C C   . GLN A 1 137 ? -26.025 -0.923  5.224   1.00 49.82 ? 276 GLN A C   1 
ATOM   904  O O   . GLN A 1 137 ? -26.543 -1.406  4.211   1.00 40.30 ? 276 GLN A O   1 
ATOM   905  C CB  . GLN A 1 137 ? -27.163 1.269   5.626   1.00 51.35 ? 276 GLN A CB  1 
ATOM   906  C CG  . GLN A 1 137 ? -28.133 1.294   4.456   1.00 55.83 ? 276 GLN A CG  1 
ATOM   907  C CD  . GLN A 1 137 ? -28.275 2.674   3.845   1.00 57.49 ? 276 GLN A CD  1 
ATOM   908  O OE1 . GLN A 1 137 ? -27.606 3.621   4.259   1.00 56.02 ? 276 GLN A OE1 1 
ATOM   909  N NE2 . GLN A 1 137 ? -29.150 2.794   2.853   1.00 51.92 ? 276 GLN A NE2 1 
ATOM   910  N N   . ALA A 1 138 ? -24.733 -1.084  5.512   1.00 40.59 ? 277 ALA A N   1 
ATOM   911  C CA  . ALA A 1 138 ? -23.842 -1.806  4.613   1.00 38.69 ? 277 ALA A CA  1 
ATOM   912  C C   . ALA A 1 138 ? -24.051 -3.314  4.652   1.00 35.23 ? 277 ALA A C   1 
ATOM   913  O O   . ALA A 1 138 ? -23.565 -4.007  3.752   1.00 40.10 ? 277 ALA A O   1 
ATOM   914  C CB  . ALA A 1 138 ? -22.386 -1.479  4.944   1.00 37.86 ? 277 ALA A CB  1 
ATOM   915  N N   . GLY A 1 139 ? -24.753 -3.833  5.658   1.00 41.46 ? 278 GLY A N   1 
ATOM   916  C CA  . GLY A 1 139 ? -24.979 -5.264  5.747   1.00 45.21 ? 278 GLY A CA  1 
ATOM   917  C C   . GLY A 1 139 ? -23.713 -6.080  5.867   1.00 44.28 ? 278 GLY A C   1 
ATOM   918  O O   . GLY A 1 139 ? -23.661 -7.213  5.376   1.00 52.74 ? 278 GLY A O   1 
ATOM   919  N N   . PHE A 1 140 ? -22.684 -5.530  6.504   1.00 55.74 ? 279 PHE A N   1 
ATOM   920  C CA  . PHE A 1 140 ? -21.389 -6.188  6.649   1.00 46.56 ? 279 PHE A CA  1 
ATOM   921  C C   . PHE A 1 140 ? -21.071 -6.299  8.134   1.00 43.13 ? 279 PHE A C   1 
ATOM   922  O O   . PHE A 1 140 ? -20.796 -5.290  8.792   1.00 45.62 ? 279 PHE A O   1 
ATOM   923  C CB  . PHE A 1 140 ? -20.300 -5.414  5.906   1.00 43.18 ? 279 PHE A CB  1 
ATOM   924  C CG  . PHE A 1 140 ? -18.961 -6.087  5.926   1.00 45.47 ? 279 PHE A CG  1 
ATOM   925  C CD1 . PHE A 1 140 ? -18.786 -7.324  5.337   1.00 56.18 ? 279 PHE A CD1 1 
ATOM   926  C CD2 . PHE A 1 140 ? -17.875 -5.479  6.529   1.00 39.85 ? 279 PHE A CD2 1 
ATOM   927  C CE1 . PHE A 1 140 ? -17.557 -7.944  5.354   1.00 61.32 ? 279 PHE A CE1 1 
ATOM   928  C CE2 . PHE A 1 140 ? -16.640 -6.094  6.550   1.00 34.70 ? 279 PHE A CE2 1 
ATOM   929  C CZ  . PHE A 1 140 ? -16.481 -7.329  5.960   1.00 44.46 ? 279 PHE A CZ  1 
ATOM   930  N N   . SER A 1 141 ? -21.111 -7.520  8.659   1.00 31.81 ? 280 SER A N   1 
ATOM   931  C CA  . SER A 1 141 ? -20.856 -7.731  10.075  1.00 47.74 ? 280 SER A CA  1 
ATOM   932  C C   . SER A 1 141 ? -19.382 -7.517  10.395  1.00 40.08 ? 280 SER A C   1 
ATOM   933  O O   . SER A 1 141 ? -18.501 -7.727  9.557   1.00 43.13 ? 280 SER A O   1 
ATOM   934  C CB  . SER A 1 141 ? -21.283 -9.139  10.489  1.00 45.29 ? 280 SER A CB  1 
ATOM   935  O OG  . SER A 1 141 ? -20.563 -10.119 9.762   1.00 46.98 ? 280 SER A OG  1 
ATOM   936  N N   . ARG A 1 142 ? -19.118 -7.094  11.634  1.00 37.61 ? 281 ARG A N   1 
ATOM   937  C CA  . ARG A 1 142 ? -17.743 -6.873  12.068  1.00 41.78 ? 281 ARG A CA  1 
ATOM   938  C C   . ARG A 1 142 ? -16.963 -8.173  12.202  1.00 37.80 ? 281 ARG A C   1 
ATOM   939  O O   . ARG A 1 142 ? -15.728 -8.138  12.230  1.00 48.40 ? 281 ARG A O   1 
ATOM   940  C CB  . ARG A 1 142 ? -17.726 -6.117  13.397  1.00 41.46 ? 281 ARG A CB  1 
ATOM   941  N N   . GLU A 1 143 ? -17.651 -9.315  12.285  1.00 49.65 ? 282 GLU A N   1 
ATOM   942  C CA  . GLU A 1 143 ? -16.960 -10.595 12.395  1.00 36.57 ? 282 GLU A CA  1 
ATOM   943  C C   . GLU A 1 143 ? -16.288 -10.990 11.087  1.00 36.17 ? 282 GLU A C   1 
ATOM   944  O O   . GLU A 1 143 ? -15.270 -11.692 11.103  1.00 36.90 ? 282 GLU A O   1 
ATOM   945  C CB  . GLU A 1 143 ? -17.940 -11.685 12.829  1.00 53.31 ? 282 GLU A CB  1 
ATOM   946  C CG  . GLU A 1 143 ? -18.212 -11.731 14.321  1.00 46.29 ? 282 GLU A CG  1 
ATOM   947  C CD  . GLU A 1 143 ? -19.137 -12.870 14.702  1.00 45.07 ? 282 GLU A CD  1 
ATOM   948  O OE1 . GLU A 1 143 ? -19.728 -13.488 13.791  1.00 56.29 ? 282 GLU A OE1 1 
ATOM   949  O OE2 . GLU A 1 143 ? -19.275 -13.145 15.912  1.00 69.96 ? 282 GLU A OE2 1 
ATOM   950  N N   . ASP A 1 144 ? -16.840 -10.562 9.954   1.00 40.99 ? 283 ASP A N   1 
ATOM   951  C CA  . ASP A 1 144 ? -16.319 -10.923 8.641   1.00 36.80 ? 283 ASP A CA  1 
ATOM   952  C C   . ASP A 1 144 ? -15.187 -10.016 8.180   1.00 33.68 ? 283 ASP A C   1 
ATOM   953  O O   . ASP A 1 144 ? -14.794 -10.091 7.009   1.00 50.50 ? 283 ASP A O   1 
ATOM   954  C CB  . ASP A 1 144 ? -17.447 -10.904 7.607   1.00 38.57 ? 283 ASP A CB  1 
ATOM   955  C CG  . ASP A 1 144 ? -18.619 -11.781 8.004   1.00 35.11 ? 283 ASP A CG  1 
ATOM   956  O OD1 . ASP A 1 144 ? -18.475 -12.574 8.958   1.00 49.42 ? 283 ASP A OD1 1 
ATOM   957  O OD2 . ASP A 1 144 ? -19.686 -11.674 7.363   1.00 64.45 ? 283 ASP A OD2 1 
ATOM   958  N N   . ARG A 1 145 ? -14.655 -9.166  9.060   1.00 36.61 ? 284 ARG A N   1 
ATOM   959  C CA  . ARG A 1 145 ? -13.594 -8.249  8.655   1.00 37.92 ? 284 ARG A CA  1 
ATOM   960  C C   . ARG A 1 145 ? -12.313 -9.002  8.315   1.00 34.54 ? 284 ARG A C   1 
ATOM   961  O O   . ARG A 1 145 ? -11.679 -8.734  7.288   1.00 37.79 ? 284 ARG A O   1 
ATOM   962  C CB  . ARG A 1 145 ? -13.345 -7.222  9.759   1.00 35.31 ? 284 ARG A CB  1 
ATOM   963  C CG  . ARG A 1 145 ? -12.993 -5.835  9.258   1.00 40.35 ? 284 ARG A CG  1 
ATOM   964  C CD  . ARG A 1 145 ? -13.503 -4.769  10.212  1.00 37.95 ? 284 ARG A CD  1 
ATOM   965  N NE  . ARG A 1 145 ? -13.044 -4.996  11.579  1.00 40.42 ? 284 ARG A NE  1 
ATOM   966  C CZ  . ARG A 1 145 ? -13.645 -4.509  12.661  1.00 45.03 ? 284 ARG A CZ  1 
ATOM   967  N NH1 . ARG A 1 145 ? -14.737 -3.764  12.536  1.00 37.68 ? 284 ARG A NH1 1 
ATOM   968  N NH2 . ARG A 1 145 ? -13.156 -4.766  13.866  1.00 37.54 ? 284 ARG A NH2 1 
ATOM   969  N N   . LEU A 1 146 ? -11.918 -9.953  9.166   1.00 36.63 ? 285 LEU A N   1 
ATOM   970  C CA  . LEU A 1 146 ? -10.708 -10.725 8.902   1.00 32.58 ? 285 LEU A CA  1 
ATOM   971  C C   . LEU A 1 146 ? -10.883 -11.632 7.689   1.00 38.92 ? 285 LEU A C   1 
ATOM   972  O O   . LEU A 1 146 ? -9.939  -11.831 6.916   1.00 35.35 ? 285 LEU A O   1 
ATOM   973  C CB  . LEU A 1 146 ? -10.330 -11.543 10.138  1.00 30.52 ? 285 LEU A CB  1 
ATOM   974  C CG  . LEU A 1 146 ? -9.170  -12.529 9.987   1.00 36.13 ? 285 LEU A CG  1 
ATOM   975  C CD1 . LEU A 1 146 ? -7.884  -11.797 9.635   1.00 39.58 ? 285 LEU A CD1 1 
ATOM   976  C CD2 . LEU A 1 146 ? -8.995  -13.349 11.257  1.00 29.74 ? 285 LEU A CD2 1 
ATOM   977  N N   . GLU A 1 147 ? -12.084 -12.187 7.511   1.00 42.64 ? 286 GLU A N   1 
ATOM   978  C CA  . GLU A 1 147 ? -12.352 -13.044 6.361   1.00 36.82 ? 286 GLU A CA  1 
ATOM   979  C C   . GLU A 1 147 ? -12.174 -12.281 5.053   1.00 39.73 ? 286 GLU A C   1 
ATOM   980  O O   . GLU A 1 147 ? -11.542 -12.776 4.112   1.00 37.08 ? 286 GLU A O   1 
ATOM   981  C CB  . GLU A 1 147 ? -13.767 -13.616 6.461   1.00 49.01 ? 286 GLU A CB  1 
ATOM   982  C CG  . GLU A 1 147 ? -14.082 -14.701 5.444   1.00 57.61 ? 286 GLU A CG  1 
ATOM   983  C CD  . GLU A 1 147 ? -15.574 -14.943 5.302   1.00 81.21 ? 286 GLU A CD  1 
ATOM   984  O OE1 . GLU A 1 147 ? -16.353 -13.993 5.533   1.00 79.64 ? 286 GLU A OE1 1 
ATOM   985  O OE2 . GLU A 1 147 ? -15.966 -16.078 4.960   1.00 83.07 ? 286 GLU A OE2 1 
ATOM   986  N N   . GLN A 1 148 ? -12.727 -11.070 4.976   1.00 33.22 ? 287 GLN A N   1 
ATOM   987  C CA  . GLN A 1 148 ? -12.631 -10.296 3.744   1.00 33.95 ? 287 GLN A CA  1 
ATOM   988  C C   . GLN A 1 148 ? -11.238 -9.711  3.552   1.00 30.84 ? 287 GLN A C   1 
ATOM   989  O O   . GLN A 1 148 ? -10.790 -9.546  2.412   1.00 31.28 ? 287 GLN A O   1 
ATOM   990  C CB  . GLN A 1 148 ? -13.681 -9.188  3.739   1.00 36.71 ? 287 GLN A CB  1 
ATOM   991  C CG  . GLN A 1 148 ? -15.107 -9.704  3.762   1.00 37.43 ? 287 GLN A CG  1 
ATOM   992  C CD  . GLN A 1 148 ? -15.565 -10.223 2.416   1.00 41.00 ? 287 GLN A CD  1 
ATOM   993  O OE1 . GLN A 1 148 ? -15.139 -9.734  1.369   1.00 41.67 ? 287 GLN A OE1 1 
ATOM   994  N NE2 . GLN A 1 148 ? -16.441 -11.222 2.435   1.00 50.60 ? 287 GLN A NE2 1 
ATOM   995  N N   . ALA A 1 149 ? -10.542 -9.389  4.646   1.00 27.77 ? 288 ALA A N   1 
ATOM   996  C CA  . ALA A 1 149 ? -9.173  -8.901  4.525   1.00 27.75 ? 288 ALA A CA  1 
ATOM   997  C C   . ALA A 1 149 ? -8.272  -9.950  3.884   1.00 34.64 ? 288 ALA A C   1 
ATOM   998  O O   . ALA A 1 149 ? -7.413  -9.620  3.059   1.00 41.04 ? 288 ALA A O   1 
ATOM   999  C CB  . ALA A 1 149 ? -8.637  -8.494  5.896   1.00 33.16 ? 288 ALA A CB  1 
ATOM   1000 N N   . LYS A 1 150 ? -8.461  -11.221 4.247   1.00 36.88 ? 289 LYS A N   1 
ATOM   1001 C CA  . LYS A 1 150 ? -7.684  -12.287 3.625   1.00 41.50 ? 289 LYS A CA  1 
ATOM   1002 C C   . LYS A 1 150 ? -8.098  -12.495 2.173   1.00 37.06 ? 289 LYS A C   1 
ATOM   1003 O O   . LYS A 1 150 ? -7.254  -12.771 1.314   1.00 36.50 ? 289 LYS A O   1 
ATOM   1004 C CB  . LYS A 1 150 ? -7.834  -13.580 4.425   1.00 31.97 ? 289 LYS A CB  1 
ATOM   1005 C CG  . LYS A 1 150 ? -7.158  -13.543 5.787   1.00 52.91 ? 289 LYS A CG  1 
ATOM   1006 C CD  . LYS A 1 150 ? -7.055  -14.932 6.399   1.00 37.98 ? 289 LYS A CD  1 
ATOM   1007 C CE  . LYS A 1 150 ? -8.403  -15.410 6.912   1.00 59.65 ? 289 LYS A CE  1 
ATOM   1008 N NZ  . LYS A 1 150 ? -8.270  -16.603 7.793   1.00 56.59 ? 289 LYS A NZ  1 
ATOM   1009 N N   . LEU A 1 151 ? -9.396  -12.368 1.880   1.00 30.68 ? 290 LEU A N   1 
ATOM   1010 C CA  . LEU A 1 151 ? -9.849  -12.472 0.498   1.00 28.48 ? 290 LEU A CA  1 
ATOM   1011 C C   . LEU A 1 151 ? -9.335  -11.312 -0.345  1.00 30.46 ? 290 LEU A C   1 
ATOM   1012 O O   . LEU A 1 151 ? -9.036  -11.494 -1.530  1.00 35.42 ? 290 LEU A O   1 
ATOM   1013 C CB  . LEU A 1 151 ? -11.375 -12.538 0.448   1.00 29.57 ? 290 LEU A CB  1 
ATOM   1014 C CG  . LEU A 1 151 ? -12.003 -12.632 -0.946  1.00 47.78 ? 290 LEU A CG  1 
ATOM   1015 C CD1 . LEU A 1 151 ? -11.657 -13.963 -1.601  1.00 34.03 ? 290 LEU A CD1 1 
ATOM   1016 C CD2 . LEU A 1 151 ? -13.510 -12.438 -0.878  1.00 36.32 ? 290 LEU A CD2 1 
ATOM   1017 N N   . PHE A 1 152 ? -9.224  -10.120 0.247   1.00 33.16 ? 291 PHE A N   1 
ATOM   1018 C CA  . PHE A 1 152 ? -8.668  -8.980  -0.475  1.00 28.74 ? 291 PHE A CA  1 
ATOM   1019 C C   . PHE A 1 152 ? -7.212  -9.229  -0.843  1.00 29.53 ? 291 PHE A C   1 
ATOM   1020 O O   . PHE A 1 152 ? -6.801  -9.001  -1.987  1.00 32.89 ? 291 PHE A O   1 
ATOM   1021 C CB  . PHE A 1 152 ? -8.804  -7.713  0.371   1.00 34.22 ? 291 PHE A CB  1 
ATOM   1022 C CG  . PHE A 1 152 ? -8.181  -6.494  -0.255  1.00 29.44 ? 291 PHE A CG  1 
ATOM   1023 C CD1 . PHE A 1 152 ? -8.892  -5.720  -1.154  1.00 28.52 ? 291 PHE A CD1 1 
ATOM   1024 C CD2 . PHE A 1 152 ? -6.884  -6.120  0.064   1.00 36.07 ? 291 PHE A CD2 1 
ATOM   1025 C CE1 . PHE A 1 152 ? -8.322  -4.598  -1.728  1.00 26.11 ? 291 PHE A CE1 1 
ATOM   1026 C CE2 . PHE A 1 152 ? -6.309  -5.000  -0.509  1.00 29.44 ? 291 PHE A CE2 1 
ATOM   1027 C CZ  . PHE A 1 152 ? -7.030  -4.238  -1.405  1.00 36.60 ? 291 PHE A CZ  1 
ATOM   1028 N N   . CYS A 1 153 ? -6.411  -9.694  0.119   1.00 30.43 ? 292 CYS A N   1 
ATOM   1029 C CA  A CYS A 1 153 ? -5.011  -9.984  -0.166  0.50 37.82 ? 292 CYS A CA  1 
ATOM   1030 C CA  B CYS A 1 153 ? -5.011  -9.987  -0.164  0.50 37.60 ? 292 CYS A CA  1 
ATOM   1031 C C   . CYS A 1 153 ? -4.877  -11.136 -1.156  1.00 29.79 ? 292 CYS A C   1 
ATOM   1032 O O   . CYS A 1 153 ? -4.024  -11.097 -2.049  1.00 39.08 ? 292 CYS A O   1 
ATOM   1033 C CB  A CYS A 1 153 ? -4.266  -10.301 1.131   0.50 33.80 ? 292 CYS A CB  1 
ATOM   1034 C CB  B CYS A 1 153 ? -4.269  -10.310 1.132   0.50 31.30 ? 292 CYS A CB  1 
ATOM   1035 S SG  A CYS A 1 153 ? -2.560  -10.848 0.893   0.50 49.59 ? 292 CYS A SG  1 
ATOM   1036 S SG  B CYS A 1 153 ? -4.322  -8.999  2.373   0.50 44.68 ? 292 CYS A SG  1 
ATOM   1037 N N   . ARG A 1 154 ? -5.713  -12.168 -1.011  1.00 37.58 ? 293 ARG A N   1 
ATOM   1038 C CA  . ARG A 1 154 ? -5.659  -13.299 -1.931  1.00 30.19 ? 293 ARG A CA  1 
ATOM   1039 C C   . ARG A 1 154 ? -6.032  -12.878 -3.347  1.00 37.72 ? 293 ARG A C   1 
ATOM   1040 O O   . ARG A 1 154 ? -5.372  -13.273 -4.315  1.00 41.90 ? 293 ARG A O   1 
ATOM   1041 C CB  . ARG A 1 154 ? -6.584  -14.413 -1.439  1.00 40.96 ? 293 ARG A CB  1 
ATOM   1042 C CG  . ARG A 1 154 ? -6.179  -15.809 -1.880  1.00 58.69 ? 293 ARG A CG  1 
ATOM   1043 C CD  . ARG A 1 154 ? -6.835  -16.861 -1.002  1.00 62.62 ? 293 ARG A CD  1 
ATOM   1044 N NE  . ARG A 1 154 ? -6.496  -16.684 0.405   1.00 81.61 ? 293 ARG A NE  1 
ATOM   1045 C CZ  . ARG A 1 154 ? -7.305  -16.990 1.415   1.00 84.50 ? 293 ARG A CZ  1 
ATOM   1046 N NH1 . ARG A 1 154 ? -8.509  -17.489 1.174   1.00 79.56 ? 293 ARG A NH1 1 
ATOM   1047 N NH2 . ARG A 1 154 ? -6.910  -16.795 2.666   1.00 74.30 ? 293 ARG A NH2 1 
ATOM   1048 N N   . THR A 1 155 ? -7.086  -12.070 -3.485  1.00 40.25 ? 294 THR A N   1 
ATOM   1049 C CA  . THR A 1 155 ? -7.487  -11.603 -4.809  1.00 36.53 ? 294 THR A CA  1 
ATOM   1050 C C   . THR A 1 155 ? -6.421  -10.704 -5.425  1.00 28.05 ? 294 THR A C   1 
ATOM   1051 O O   . THR A 1 155 ? -6.096  -10.839 -6.610  1.00 38.03 ? 294 THR A O   1 
ATOM   1052 C CB  . THR A 1 155 ? -8.826  -10.869 -4.727  1.00 34.87 ? 294 THR A CB  1 
ATOM   1053 O OG1 . THR A 1 155 ? -9.810  -11.731 -4.144  1.00 34.27 ? 294 THR A OG1 1 
ATOM   1054 C CG2 . THR A 1 155 ? -9.290  -10.450 -6.113  1.00 37.40 ? 294 THR A CG2 1 
ATOM   1055 N N   . LEU A 1 156 ? -5.860  -9.787  -4.632  1.00 30.86 ? 295 LEU A N   1 
ATOM   1056 C CA  . LEU A 1 156 ? -4.835  -8.888  -5.152  1.00 28.27 ? 295 LEU A CA  1 
ATOM   1057 C C   . LEU A 1 156 ? -3.574  -9.648  -5.544  1.00 39.12 ? 295 LEU A C   1 
ATOM   1058 O O   . LEU A 1 156 ? -2.916  -9.299  -6.530  1.00 42.33 ? 295 LEU A O   1 
ATOM   1059 C CB  . LEU A 1 156 ? -4.516  -7.808  -4.117  1.00 30.03 ? 295 LEU A CB  1 
ATOM   1060 C CG  . LEU A 1 156 ? -3.645  -6.640  -4.586  1.00 30.89 ? 295 LEU A CG  1 
ATOM   1061 C CD1 . LEU A 1 156 ? -4.272  -5.950  -5.787  1.00 32.68 ? 295 LEU A CD1 1 
ATOM   1062 C CD2 . LEU A 1 156 ? -3.428  -5.651  -3.450  1.00 32.51 ? 295 LEU A CD2 1 
ATOM   1063 N N   . GLU A 1 157 ? -3.223  -10.690 -4.785  1.00 36.33 ? 296 GLU A N   1 
ATOM   1064 C CA  . GLU A 1 157 ? -2.044  -11.485 -5.122  1.00 33.23 ? 296 GLU A CA  1 
ATOM   1065 C C   . GLU A 1 157 ? -2.225  -12.200 -6.455  1.00 35.17 ? 296 GLU A C   1 
ATOM   1066 O O   . GLU A 1 157 ? -1.283  -12.296 -7.250  1.00 47.62 ? 296 GLU A O   1 
ATOM   1067 C CB  . GLU A 1 157 ? -1.751  -12.490 -4.010  1.00 38.24 ? 296 GLU A CB  1 
ATOM   1068 C CG  . GLU A 1 157 ? -1.002  -11.905 -2.823  1.00 52.03 ? 296 GLU A CG  1 
ATOM   1069 C CD  . GLU A 1 157 ? -0.981  -12.838 -1.628  1.00 72.36 ? 296 GLU A CD  1 
ATOM   1070 O OE1 . GLU A 1 157 ? -1.766  -13.810 -1.614  1.00 64.96 ? 296 GLU A OE1 1 
ATOM   1071 O OE2 . GLU A 1 157 ? -0.181  -12.597 -0.699  1.00 82.08 ? 296 GLU A OE2 1 
ATOM   1072 N N   . ASP A 1 158 ? -3.431  -12.709 -6.719  1.00 36.98 ? 297 ASP A N   1 
ATOM   1073 C CA  . ASP A 1 158 ? -3.682  -13.387 -7.987  1.00 35.65 ? 297 ASP A CA  1 
ATOM   1074 C C   . ASP A 1 158 ? -3.679  -12.412 -9.156  1.00 44.55 ? 297 ASP A C   1 
ATOM   1075 O O   . ASP A 1 158 ? -3.327  -12.793 -10.278 1.00 60.40 ? 297 ASP A O   1 
ATOM   1076 C CB  . ASP A 1 158 ? -5.012  -14.139 -7.929  1.00 44.87 ? 297 ASP A CB  1 
ATOM   1077 C CG  . ASP A 1 158 ? -5.020  -15.230 -6.877  1.00 52.24 ? 297 ASP A CG  1 
ATOM   1078 O OD1 . ASP A 1 158 ? -3.947  -15.814 -6.612  1.00 56.64 ? 297 ASP A OD1 1 
ATOM   1079 O OD2 . ASP A 1 158 ? -6.101  -15.507 -6.316  1.00 53.75 ? 297 ASP A OD2 1 
ATOM   1080 N N   . ILE A 1 159 ? -4.064  -11.158 -8.918  1.00 41.07 ? 298 ILE A N   1 
ATOM   1081 C CA  . ILE A 1 159 ? -4.066  -10.168 -9.992  1.00 43.97 ? 298 ILE A CA  1 
ATOM   1082 C C   . ILE A 1 159 ? -2.641  -9.741  -10.323 1.00 37.44 ? 298 ILE A C   1 
ATOM   1083 O O   . ILE A 1 159 ? -2.235  -9.729  -11.490 1.00 47.34 ? 298 ILE A O   1 
ATOM   1084 C CB  . ILE A 1 159 ? -4.939  -8.961  -9.607  1.00 46.15 ? 298 ILE A CB  1 
ATOM   1085 C CG1 . ILE A 1 159 ? -6.401  -9.383  -9.449  1.00 42.54 ? 298 ILE A CG1 1 
ATOM   1086 C CG2 . ILE A 1 159 ? -4.811  -7.860  -10.649 1.00 42.40 ? 298 ILE A CG2 1 
ATOM   1087 C CD1 . ILE A 1 159 ? -7.291  -8.295  -8.888  1.00 26.09 ? 298 ILE A CD1 1 
ATOM   1088 N N   . LEU A 1 160 ? -1.857  -9.390  -9.299  1.00 39.00 ? 299 LEU A N   1 
ATOM   1089 C CA  . LEU A 1 160 ? -0.510  -8.883  -9.536  1.00 43.87 ? 299 LEU A CA  1 
ATOM   1090 C C   . LEU A 1 160 ? 0.425   -9.968  -10.054 1.00 47.38 ? 299 LEU A C   1 
ATOM   1091 O O   . LEU A 1 160 ? 1.394   -9.662  -10.759 1.00 63.76 ? 299 LEU A O   1 
ATOM   1092 C CB  . LEU A 1 160 ? 0.052   -8.267  -8.255  1.00 41.45 ? 299 LEU A CB  1 
ATOM   1093 C CG  . LEU A 1 160 ? -0.650  -7.000  -7.765  1.00 34.85 ? 299 LEU A CG  1 
ATOM   1094 C CD1 . LEU A 1 160 ? -0.022  -6.505  -6.473  1.00 36.29 ? 299 LEU A CD1 1 
ATOM   1095 C CD2 . LEU A 1 160 ? -0.616  -5.921  -8.835  1.00 28.82 ? 299 LEU A CD2 1 
ATOM   1096 N N   . ALA A 1 161 ? 0.160   -11.234 -9.718  1.00 55.11 ? 300 ALA A N   1 
ATOM   1097 C CA  . ALA A 1 161 ? 0.989   -12.317 -10.233 1.00 49.11 ? 300 ALA A CA  1 
ATOM   1098 C C   . ALA A 1 161 ? 0.818   -12.489 -11.736 1.00 56.19 ? 300 ALA A C   1 
ATOM   1099 O O   . ALA A 1 161 ? 1.726   -12.987 -12.410 1.00 57.11 ? 300 ALA A O   1 
ATOM   1100 C CB  . ALA A 1 161 ? 0.662   -13.623 -9.509  1.00 45.35 ? 300 ALA A CB  1 
ATOM   1101 N N   . ASP A 1 162 ? -0.331  -12.084 -12.274 1.00 53.33 ? 301 ASP A N   1 
ATOM   1102 C CA  . ASP A 1 162 ? -0.608  -12.178 -13.699 1.00 49.80 ? 301 ASP A CA  1 
ATOM   1103 C C   . ASP A 1 162 ? -0.670  -10.819 -14.381 1.00 55.87 ? 301 ASP A C   1 
ATOM   1104 O O   . ASP A 1 162 ? -0.953  -10.757 -15.583 1.00 62.67 ? 301 ASP A O   1 
ATOM   1105 C CB  . ASP A 1 162 ? -1.925  -12.930 -13.928 1.00 51.44 ? 301 ASP A CB  1 
ATOM   1106 C CG  . ASP A 1 162 ? -1.924  -13.732 -15.213 1.00 58.49 ? 301 ASP A CG  1 
ATOM   1107 O OD1 . ASP A 1 162 ? -0.829  -13.968 -15.766 1.00 60.11 ? 301 ASP A OD1 1 
ATOM   1108 O OD2 . ASP A 1 162 ? -3.018  -14.124 -15.671 1.00 57.02 ? 301 ASP A OD2 1 
ATOM   1109 N N   . ALA A 1 163 ? -0.415  -9.731  -13.654 1.00 50.31 ? 302 ALA A N   1 
ATOM   1110 C CA  . ALA A 1 163 ? -0.521  -8.395  -14.231 1.00 50.34 ? 302 ALA A CA  1 
ATOM   1111 C C   . ALA A 1 163 ? 0.779   -8.016  -14.927 1.00 59.36 ? 302 ALA A C   1 
ATOM   1112 O O   . ALA A 1 163 ? 1.859   -8.207  -14.353 1.00 50.33 ? 302 ALA A O   1 
ATOM   1113 C CB  . ALA A 1 163 ? -0.847  -7.363  -13.160 1.00 39.89 ? 302 ALA A CB  1 
ATOM   1114 N N   . PRO A 1 164 ? 0.720   -7.484  -16.152 1.00 69.76 ? 303 PRO A N   1 
ATOM   1115 C CA  . PRO A 1 164 ? 1.956   -7.044  -16.816 1.00 68.86 ? 303 PRO A CA  1 
ATOM   1116 C C   . PRO A 1 164 ? 2.529   -5.763  -16.239 1.00 55.27 ? 303 PRO A C   1 
ATOM   1117 O O   . PRO A 1 164 ? 3.735   -5.529  -16.377 1.00 63.19 ? 303 PRO A O   1 
ATOM   1118 C CB  . PRO A 1 164 ? 1.519   -6.854  -18.273 1.00 54.53 ? 303 PRO A CB  1 
ATOM   1119 C CG  . PRO A 1 164 ? 0.068   -6.518  -18.180 1.00 52.82 ? 303 PRO A CG  1 
ATOM   1120 C CD  . PRO A 1 164 ? -0.470  -7.286  -16.997 1.00 64.40 ? 303 PRO A CD  1 
ATOM   1121 N N   . GLU A 1 165 ? 1.706   -4.928  -15.599 1.00 48.74 ? 304 GLU A N   1 
ATOM   1122 C CA  . GLU A 1 165 ? 2.205   -3.689  -15.012 1.00 52.02 ? 304 GLU A CA  1 
ATOM   1123 C C   . GLU A 1 165 ? 3.103   -3.939  -13.808 1.00 55.16 ? 304 GLU A C   1 
ATOM   1124 O O   . GLU A 1 165 ? 3.934   -3.086  -13.483 1.00 62.10 ? 304 GLU A O   1 
ATOM   1125 C CB  . GLU A 1 165 ? 1.038   -2.787  -14.610 1.00 47.11 ? 304 GLU A CB  1 
ATOM   1126 C CG  . GLU A 1 165 ? 0.045   -2.512  -15.729 1.00 61.11 ? 304 GLU A CG  1 
ATOM   1127 C CD  . GLU A 1 165 ? -1.065  -3.544  -15.795 1.00 58.74 ? 304 GLU A CD  1 
ATOM   1128 O OE1 . GLU A 1 165 ? -1.173  -4.365  -14.859 1.00 54.16 ? 304 GLU A OE1 1 
ATOM   1129 O OE2 . GLU A 1 165 ? -1.829  -3.537  -16.784 1.00 66.91 ? 304 GLU A OE2 1 
ATOM   1130 N N   . SER A 1 166 ? 2.954   -5.081  -13.139 1.00 45.86 ? 305 SER A N   1 
ATOM   1131 C CA  . SER A 1 166 ? 3.790   -5.430  -11.992 1.00 57.47 ? 305 SER A CA  1 
ATOM   1132 C C   . SER A 1 166 ? 5.029   -6.146  -12.512 1.00 63.49 ? 305 SER A C   1 
ATOM   1133 O O   . SER A 1 166 ? 5.044   -7.364  -12.695 1.00 71.34 ? 305 SER A O   1 
ATOM   1134 C CB  . SER A 1 166 ? 3.014   -6.288  -10.999 1.00 45.84 ? 305 SER A CB  1 
ATOM   1135 O OG  . SER A 1 166 ? 3.868   -7.214  -10.351 1.00 51.97 ? 305 SER A OG  1 
ATOM   1136 N N   . GLN A 1 167 ? 6.082   -5.375  -12.758 1.00 62.95 ? 306 GLN A N   1 
ATOM   1137 C CA  . GLN A 1 167 ? 7.357   -5.896  -13.247 1.00 71.19 ? 306 GLN A CA  1 
ATOM   1138 C C   . GLN A 1 167 ? 8.420   -5.646  -12.181 1.00 69.45 ? 306 GLN A C   1 
ATOM   1139 O O   . GLN A 1 167 ? 9.310   -4.806  -12.360 1.00 71.71 ? 306 GLN A O   1 
ATOM   1140 C CB  . GLN A 1 167 ? 7.732   -5.249  -14.589 1.00 82.85 ? 306 GLN A CB  1 
ATOM   1141 C CG  . GLN A 1 167 ? 8.336   -6.215  -15.596 1.00 88.37 ? 306 GLN A CG  1 
ATOM   1142 C CD  . GLN A 1 167 ? 7.288   -6.885  -16.462 1.00 77.60 ? 306 GLN A CD  1 
ATOM   1143 O OE1 . GLN A 1 167 ? 6.439   -6.221  -17.055 1.00 71.11 ? 306 GLN A OE1 1 
ATOM   1144 N NE2 . GLN A 1 167 ? 7.342   -8.210  -16.540 1.00 73.70 ? 306 GLN A NE2 1 
ATOM   1145 N N   . ASN A 1 168 ? 8.323   -6.381  -11.071 1.00 56.34 ? 307 ASN A N   1 
ATOM   1146 C CA  . ASN A 1 168 ? 9.242   -6.237  -9.939  1.00 70.37 ? 307 ASN A CA  1 
ATOM   1147 C C   . ASN A 1 168 ? 9.259   -4.800  -9.420  1.00 72.34 ? 307 ASN A C   1 
ATOM   1148 O O   . ASN A 1 168 ? 10.318  -4.233  -9.140  1.00 59.91 ? 307 ASN A O   1 
ATOM   1149 C CB  . ASN A 1 168 ? 10.653  -6.703  -10.304 1.00 64.44 ? 307 ASN A CB  1 
ATOM   1150 N N   . ASN A 1 169 ? 8.072   -4.201  -9.293  1.00 65.61 ? 308 ASN A N   1 
ATOM   1151 C CA  . ASN A 1 169 ? 7.939   -2.836  -8.801  1.00 58.45 ? 308 ASN A CA  1 
ATOM   1152 C C   . ASN A 1 169 ? 6.858   -2.703  -7.735  1.00 43.21 ? 308 ASN A C   1 
ATOM   1153 O O   . ASN A 1 169 ? 6.445   -1.578  -7.427  1.00 41.38 ? 308 ASN A O   1 
ATOM   1154 C CB  . ASN A 1 169 ? 7.650   -1.872  -9.959  1.00 48.60 ? 308 ASN A CB  1 
ATOM   1155 C CG  . ASN A 1 169 ? 6.580   -2.394  -10.899 1.00 47.59 ? 308 ASN A CG  1 
ATOM   1156 O OD1 . ASN A 1 169 ? 5.756   -3.227  -10.521 1.00 55.32 ? 308 ASN A OD1 1 
ATOM   1157 N ND2 . ASN A 1 169 ? 6.589   -1.904  -12.134 1.00 53.04 ? 308 ASN A ND2 1 
ATOM   1158 N N   . CYS A 1 170 ? 6.392   -3.810  -7.166  1.00 46.87 ? 309 CYS A N   1 
ATOM   1159 C CA  . CYS A 1 170 ? 5.348   -3.780  -6.152  1.00 39.28 ? 309 CYS A CA  1 
ATOM   1160 C C   . CYS A 1 170 ? 5.513   -4.992  -5.247  1.00 37.69 ? 309 CYS A C   1 
ATOM   1161 O O   . CYS A 1 170 ? 5.799   -6.094  -5.722  1.00 41.97 ? 309 CYS A O   1 
ATOM   1162 C CB  . CYS A 1 170 ? 3.955   -3.766  -6.791  1.00 34.40 ? 309 CYS A CB  1 
ATOM   1163 S SG  . CYS A 1 170 ? 2.592   -4.022  -5.639  1.00 45.21 ? 309 CYS A SG  1 
ATOM   1164 N N   . ARG A 1 171 ? 5.331   -4.779  -3.945  1.00 33.90 ? 310 ARG A N   1 
ATOM   1165 C CA  . ARG A 1 171 ? 5.517   -5.832  -2.952  1.00 34.97 ? 310 ARG A CA  1 
ATOM   1166 C C   . ARG A 1 171 ? 4.414   -5.730  -1.911  1.00 32.84 ? 310 ARG A C   1 
ATOM   1167 O O   . ARG A 1 171 ? 4.294   -4.710  -1.230  1.00 39.04 ? 310 ARG A O   1 
ATOM   1168 C CB  . ARG A 1 171 ? 6.893   -5.726  -2.286  1.00 46.11 ? 310 ARG A CB  1 
ATOM   1169 C CG  . ARG A 1 171 ? 7.283   -6.947  -1.472  1.00 51.67 ? 310 ARG A CG  1 
ATOM   1170 C CD  . ARG A 1 171 ? 7.606   -8.130  -2.372  1.00 58.87 ? 310 ARG A CD  1 
ATOM   1171 N NE  . ARG A 1 171 ? 8.156   -9.254  -1.619  1.00 65.06 ? 310 ARG A NE  1 
ATOM   1172 C CZ  . ARG A 1 171 ? 9.438   -9.379  -1.294  1.00 65.15 ? 310 ARG A CZ  1 
ATOM   1173 N NH1 . ARG A 1 171 ? 10.311  -8.449  -1.658  1.00 79.02 ? 310 ARG A NH1 1 
ATOM   1174 N NH2 . ARG A 1 171 ? 9.850   -10.434 -0.605  1.00 65.83 ? 310 ARG A NH2 1 
ATOM   1175 N N   . LEU A 1 172 ? 3.616   -6.789  -1.788  1.00 42.69 ? 311 LEU A N   1 
ATOM   1176 C CA  . LEU A 1 172 ? 2.530   -6.834  -0.817  1.00 38.12 ? 311 LEU A CA  1 
ATOM   1177 C C   . LEU A 1 172 ? 3.061   -7.335  0.520   1.00 44.41 ? 311 LEU A C   1 
ATOM   1178 O O   . LEU A 1 172 ? 3.747   -8.360  0.580   1.00 47.90 ? 311 LEU A O   1 
ATOM   1179 C CB  . LEU A 1 172 ? 1.402   -7.737  -1.315  1.00 35.22 ? 311 LEU A CB  1 
ATOM   1180 C CG  . LEU A 1 172 ? 0.761   -7.343  -2.648  1.00 51.77 ? 311 LEU A CG  1 
ATOM   1181 C CD1 . LEU A 1 172 ? -0.395  -8.273  -2.986  1.00 36.44 ? 311 LEU A CD1 1 
ATOM   1182 C CD2 . LEU A 1 172 ? 0.293   -5.896  -2.617  1.00 38.11 ? 311 LEU A CD2 1 
ATOM   1183 N N   . ILE A 1 173 ? 2.741   -6.610  1.587   1.00 38.66 ? 312 ILE A N   1 
ATOM   1184 C CA  . ILE A 1 173 ? 3.210   -6.937  2.934   1.00 39.18 ? 312 ILE A CA  1 
ATOM   1185 C C   . ILE A 1 173 ? 1.970   -7.198  3.782   1.00 28.88 ? 312 ILE A C   1 
ATOM   1186 O O   . ILE A 1 173 ? 1.428   -6.296  4.427   1.00 37.68 ? 312 ILE A O   1 
ATOM   1187 C CB  . ILE A 1 173 ? 4.079   -5.829  3.533   1.00 37.70 ? 312 ILE A CB  1 
ATOM   1188 C CG1 . ILE A 1 173 ? 5.215   -5.469  2.573   1.00 40.03 ? 312 ILE A CG1 1 
ATOM   1189 C CG2 . ILE A 1 173 ? 4.637   -6.262  4.883   1.00 25.54 ? 312 ILE A CG2 1 
ATOM   1190 C CD1 . ILE A 1 173 ? 6.099   -4.346  3.065   1.00 39.28 ? 312 ILE A CD1 1 
ATOM   1191 N N   . ALA A 1 174 ? 1.508   -8.445  3.785   1.00 28.95 ? 313 ALA A N   1 
ATOM   1192 C CA  . ALA A 1 174 ? 0.376   -8.847  4.604   1.00 33.46 ? 313 ALA A CA  1 
ATOM   1193 C C   . ALA A 1 174 ? 0.872   -9.420  5.924   1.00 39.86 ? 313 ALA A C   1 
ATOM   1194 O O   . ALA A 1 174 ? 1.844   -10.181 5.959   1.00 44.81 ? 313 ALA A O   1 
ATOM   1195 C CB  . ALA A 1 174 ? -0.485  -9.879  3.873   1.00 26.52 ? 313 ALA A CB  1 
ATOM   1196 N N   . TYR A 1 175 ? 0.201   -9.049  7.011   1.00 45.41 ? 314 TYR A N   1 
ATOM   1197 C CA  . TYR A 1 175 ? 0.618   -9.487  8.334   1.00 36.52 ? 314 TYR A CA  1 
ATOM   1198 C C   . TYR A 1 175 ? -0.586  -9.526  9.263   1.00 44.04 ? 314 TYR A C   1 
ATOM   1199 O O   . TYR A 1 175 ? -1.625  -8.916  8.995   1.00 33.14 ? 314 TYR A O   1 
ATOM   1200 C CB  . TYR A 1 175 ? 1.709   -8.575  8.911   1.00 30.35 ? 314 TYR A CB  1 
ATOM   1201 C CG  . TYR A 1 175 ? 1.330   -7.110  8.964   1.00 31.95 ? 314 TYR A CG  1 
ATOM   1202 C CD1 . TYR A 1 175 ? 0.773   -6.558  10.110  1.00 26.90 ? 314 TYR A CD1 1 
ATOM   1203 C CD2 . TYR A 1 175 ? 1.538   -6.278  7.870   1.00 28.58 ? 314 TYR A CD2 1 
ATOM   1204 C CE1 . TYR A 1 175 ? 0.430   -5.221  10.166  1.00 23.94 ? 314 TYR A CE1 1 
ATOM   1205 C CE2 . TYR A 1 175 ? 1.198   -4.939  7.917   1.00 29.20 ? 314 TYR A CE2 1 
ATOM   1206 C CZ  . TYR A 1 175 ? 0.643   -4.416  9.067   1.00 29.42 ? 314 TYR A CZ  1 
ATOM   1207 O OH  . TYR A 1 175 ? 0.303   -3.084  9.119   1.00 38.25 ? 314 TYR A OH  1 
ATOM   1208 N N   . GLN A 1 176 ? -0.427  -10.256 10.366  1.00 60.06 ? 315 GLN A N   1 
ATOM   1209 C CA  . GLN A 1 176 ? -1.460  -10.396 11.387  1.00 58.81 ? 315 GLN A CA  1 
ATOM   1210 C C   . GLN A 1 176 ? -0.825  -10.095 12.738  1.00 61.38 ? 315 GLN A C   1 
ATOM   1211 O O   . GLN A 1 176 ? 0.011   -10.865 13.220  1.00 60.23 ? 315 GLN A O   1 
ATOM   1212 C CB  . GLN A 1 176 ? -2.069  -11.798 11.367  1.00 56.68 ? 315 GLN A CB  1 
ATOM   1213 C CG  . GLN A 1 176 ? -3.389  -11.917 12.106  1.00 67.87 ? 315 GLN A CG  1 
ATOM   1214 C CD  . GLN A 1 176 ? -4.192  -13.127 11.670  1.00 73.81 ? 315 GLN A CD  1 
ATOM   1215 O OE1 . GLN A 1 176 ? -3.907  -13.735 10.638  1.00 72.31 ? 315 GLN A OE1 1 
ATOM   1216 N NE2 . GLN A 1 176 ? -5.201  -13.485 12.456  1.00 69.23 ? 315 GLN A NE2 1 
ATOM   1217 N N   . GLU A 1 177 ? -1.220  -8.977  13.344  1.00 72.19 ? 316 GLU A N   1 
ATOM   1218 C CA  . GLU A 1 177 ? -0.627  -8.541  14.601  1.00 71.05 ? 316 GLU A CA  1 
ATOM   1219 C C   . GLU A 1 177 ? -1.368  -9.174  15.771  1.00 81.72 ? 316 GLU A C   1 
ATOM   1220 O O   . GLU A 1 177 ? -2.566  -8.911  15.943  1.00 94.24 ? 316 GLU A O   1 
ATOM   1221 C CB  . GLU A 1 177 ? -0.672  -7.027  14.716  1.00 70.02 ? 316 GLU A CB  1 
ATOM   1222 C CG  . GLU A 1 177 ? -0.023  -6.476  15.974  1.00 75.94 ? 316 GLU A CG  1 
ATOM   1223 C CD  . GLU A 1 177 ? -0.021  -4.960  16.009  1.00 86.20 ? 316 GLU A CD  1 
ATOM   1224 O OE1 . GLU A 1 177 ? -0.683  -4.343  15.150  1.00 82.68 ? 316 GLU A OE1 1 
ATOM   1225 O OE2 . GLU A 1 177 ? 0.646   -4.385  16.896  1.00 84.36 ? 316 GLU A OE2 1 
ATOM   1226 N N   . PRO A 1 178 ? -0.711  -10.007 16.591  1.00 85.47 ? 317 PRO A N   1 
ATOM   1227 C CA  . PRO A 1 178 ? -1.331  -10.636 17.764  1.00 83.02 ? 317 PRO A CA  1 
ATOM   1228 C C   . PRO A 1 178 ? -1.742  -9.616  18.823  1.00 81.70 ? 317 PRO A C   1 
ATOM   1229 O O   . PRO A 1 178 ? -0.867  -8.971  19.402  1.00 72.19 ? 317 PRO A O   1 
ATOM   1230 C CB  . PRO A 1 178 ? -0.228  -11.558 18.298  1.00 80.86 ? 317 PRO A CB  1 
ATOM   1231 C CG  . PRO A 1 178 ? 0.714   -11.748 17.151  1.00 57.02 ? 317 PRO A CG  1 
ATOM   1232 C CD  . PRO A 1 178 ? 0.679   -10.455 16.401  1.00 80.97 ? 317 PRO A CD  1 
ATOM   1233 N N   . PHE A 1 184 ? 5.476   -7.159  18.500  1.00 68.67 ? 323 PHE A N   1 
ATOM   1234 C CA  . PHE A 1 184 ? 5.404   -6.988  17.054  1.00 59.16 ? 323 PHE A CA  1 
ATOM   1235 C C   . PHE A 1 184 ? 6.004   -5.651  16.629  1.00 64.83 ? 323 PHE A C   1 
ATOM   1236 O O   . PHE A 1 184 ? 5.760   -4.622  17.257  1.00 59.01 ? 323 PHE A O   1 
ATOM   1237 C CB  . PHE A 1 184 ? 3.956   -7.090  16.573  1.00 74.31 ? 323 PHE A CB  1 
ATOM   1238 C CG  . PHE A 1 184 ? 3.801   -6.965  15.083  1.00 66.80 ? 323 PHE A CG  1 
ATOM   1239 C CD1 . PHE A 1 184 ? 4.064   -8.045  14.255  1.00 61.60 ? 323 PHE A CD1 1 
ATOM   1240 C CD2 . PHE A 1 184 ? 3.394   -5.771  14.511  1.00 62.25 ? 323 PHE A CD2 1 
ATOM   1241 C CE1 . PHE A 1 184 ? 3.923   -7.934  12.883  1.00 57.56 ? 323 PHE A CE1 1 
ATOM   1242 C CE2 . PHE A 1 184 ? 3.252   -5.654  13.141  1.00 56.15 ? 323 PHE A CE2 1 
ATOM   1243 C CZ  . PHE A 1 184 ? 3.517   -6.738  12.326  1.00 51.19 ? 323 PHE A CZ  1 
ATOM   1244 N N   . SER A 1 185 ? 6.789   -5.676  15.554  1.00 57.05 ? 324 SER A N   1 
ATOM   1245 C CA  . SER A 1 185 ? 7.424   -4.480  15.012  1.00 56.38 ? 324 SER A CA  1 
ATOM   1246 C C   . SER A 1 185 ? 7.076   -4.366  13.538  1.00 45.30 ? 324 SER A C   1 
ATOM   1247 O O   . SER A 1 185 ? 7.469   -5.223  12.737  1.00 46.83 ? 324 SER A O   1 
ATOM   1248 C CB  . SER A 1 185 ? 8.943   -4.523  15.202  1.00 39.67 ? 324 SER A CB  1 
ATOM   1249 O OG  . SER A 1 185 ? 9.525   -3.262  14.915  1.00 46.37 ? 324 SER A OG  1 
ATOM   1250 N N   . LEU A 1 186 ? 6.339   -3.313  13.179  1.00 44.23 ? 325 LEU A N   1 
ATOM   1251 C CA  . LEU A 1 186 ? 5.988   -3.106  11.779  1.00 44.99 ? 325 LEU A CA  1 
ATOM   1252 C C   . LEU A 1 186 ? 7.208   -2.737  10.945  1.00 43.38 ? 325 LEU A C   1 
ATOM   1253 O O   . LEU A 1 186 ? 7.287   -3.110  9.768   1.00 40.65 ? 325 LEU A O   1 
ATOM   1254 C CB  . LEU A 1 186 ? 4.913   -2.024  11.661  1.00 42.18 ? 325 LEU A CB  1 
ATOM   1255 C CG  . LEU A 1 186 ? 4.326   -1.797  10.265  1.00 46.92 ? 325 LEU A CG  1 
ATOM   1256 C CD1 . LEU A 1 186 ? 3.844   -3.109  9.669   1.00 39.65 ? 325 LEU A CD1 1 
ATOM   1257 C CD2 . LEU A 1 186 ? 3.195   -0.781  10.314  1.00 38.84 ? 325 LEU A CD2 1 
ATOM   1258 N N   . SER A 1 187 ? 8.166   -2.016  11.533  1.00 39.86 ? 326 SER A N   1 
ATOM   1259 C CA  . SER A 1 187 ? 9.376   -1.657  10.801  1.00 34.28 ? 326 SER A CA  1 
ATOM   1260 C C   . SER A 1 187 ? 10.193  -2.891  10.443  1.00 30.58 ? 326 SER A C   1 
ATOM   1261 O O   . SER A 1 187 ? 10.764  -2.968  9.349   1.00 42.05 ? 326 SER A O   1 
ATOM   1262 C CB  . SER A 1 187 ? 10.217  -0.679  11.621  1.00 40.44 ? 326 SER A CB  1 
ATOM   1263 O OG  . SER A 1 187 ? 10.245  -1.053  12.989  1.00 38.31 ? 326 SER A OG  1 
ATOM   1264 N N   . GLN A 1 188 ? 10.259  -3.868  11.350  1.00 41.91 ? 327 GLN A N   1 
ATOM   1265 C CA  . GLN A 1 188 ? 11.005  -5.090  11.066  1.00 35.95 ? 327 GLN A CA  1 
ATOM   1266 C C   . GLN A 1 188 ? 10.354  -5.898  9.953   1.00 46.74 ? 327 GLN A C   1 
ATOM   1267 O O   . GLN A 1 188 ? 11.058  -6.538  9.164   1.00 40.31 ? 327 GLN A O   1 
ATOM   1268 C CB  . GLN A 1 188 ? 11.132  -5.936  12.333  1.00 41.73 ? 327 GLN A CB  1 
ATOM   1269 C CG  . GLN A 1 188 ? 12.077  -5.360  13.371  1.00 50.76 ? 327 GLN A CG  1 
ATOM   1270 C CD  . GLN A 1 188 ? 13.489  -5.189  12.843  1.00 49.78 ? 327 GLN A CD  1 
ATOM   1271 O OE1 . GLN A 1 188 ? 14.026  -4.082  12.825  1.00 45.60 ? 327 GLN A OE1 1 
ATOM   1272 N NE2 . GLN A 1 188 ? 14.098  -6.290  12.413  1.00 45.17 ? 327 GLN A NE2 1 
ATOM   1273 N N   . GLU A 1 189 ? 9.022   -5.885  9.875   1.00 50.73 ? 328 GLU A N   1 
ATOM   1274 C CA  . GLU A 1 189 ? 8.338   -6.609  8.810   1.00 43.25 ? 328 GLU A CA  1 
ATOM   1275 C C   . GLU A 1 189 ? 8.635   -5.995  7.448   1.00 41.66 ? 328 GLU A C   1 
ATOM   1276 O O   . GLU A 1 189 ? 8.852   -6.717  6.469   1.00 54.24 ? 328 GLU A O   1 
ATOM   1277 C CB  . GLU A 1 189 ? 6.832   -6.633  9.074   1.00 48.19 ? 328 GLU A CB  1 
ATOM   1278 C CG  . GLU A 1 189 ? 6.160   -7.959  8.751   1.00 45.08 ? 328 GLU A CG  1 
ATOM   1279 C CD  . GLU A 1 189 ? 6.560   -9.064  9.708   1.00 74.83 ? 328 GLU A CD  1 
ATOM   1280 O OE1 . GLU A 1 189 ? 7.266   -9.999  9.275   1.00 81.84 ? 328 GLU A OE1 1 
ATOM   1281 O OE2 . GLU A 1 189 ? 6.173   -8.996  10.893  1.00 71.38 ? 328 GLU A OE2 1 
ATOM   1282 N N   . VAL A 1 190 ? 8.651   -4.663  7.368   1.00 40.97 ? 329 VAL A N   1 
ATOM   1283 C CA  . VAL A 1 190 ? 8.960   -3.999  6.106   1.00 35.89 ? 329 VAL A CA  1 
ATOM   1284 C C   . VAL A 1 190 ? 10.419  -4.227  5.727   1.00 44.44 ? 329 VAL A C   1 
ATOM   1285 O O   . VAL A 1 190 ? 10.749  -4.402  4.548   1.00 47.62 ? 329 VAL A O   1 
ATOM   1286 C CB  . VAL A 1 190 ? 8.626   -2.498  6.197   1.00 50.53 ? 329 VAL A CB  1 
ATOM   1287 C CG1 . VAL A 1 190 ? 8.899   -1.807  4.867   1.00 35.21 ? 329 VAL A CG1 1 
ATOM   1288 C CG2 . VAL A 1 190 ? 7.179   -2.300  6.617   1.00 37.34 ? 329 VAL A CG2 1 
ATOM   1289 N N   . LEU A 1 191 ? 11.312  -4.236  6.719   1.00 45.25 ? 330 LEU A N   1 
ATOM   1290 C CA  . LEU A 1 191 ? 12.733  -4.393  6.431   1.00 36.89 ? 330 LEU A CA  1 
ATOM   1291 C C   . LEU A 1 191 ? 13.055  -5.785  5.902   1.00 42.48 ? 330 LEU A C   1 
ATOM   1292 O O   . LEU A 1 191 ? 13.964  -5.935  5.078   1.00 55.75 ? 330 LEU A O   1 
ATOM   1293 C CB  . LEU A 1 191 ? 13.556  -4.094  7.682   1.00 43.89 ? 330 LEU A CB  1 
ATOM   1294 C CG  . LEU A 1 191 ? 13.732  -2.608  8.004   1.00 41.54 ? 330 LEU A CG  1 
ATOM   1295 C CD1 . LEU A 1 191 ? 14.327  -2.417  9.391   1.00 36.15 ? 330 LEU A CD1 1 
ATOM   1296 C CD2 . LEU A 1 191 ? 14.589  -1.930  6.947   1.00 35.49 ? 330 LEU A CD2 1 
ATOM   1297 N N   . ARG A 1 192 ? 12.328  -6.811  6.355   1.00 46.71 ? 331 ARG A N   1 
ATOM   1298 C CA  . ARG A 1 192 ? 12.584  -8.164  5.870   1.00 50.63 ? 331 ARG A CA  1 
ATOM   1299 C C   . ARG A 1 192 ? 12.289  -8.281  4.379   1.00 52.43 ? 331 ARG A C   1 
ATOM   1300 O O   . ARG A 1 192 ? 13.054  -8.905  3.636   1.00 55.16 ? 331 ARG A O   1 
ATOM   1301 C CB  . ARG A 1 192 ? 11.758  -9.176  6.665   1.00 53.11 ? 331 ARG A CB  1 
ATOM   1302 C CG  . ARG A 1 192 ? 12.548  -9.900  7.744   1.00 76.48 ? 331 ARG A CG  1 
ATOM   1303 C CD  . ARG A 1 192 ? 11.692  -10.918 8.482   1.00 76.11 ? 331 ARG A CD  1 
ATOM   1304 N NE  . ARG A 1 192 ? 10.565  -10.292 9.166   1.00 79.36 ? 331 ARG A NE  1 
ATOM   1305 C CZ  . ARG A 1 192 ? 10.488  -10.129 10.483  1.00 71.76 ? 331 ARG A CZ  1 
ATOM   1306 N NH1 . ARG A 1 192 ? 11.477  -10.543 11.262  1.00 59.48 ? 331 ARG A NH1 1 
ATOM   1307 N NH2 . ARG A 1 192 ? 9.424   -9.549  11.020  1.00 69.98 ? 331 ARG A NH2 1 
ATOM   1308 N N   . HIS A 1 193 ? 11.185  -7.686  3.924   1.00 52.38 ? 332 HIS A N   1 
ATOM   1309 C CA  . HIS A 1 193 ? 10.910  -7.652  2.491   1.00 54.23 ? 332 HIS A CA  1 
ATOM   1310 C C   . HIS A 1 193 ? 11.871  -6.722  1.764   1.00 54.44 ? 332 HIS A C   1 
ATOM   1311 O O   . HIS A 1 193 ? 12.157  -6.930  0.579   1.00 58.40 ? 332 HIS A O   1 
ATOM   1312 C CB  . HIS A 1 193 ? 9.465   -7.219  2.239   1.00 48.42 ? 332 HIS A CB  1 
ATOM   1313 C CG  . HIS A 1 193 ? 8.445   -8.165  2.791   1.00 52.73 ? 332 HIS A CG  1 
ATOM   1314 N ND1 . HIS A 1 193 ? 8.157   -8.246  4.135   1.00 50.53 ? 332 HIS A ND1 1 
ATOM   1315 C CD2 . HIS A 1 193 ? 7.640   -9.065  2.177   1.00 49.07 ? 332 HIS A CD2 1 
ATOM   1316 C CE1 . HIS A 1 193 ? 7.221   -9.159  4.328   1.00 56.32 ? 332 HIS A CE1 1 
ATOM   1317 N NE2 . HIS A 1 193 ? 6.890   -9.670  3.155   1.00 57.12 ? 332 HIS A NE2 1 
ATOM   1318 N N   . LEU A 1 194 ? 12.377  -5.698  2.454   1.00 51.07 ? 333 LEU A N   1 
ATOM   1319 C CA  . LEU A 1 194 ? 13.303  -4.762  1.828   1.00 45.89 ? 333 LEU A CA  1 
ATOM   1320 C C   . LEU A 1 194 ? 14.657  -5.414  1.566   1.00 55.83 ? 333 LEU A C   1 
ATOM   1321 O O   . LEU A 1 194 ? 15.286  -5.155  0.533   1.00 58.95 ? 333 LEU A O   1 
ATOM   1322 C CB  . LEU A 1 194 ? 13.463  -3.524  2.709   1.00 46.70 ? 333 LEU A CB  1 
ATOM   1323 C CG  . LEU A 1 194 ? 13.786  -2.199  2.020   1.00 55.74 ? 333 LEU A CG  1 
ATOM   1324 C CD1 . LEU A 1 194 ? 12.711  -1.841  1.011   1.00 60.90 ? 333 LEU A CD1 1 
ATOM   1325 C CD2 . LEU A 1 194 ? 13.932  -1.096  3.051   1.00 59.52 ? 333 LEU A CD2 1 
ATOM   1326 N N   . ARG A 1 195 ? 15.117  -6.264  2.484   1.00 49.89 ? 334 ARG A N   1 
ATOM   1327 C CA  . ARG A 1 195 ? 16.402  -6.933  2.326   1.00 58.19 ? 334 ARG A CA  1 
ATOM   1328 C C   . ARG A 1 195 ? 16.354  -8.089  1.335   1.00 62.18 ? 334 ARG A C   1 
ATOM   1329 O O   . ARG A 1 195 ? 17.415  -8.571  0.924   1.00 58.32 ? 334 ARG A O   1 
ATOM   1330 C CB  . ARG A 1 195 ? 16.901  -7.438  3.683   1.00 51.05 ? 334 ARG A CB  1 
ATOM   1331 C CG  . ARG A 1 195 ? 17.543  -6.360  4.542   1.00 59.82 ? 334 ARG A CG  1 
ATOM   1332 C CD  . ARG A 1 195 ? 16.998  -6.378  5.960   1.00 57.37 ? 334 ARG A CD  1 
ATOM   1333 N NE  . ARG A 1 195 ? 17.690  -5.423  6.822   1.00 74.30 ? 334 ARG A NE  1 
ATOM   1334 C CZ  . ARG A 1 195 ? 17.518  -5.343  8.137   1.00 63.09 ? 334 ARG A CZ  1 
ATOM   1335 N NH1 . ARG A 1 195 ? 16.673  -6.162  8.749   1.00 55.63 ? 334 ARG A NH1 1 
ATOM   1336 N NH2 . ARG A 1 195 ? 18.190  -4.442  8.842   1.00 42.11 ? 334 ARG A NH2 1 
ATOM   1337 N N   . GLN A 1 196 ? 15.162  -8.546  0.945   1.00 60.92 ? 335 GLN A N   1 
ATOM   1338 C CA  . GLN A 1 196 ? 15.071  -9.610  -0.050  1.00 59.60 ? 335 GLN A CA  1 
ATOM   1339 C C   . GLN A 1 196 ? 15.509  -9.130  -1.426  1.00 70.78 ? 335 GLN A C   1 
ATOM   1340 O O   . GLN A 1 196 ? 15.974  -9.934  -2.244  1.00 82.21 ? 335 GLN A O   1 
ATOM   1341 C CB  . GLN A 1 196 ? 13.645  -10.158 -0.109  1.00 64.48 ? 335 GLN A CB  1 
ATOM   1342 C CG  . GLN A 1 196 ? 13.381  -11.311 0.847   1.00 52.17 ? 335 GLN A CG  1 
ATOM   1343 N N   . GLU A 1 197 ? 15.372  -7.837  -1.701  1.00 63.36 ? 336 GLU A N   1 
ATOM   1344 C CA  . GLU A 1 197 ? 15.792  -7.274  -2.980  1.00 71.57 ? 336 GLU A CA  1 
ATOM   1345 C C   . GLU A 1 197 ? 17.303  -7.064  -3.010  1.00 69.04 ? 336 GLU A C   1 
ATOM   1346 O O   . GLU A 1 197 ? 17.952  -7.005  -1.965  1.00 61.30 ? 336 GLU A O   1 
ATOM   1347 C CB  . GLU A 1 197 ? 15.070  -5.952  -3.247  1.00 65.16 ? 336 GLU A CB  1 
HETATM 1348 N N   . PWB B 2 .   ? -4.035  7.394   -3.819  0.49 30.41 ? 401 PWB A N   1 
HETATM 1349 C C   . PWB B 2 .   ? -4.145  6.275   -3.135  0.49 30.62 ? 401 PWB A C   1 
HETATM 1350 O O   . PWB B 2 .   ? -10.627 5.632   -8.399  0.49 27.10 ? 401 PWB A O   1 
HETATM 1351 C C1  . PWB B 2 .   ? -5.694  5.363   -4.576  0.49 27.71 ? 401 PWB A C1  1 
HETATM 1352 C C10 . PWB B 2 .   ? -12.061 11.193  -7.618  0.49 30.48 ? 401 PWB A C10 1 
HETATM 1353 C C11 . PWB B 2 .   ? -12.192 9.598   -5.961  0.49 30.07 ? 401 PWB A C11 1 
HETATM 1354 C C12 . PWB B 2 .   ? -11.064 10.191  -5.311  0.49 26.49 ? 401 PWB A C12 1 
HETATM 1355 C C13 . PWB B 2 .   ? -10.477 11.364  -5.959  0.49 30.88 ? 401 PWB A C13 1 
HETATM 1356 C C14 . PWB B 2 .   ? -11.743 8.514   -4.198  0.49 28.67 ? 401 PWB A C14 1 
HETATM 1357 C C15 . PWB B 2 .   ? -12.463 5.798   -6.081  0.49 28.49 ? 401 PWB A C15 1 
HETATM 1358 C C16 . PWB B 2 .   ? -13.153 6.959   -6.717  0.49 29.14 ? 401 PWB A C16 1 
HETATM 1359 C C17 . PWB B 2 .   ? -13.659 7.710   -5.531  0.49 29.05 ? 401 PWB A C17 1 
HETATM 1360 C C18 . PWB B 2 .   ? -13.378 5.512   -4.931  0.49 28.68 ? 401 PWB A C18 1 
HETATM 1361 C C19 . PWB B 2 .   ? -12.745 4.736   -3.816  0.49 27.27 ? 401 PWB A C19 1 
HETATM 1362 C C2  . PWB B 2 .   ? -5.631  6.544   -5.381  0.49 27.60 ? 401 PWB A C2  1 
HETATM 1363 C C3  . PWB B 2 .   ? -4.724  7.599   -4.927  0.49 31.12 ? 401 PWB A C3  1 
HETATM 1364 C C4  . PWB B 2 .   ? -7.003  5.163   -6.229  0.49 28.84 ? 401 PWB A C4  1 
HETATM 1365 C C5  . PWB B 2 .   ? -9.090  3.706   -3.963  0.49 28.78 ? 401 PWB A C5  1 
HETATM 1366 C C6  . PWB B 2 .   ? -7.698  3.584   -3.431  0.49 28.25 ? 401 PWB A C6  1 
HETATM 1367 C C7  . PWB B 2 .   ? -6.908  3.259   -4.656  0.49 29.21 ? 401 PWB A C7  1 
HETATM 1368 C C8  . PWB B 2 .   ? -9.088  2.627   -5.002  0.49 28.68 ? 401 PWB A C8  1 
HETATM 1369 C C9  . PWB B 2 .   ? -10.125 2.794   -6.070  0.49 27.31 ? 401 PWB A C9  1 
HETATM 1370 F F1  . PWB B 2 .   ? -14.184 6.549   -7.443  0.49 26.55 ? 401 PWB A F1  1 
HETATM 1371 F F2  . PWB B 2 .   ? -7.612  2.566   -2.587  0.49 26.54 ? 401 PWB A F2  1 
HETATM 1372 N N1  . PWB B 2 .   ? -4.941  5.287   -3.485  0.49 32.39 ? 401 PWB A N1  1 
HETATM 1373 N N10 . PWB B 2 .   ? -9.316  12.058  -5.391  0.49 31.32 ? 401 PWB A N10 1 
HETATM 1374 N N2  . PWB B 2 .   ? -6.531  4.568   -5.156  0.49 29.28 ? 401 PWB A N2  1 
HETATM 1375 N N3  . PWB B 2 .   ? -6.459  6.354   -6.380  0.49 25.87 ? 401 PWB A N3  1 
HETATM 1376 N N4  . PWB B 2 .   ? -11.017 11.791  -7.084  0.49 30.35 ? 401 PWB A N4  1 
HETATM 1377 N N5  . PWB B 2 .   ? -12.639 10.134  -7.093  0.49 32.44 ? 401 PWB A N5  1 
HETATM 1378 N N6  . PWB B 2 .   ? -12.557 8.602   -5.224  0.49 29.26 ? 401 PWB A N6  1 
HETATM 1379 N N7  . PWB B 2 .   ? -10.840 9.477   -4.234  0.49 26.13 ? 401 PWB A N7  1 
HETATM 1380 O O1  . PWB B 2 .   ? -7.797  2.669   -5.571  0.49 30.54 ? 401 PWB A O1  1 
HETATM 1381 O O10 . PWB B 2 .   ? -10.035 3.515   -2.947  0.49 30.71 ? 401 PWB A O10 1 
HETATM 1382 O O2  . PWB B 2 .   ? -10.025 4.048   -6.685  0.49 30.14 ? 401 PWB A O2  1 
HETATM 1383 O O22 . PWB B 2 .   ? -9.740  5.619   -1.819  0.49 27.07 ? 401 PWB A O22 1 
HETATM 1384 O O4  . PWB B 2 .   ? -11.536 4.209   -1.120  0.49 25.74 ? 401 PWB A O4  1 
HETATM 1385 O O5  . PWB B 2 .   ? -13.790 6.783   -4.480  0.49 30.59 ? 401 PWB A O5  1 
HETATM 1386 O O7  . PWB B 2 .   ? -12.344 4.735   -6.978  0.49 29.69 ? 401 PWB A O7  1 
HETATM 1387 O O8  . PWB B 2 .   ? -11.576 5.352   -3.350  0.49 30.11 ? 401 PWB A O8  1 
HETATM 1388 P P   . PWB B 2 .   ? -11.046 4.473   -7.767  0.49 29.03 ? 401 PWB A P   1 
HETATM 1389 P P1  . PWB B 2 .   ? -10.728 4.695   -2.233  0.49 28.23 ? 401 PWB A P1  1 
HETATM 1390 S S1  . PWB B 2 .   ? -11.395 3.018   -9.099  0.49 25.29 ? 401 PWB A S1  1 
HETATM 1391 N N11 . PWB B 2 .   ? -4.571  8.856   -5.666  0.49 32.68 ? 401 PWB A N11 1 
HETATM 1392 O O   . HOH C 3 .   ? 13.581  -2.776  -3.369  1.00 56.88 ? 501 HOH A O   1 
HETATM 1393 O O   . HOH C 3 .   ? 19.118  15.269  -6.343  1.00 63.31 ? 502 HOH A O   1 
HETATM 1394 O O   . HOH C 3 .   ? -22.407 -3.221  8.895   1.00 32.66 ? 503 HOH A O   1 
HETATM 1395 O O   . HOH C 3 .   ? 16.563  2.424   -5.999  1.00 63.63 ? 504 HOH A O   1 
HETATM 1396 O O   . HOH C 3 .   ? 10.237  2.085   -2.706  1.00 43.94 ? 505 HOH A O   1 
HETATM 1397 O O   . HOH C 3 .   ? 0.631   -10.985 0.891   1.00 52.72 ? 506 HOH A O   1 
HETATM 1398 O O   . HOH C 3 .   ? -4.369  3.341   -1.803  1.00 23.79 ? 507 HOH A O   1 
HETATM 1399 O O   . HOH C 3 .   ? -2.203  1.963   -1.168  1.00 25.77 ? 508 HOH A O   1 
HETATM 1400 O O   . HOH C 3 .   ? 3.489   6.330   -10.373 1.00 32.92 ? 509 HOH A O   1 
HETATM 1401 O O   . HOH C 3 .   ? 6.055   -6.789  -9.258  1.00 48.96 ? 510 HOH A O   1 
HETATM 1402 O O   . HOH C 3 .   ? 3.957   11.940  -5.154  1.00 32.25 ? 511 HOH A O   1 
HETATM 1403 O O   . HOH C 3 .   ? -8.184  6.206   -10.203 1.00 34.33 ? 512 HOH A O   1 
HETATM 1404 O O   . HOH C 3 .   ? -13.829 1.524   -8.357  1.00 37.09 ? 513 HOH A O   1 
HETATM 1405 O O   . HOH C 3 .   ? -11.649 9.978   -11.385 1.00 37.80 ? 514 HOH A O   1 
HETATM 1406 O O   . HOH C 3 .   ? -13.470 -12.848 9.738   1.00 28.56 ? 515 HOH A O   1 
HETATM 1407 O O   . HOH C 3 .   ? -8.472  -14.661 -6.885  1.00 53.72 ? 516 HOH A O   1 
HETATM 1408 O O   . HOH C 3 .   ? -11.060 3.963   -13.549 1.00 34.55 ? 517 HOH A O   1 
HETATM 1409 O O   . HOH C 3 .   ? -5.162  18.930  -10.131 1.00 42.58 ? 518 HOH A O   1 
HETATM 1410 O O   . HOH C 3 .   ? 13.302  -1.577  13.059  1.00 51.86 ? 519 HOH A O   1 
HETATM 1411 O O   . HOH C 3 .   ? 2.254   11.692  -0.606  1.00 31.66 ? 520 HOH A O   1 
HETATM 1412 O O   . HOH C 3 .   ? -10.528 -5.849  12.778  1.00 42.78 ? 521 HOH A O   1 
HETATM 1413 O O   . HOH C 3 .   ? -3.373  12.133  -4.387  1.00 26.52 ? 522 HOH A O   1 
HETATM 1414 O O   . HOH C 3 .   ? -9.183  1.080   9.354   1.00 43.69 ? 523 HOH A O   1 
HETATM 1415 O O   . HOH C 3 .   ? 3.042   6.377   -0.314  1.00 41.32 ? 524 HOH A O   1 
HETATM 1416 O O   . HOH C 3 .   ? -9.579  14.061  -7.566  1.00 28.72 ? 525 HOH A O   1 
HETATM 1417 O O   . HOH C 3 .   ? -2.898  -7.024  11.147  1.00 45.90 ? 526 HOH A O   1 
HETATM 1418 O O   . HOH C 3 .   ? -6.784  10.747  -6.778  1.00 36.25 ? 527 HOH A O   1 
HETATM 1419 O O   . HOH C 3 .   ? 4.812   11.779  -12.702 1.00 47.57 ? 528 HOH A O   1 
HETATM 1420 O O   . HOH C 3 .   ? -26.702 -1.024  1.356   1.00 43.62 ? 529 HOH A O   1 
HETATM 1421 O O   . HOH C 3 .   ? 0.425   10.252  6.445   1.00 42.02 ? 530 HOH A O   1 
HETATM 1422 O O   . HOH C 3 .   ? 4.035   -9.230  -3.295  1.00 45.80 ? 531 HOH A O   1 
HETATM 1423 O O   . HOH C 3 .   ? -13.031 1.373   -4.740  0.50 35.66 ? 532 HOH A O   1 
HETATM 1424 O O   . HOH C 3 .   ? 2.577   10.305  7.376   1.00 50.12 ? 533 HOH A O   1 
HETATM 1425 O O   . HOH C 3 .   ? -6.056  10.093  -19.087 1.00 33.48 ? 534 HOH A O   1 
HETATM 1426 O O   . HOH C 3 .   ? 2.731   -11.018 1.940   1.00 51.03 ? 535 HOH A O   1 
HETATM 1427 O O   . HOH C 3 .   ? 16.472  14.478  -3.377  1.00 42.81 ? 536 HOH A O   1 
# 
